data_4B2D
#
_entry.id   4B2D
#
_cell.length_a   80.611
_cell.length_b   151.098
_cell.length_c   91.791
_cell.angle_alpha   90.00
_cell.angle_beta   102.01
_cell.angle_gamma   90.00
#
_symmetry.space_group_name_H-M   'P 1 21 1'
#
loop_
_entity.id
_entity.type
_entity.pdbx_description
1 polymer 'PYRUVATE KINASE ISOZYMES M1/M2'
2 polymer 'PYRUVATE KINASE ISOZYMES M1/M2'
3 non-polymer SERINE
4 non-polymer 1,6-di-O-phosphono-beta-D-fructofuranose
5 non-polymer 'MAGNESIUM ION'
6 water water
#
loop_
_entity_poly.entity_id
_entity_poly.type
_entity_poly.pdbx_seq_one_letter_code
_entity_poly.pdbx_strand_id
1 'polypeptide(L)'
;MGSSHHHHHHSSGLVPRGSKPHSEAGTAFIQTQQLHAAMADTFLEHMCRLDIDSPPITARNTGIICTIGPASRSVETLKE
MIKSGMNVARLNFSHGTHEYHAETIKNVRTATESFASDPILYRPVAVALDTKGPEIRTGLIKGSGTAEVELKKGATLKIT
LDNAYMEKCDENILWLDYKNICKVVEVGSKIYVDDGLISLQVKQKGADFLVTEVENGGSLGSKKGVNLPGAAVDLPAVSE
KDIQDLKFGVEQDVDMVFASFIRKASDVHEVRKVLGEKGKNIKIISKIENHEGVRRFDEILEASDGIMVARGDLGIEIPA
EKVFLAQKMMIGRCNRAGKPVICATQMLESMIKKPRPTRAEGSDVANAVLDGADCIMLSGETAKGDYPLEAVRMQHLIAR
EAEAAIYHLQLFEELRRLAPITSDPTEATAVGAVEASFKCCSGAIIVLTKSGRSAHQVARYRPRAPIIAVTRNPQTARQA
HLYRGIFPVLCKDPVQEAWAEDVDLRVNFAMNVGKARGFFKKGDVVIVLTGWRPGSGFTNTMRVVPVP
;
A,B,C
2 'polypeptide(L)'
;MGSSHHHHHHSSGLVPRGSKPHSEAGTAFIQTQQLHAAMADTFLEHMCRLDIDSPPITARNTGIICTIGPASRSVETLKE
MIKSGMNVARLNFSHGTHEYHAETIKNVRTATESFASDPILYRPVAVALDTKGPEIRTGLIKGSGTAEVELKKGATLKLT
LDNAYMEKCDENILWLDYKNICKVVEVGSKIYVDDGLISLQVKQKGADFLVTEVENGGSLGSKKGVNLPGAAVDLPAVSE
KDIQDLKFGVEQDVDMVFASFIRKASDVHEVRKVLGEKGKNIKIISKIENHEGVRRFDEILEASDGIMVARGDLGIEIPA
EKVFLAQKMMIGRCNRAGKPVICATQMLESMIKKPRPTRAEGSDVANAVLDGADCIMLSGETAKGDYPLEAVRMQHLIAR
EAEAAIYHLQLFEELRRLAPITSDPTEATAVGAVEASFKCCSGAIIVLTKSGRSAHQVARYRPRAPIIAVTRNPQTARQA
HLYRGIFPVLCKDPVQEAWAEDVDLRVNFAMNVGKARGFFKKGDVVIVLTGWRPGSGFTNTMRVVPVP
;
D
#
loop_
_chem_comp.id
_chem_comp.type
_chem_comp.name
_chem_comp.formula
FBP D-saccharide, beta linking 1,6-di-O-phosphono-beta-D-fructofuranose 'C6 H14 O12 P2'
MG non-polymer 'MAGNESIUM ION' 'Mg 2'
#
# COMPACT_ATOMS: atom_id res chain seq x y z
N GLN A 31 -9.15 -17.38 16.87
CA GLN A 31 -7.95 -17.18 17.69
C GLN A 31 -6.92 -18.30 17.48
N THR A 32 -6.59 -18.61 16.20
CA THR A 32 -5.62 -19.62 15.75
C THR A 32 -4.84 -19.13 14.51
N GLN A 33 -3.61 -19.66 14.31
CA GLN A 33 -2.72 -19.45 13.14
C GLN A 33 -2.40 -17.97 12.88
N GLN A 34 -2.48 -17.11 13.96
CA GLN A 34 -2.33 -15.65 13.86
C GLN A 34 -3.28 -15.02 12.80
N LEU A 35 -4.52 -15.54 12.68
CA LEU A 35 -5.47 -15.02 11.71
C LEU A 35 -5.90 -13.57 11.97
N HIS A 36 -5.91 -13.13 13.26
CA HIS A 36 -6.11 -11.72 13.60
C HIS A 36 -4.98 -10.83 13.05
N ALA A 37 -3.72 -11.23 13.30
CA ALA A 37 -2.52 -10.58 12.75
C ALA A 37 -2.51 -10.59 11.20
N ALA A 38 -2.97 -11.73 10.60
CA ALA A 38 -3.12 -11.93 9.14
C ALA A 38 -3.96 -10.82 8.48
N MET A 39 -5.01 -10.34 9.17
CA MET A 39 -5.95 -9.38 8.64
C MET A 39 -5.55 -7.90 8.79
N ALA A 40 -4.39 -7.63 9.40
CA ALA A 40 -3.95 -6.24 9.66
C ALA A 40 -3.61 -5.47 8.37
N ASP A 41 -3.89 -4.17 8.36
CA ASP A 41 -3.69 -3.32 7.18
C ASP A 41 -2.26 -2.84 7.04
N THR A 42 -1.50 -2.89 8.15
CA THR A 42 -0.09 -2.50 8.18
C THR A 42 0.77 -3.58 8.78
N PHE A 43 2.07 -3.58 8.43
CA PHE A 43 3.01 -4.51 9.02
C PHE A 43 3.14 -4.22 10.53
N LEU A 44 3.11 -2.94 10.93
CA LEU A 44 3.21 -2.55 12.33
C LEU A 44 2.02 -3.11 13.13
N GLU A 45 0.81 -2.93 12.63
CA GLU A 45 -0.38 -3.52 13.29
C GLU A 45 -0.33 -5.01 13.32
N HIS A 46 0.18 -5.64 12.22
CA HIS A 46 0.40 -7.06 12.16
C HIS A 46 1.27 -7.53 13.34
N MET A 47 2.43 -6.85 13.57
CA MET A 47 3.29 -7.11 14.73
C MET A 47 2.50 -6.95 16.05
N CYS A 48 1.68 -5.86 16.19
CA CYS A 48 0.88 -5.58 17.39
C CYS A 48 -0.11 -6.68 17.73
N ARG A 49 -0.54 -7.42 16.70
CA ARG A 49 -1.56 -8.46 16.83
C ARG A 49 -0.99 -9.86 17.04
N LEU A 50 0.38 -10.01 16.96
CA LEU A 50 0.96 -11.33 17.18
C LEU A 50 0.63 -11.82 18.57
N ASP A 51 0.17 -13.04 18.66
CA ASP A 51 -0.52 -13.51 19.86
C ASP A 51 -0.02 -14.88 20.28
N ILE A 52 0.65 -14.94 21.45
CA ILE A 52 1.14 -16.18 22.08
C ILE A 52 -0.01 -17.16 22.42
N ASP A 53 -1.26 -16.69 22.44
CA ASP A 53 -2.43 -17.50 22.77
C ASP A 53 -3.16 -17.98 21.50
N SER A 54 -2.55 -17.73 20.33
CA SER A 54 -3.10 -18.12 19.04
C SER A 54 -2.26 -19.35 18.60
N PRO A 55 -2.80 -20.56 18.73
CA PRO A 55 -1.99 -21.74 18.40
C PRO A 55 -1.80 -21.97 16.89
N PRO A 56 -0.61 -22.46 16.46
CA PRO A 56 -0.45 -22.84 15.05
C PRO A 56 -1.32 -24.06 14.64
N ILE A 57 -1.48 -24.27 13.31
CA ILE A 57 -2.19 -25.41 12.68
C ILE A 57 -1.67 -26.81 13.11
N THR A 58 -1.12 -27.59 12.17
CA THR A 58 -0.49 -28.89 12.48
C THR A 58 0.71 -28.88 11.57
N ALA A 59 0.44 -28.53 10.28
CA ALA A 59 1.40 -28.53 9.20
C ALA A 59 2.55 -27.57 9.51
N ARG A 60 3.77 -28.05 9.25
CA ARG A 60 5.01 -27.29 9.38
C ARG A 60 5.59 -27.26 7.96
N ASN A 61 5.93 -26.06 7.46
CA ASN A 61 6.31 -25.89 6.05
C ASN A 61 7.80 -25.85 5.81
N THR A 62 8.55 -25.33 6.80
CA THR A 62 9.99 -25.14 6.64
C THR A 62 10.70 -26.47 6.71
N GLY A 63 11.48 -26.76 5.68
CA GLY A 63 12.31 -27.97 5.64
C GLY A 63 13.36 -27.99 6.75
N ILE A 64 13.55 -29.15 7.41
CA ILE A 64 14.56 -29.33 8.46
C ILE A 64 15.71 -30.22 7.97
N ILE A 65 16.91 -29.63 7.90
CA ILE A 65 18.11 -30.36 7.48
C ILE A 65 18.95 -30.66 8.71
N CYS A 66 19.26 -31.95 8.96
CA CYS A 66 20.07 -32.35 10.10
C CYS A 66 21.38 -32.96 9.66
N THR A 67 22.46 -32.47 10.20
CA THR A 67 23.78 -33.08 10.04
C THR A 67 23.85 -34.36 10.89
N ILE A 68 24.17 -35.47 10.23
CA ILE A 68 24.29 -36.75 10.91
C ILE A 68 25.77 -36.98 11.31
N GLY A 69 25.97 -37.49 12.51
CA GLY A 69 27.26 -37.78 13.06
C GLY A 69 27.10 -38.73 14.23
N PRO A 70 28.13 -38.83 15.11
CA PRO A 70 28.07 -39.84 16.19
C PRO A 70 26.87 -39.78 17.12
N ALA A 71 26.32 -38.60 17.38
CA ALA A 71 25.14 -38.42 18.25
C ALA A 71 23.87 -38.93 17.62
N SER A 72 23.84 -39.02 16.29
CA SER A 72 22.60 -39.16 15.52
C SER A 72 22.62 -40.27 14.48
N ARG A 73 23.69 -41.04 14.34
CA ARG A 73 23.77 -41.96 13.20
C ARG A 73 23.21 -43.37 13.41
N SER A 74 22.90 -43.77 14.68
CA SER A 74 22.24 -45.05 14.93
C SER A 74 20.86 -45.06 14.29
N VAL A 75 20.49 -46.20 13.72
CA VAL A 75 19.17 -46.45 13.11
C VAL A 75 18.06 -45.97 14.07
N GLU A 76 18.19 -46.31 15.35
CA GLU A 76 17.20 -46.00 16.40
C GLU A 76 17.05 -44.51 16.61
N THR A 77 18.18 -43.76 16.71
CA THR A 77 18.12 -42.31 16.82
C THR A 77 17.56 -41.69 15.54
N LEU A 78 17.98 -42.20 14.35
CA LEU A 78 17.48 -41.71 13.06
C LEU A 78 15.99 -41.91 12.90
N LYS A 79 15.42 -42.99 13.43
CA LYS A 79 13.97 -43.21 13.45
C LYS A 79 13.26 -42.07 14.21
N GLU A 80 13.80 -41.72 15.37
CA GLU A 80 13.27 -40.61 16.15
C GLU A 80 13.49 -39.24 15.50
N MET A 81 14.63 -39.00 14.81
CA MET A 81 14.87 -37.75 14.05
C MET A 81 13.77 -37.55 12.98
N ILE A 82 13.41 -38.62 12.26
CA ILE A 82 12.39 -38.58 11.24
C ILE A 82 11.05 -38.23 11.88
N LYS A 83 10.70 -38.93 12.96
CA LYS A 83 9.46 -38.68 13.71
C LYS A 83 9.41 -37.26 14.24
N SER A 84 10.56 -36.71 14.65
CA SER A 84 10.70 -35.37 15.21
C SER A 84 10.68 -34.25 14.14
N GLY A 85 10.86 -34.64 12.89
CA GLY A 85 10.66 -33.75 11.76
C GLY A 85 11.82 -33.62 10.80
N MET A 86 12.91 -34.36 11.00
CA MET A 86 13.99 -34.34 10.04
C MET A 86 13.53 -34.71 8.64
N ASN A 87 13.88 -33.83 7.66
CA ASN A 87 13.56 -34.06 6.25
C ASN A 87 14.79 -34.41 5.41
N VAL A 88 15.93 -33.82 5.73
CA VAL A 88 17.15 -33.96 4.95
C VAL A 88 18.26 -34.37 5.90
N ALA A 89 19.07 -35.40 5.50
CA ALA A 89 20.25 -35.89 6.24
C ALA A 89 21.48 -35.35 5.58
N ARG A 90 22.16 -34.43 6.27
CA ARG A 90 23.37 -33.82 5.75
C ARG A 90 24.58 -34.60 6.23
N LEU A 91 25.47 -34.92 5.27
CA LEU A 91 26.73 -35.60 5.51
C LEU A 91 27.83 -34.61 5.26
N ASN A 92 28.61 -34.29 6.27
CA ASN A 92 29.65 -33.26 6.14
C ASN A 92 30.94 -33.94 5.82
N PHE A 93 31.45 -33.69 4.61
CA PHE A 93 32.67 -34.35 4.12
C PHE A 93 33.98 -33.67 4.49
N SER A 94 33.95 -32.69 5.43
CA SER A 94 35.15 -32.19 6.10
C SER A 94 35.81 -33.26 6.91
N HIS A 95 35.01 -34.20 7.45
CA HIS A 95 35.48 -35.26 8.33
C HIS A 95 34.95 -36.59 7.87
N GLY A 96 35.65 -37.67 8.25
CA GLY A 96 35.22 -39.07 8.09
C GLY A 96 35.55 -39.71 6.77
N THR A 97 35.60 -41.01 6.75
CA THR A 97 35.97 -41.80 5.57
C THR A 97 34.71 -42.12 4.79
N HIS A 98 34.89 -42.60 3.53
CA HIS A 98 33.82 -43.11 2.70
C HIS A 98 33.08 -44.26 3.35
N GLU A 99 33.81 -45.15 4.00
CA GLU A 99 33.26 -46.29 4.74
C GLU A 99 32.32 -45.83 5.84
N TYR A 100 32.77 -44.82 6.63
CA TYR A 100 32.00 -44.25 7.70
C TYR A 100 30.70 -43.63 7.14
N HIS A 101 30.83 -42.78 6.08
CA HIS A 101 29.72 -42.14 5.41
C HIS A 101 28.77 -43.12 4.75
N ALA A 102 29.30 -44.21 4.12
CA ALA A 102 28.47 -45.26 3.53
C ALA A 102 27.59 -45.92 4.57
N GLU A 103 28.16 -46.17 5.77
CA GLU A 103 27.40 -46.74 6.88
C GLU A 103 26.30 -45.81 7.39
N THR A 104 26.61 -44.52 7.55
CA THR A 104 25.63 -43.50 7.92
C THR A 104 24.45 -43.49 6.94
N ILE A 105 24.77 -43.42 5.64
CA ILE A 105 23.79 -43.40 4.55
C ILE A 105 22.91 -44.67 4.62
N LYS A 106 23.54 -45.83 4.80
CA LYS A 106 22.84 -47.10 5.01
C LYS A 106 21.86 -47.02 6.20
N ASN A 107 22.29 -46.42 7.31
CA ASN A 107 21.47 -46.28 8.52
C ASN A 107 20.33 -45.35 8.31
N VAL A 108 20.55 -44.23 7.59
CA VAL A 108 19.51 -43.27 7.21
C VAL A 108 18.43 -44.02 6.42
N ARG A 109 18.87 -44.81 5.43
CA ARG A 109 17.95 -45.58 4.58
C ARG A 109 17.22 -46.66 5.37
N THR A 110 17.90 -47.31 6.32
CA THR A 110 17.27 -48.33 7.16
C THR A 110 16.14 -47.69 8.00
N ALA A 111 16.41 -46.58 8.68
CA ALA A 111 15.48 -45.82 9.49
C ALA A 111 14.29 -45.33 8.66
N THR A 112 14.56 -44.74 7.47
CA THR A 112 13.54 -44.23 6.56
C THR A 112 12.61 -45.36 6.13
N GLU A 113 13.18 -46.49 5.66
CA GLU A 113 12.41 -47.59 5.09
C GLU A 113 11.64 -48.41 6.12
N SER A 114 11.95 -48.23 7.44
CA SER A 114 11.22 -48.93 8.52
C SER A 114 9.76 -48.44 8.57
N PHE A 115 9.50 -47.27 7.95
CA PHE A 115 8.17 -46.68 7.86
C PHE A 115 7.49 -46.91 6.51
N ALA A 116 8.19 -47.57 5.55
CA ALA A 116 7.66 -47.86 4.21
C ALA A 116 6.43 -48.75 4.21
N SER A 117 6.24 -49.54 5.28
CA SER A 117 5.15 -50.50 5.45
C SER A 117 3.77 -49.83 5.33
N ASP A 118 3.64 -48.57 5.86
CA ASP A 118 2.45 -47.72 5.67
C ASP A 118 2.78 -46.56 4.73
N PRO A 119 2.36 -46.66 3.45
CA PRO A 119 2.65 -45.57 2.50
C PRO A 119 2.00 -44.24 2.87
N ILE A 120 0.87 -44.30 3.60
CA ILE A 120 0.18 -43.09 4.07
C ILE A 120 1.04 -42.31 5.09
N LEU A 121 1.75 -43.01 5.94
CA LEU A 121 2.55 -42.37 6.98
C LEU A 121 4.07 -42.24 6.66
N TYR A 122 4.55 -42.94 5.62
CA TYR A 122 5.95 -42.89 5.20
C TYR A 122 6.38 -41.46 4.90
N ARG A 123 7.54 -41.06 5.44
CA ARG A 123 8.09 -39.73 5.16
C ARG A 123 9.34 -39.90 4.27
N PRO A 124 9.36 -39.40 3.00
CA PRO A 124 10.64 -39.42 2.23
C PRO A 124 11.74 -38.67 3.01
N VAL A 125 13.01 -39.13 2.94
CA VAL A 125 14.12 -38.47 3.66
C VAL A 125 15.25 -38.30 2.65
N ALA A 126 15.68 -37.04 2.40
CA ALA A 126 16.73 -36.81 1.41
C ALA A 126 18.10 -37.03 2.00
N VAL A 127 19.12 -37.34 1.16
CA VAL A 127 20.52 -37.42 1.60
C VAL A 127 21.28 -36.26 0.88
N ALA A 128 21.95 -35.43 1.64
CA ALA A 128 22.76 -34.32 1.12
C ALA A 128 24.24 -34.56 1.41
N LEU A 129 25.08 -34.38 0.41
CA LEU A 129 26.53 -34.44 0.57
C LEU A 129 27.06 -33.03 0.63
N ASP A 130 27.73 -32.67 1.72
CA ASP A 130 28.27 -31.33 1.89
C ASP A 130 29.77 -31.44 1.70
N THR A 131 30.31 -30.79 0.63
CA THR A 131 31.73 -31.01 0.30
C THR A 131 32.64 -30.28 1.30
N LYS A 132 33.89 -30.75 1.43
CA LYS A 132 34.93 -30.11 2.20
C LYS A 132 35.24 -28.77 1.55
N GLY A 133 35.48 -28.79 0.24
CA GLY A 133 35.79 -27.58 -0.50
C GLY A 133 37.18 -27.06 -0.19
N PRO A 134 37.50 -25.86 -0.68
CA PRO A 134 38.84 -25.29 -0.38
C PRO A 134 39.00 -24.84 1.06
N GLU A 135 38.89 -25.75 2.03
CA GLU A 135 39.17 -25.44 3.43
C GLU A 135 40.67 -25.38 3.71
N ILE A 136 41.03 -24.63 4.76
CA ILE A 136 42.33 -24.65 5.36
C ILE A 136 42.06 -25.21 6.78
N ARG A 137 42.77 -26.28 7.16
CA ARG A 137 42.72 -26.92 8.48
C ARG A 137 44.13 -26.95 9.09
N THR A 138 44.18 -26.90 10.42
CA THR A 138 45.41 -27.10 11.20
C THR A 138 45.78 -28.59 11.28
N GLY A 139 46.98 -28.89 11.81
CA GLY A 139 47.40 -30.25 12.11
C GLY A 139 46.84 -30.83 13.40
N LEU A 140 47.39 -31.99 13.83
CA LEU A 140 47.02 -32.64 15.09
C LEU A 140 47.79 -32.08 16.25
N ILE A 141 47.11 -31.75 17.37
CA ILE A 141 47.79 -31.39 18.61
C ILE A 141 48.53 -32.59 19.22
N LYS A 142 49.87 -32.54 19.15
CA LYS A 142 50.76 -33.45 19.85
C LYS A 142 50.44 -34.93 19.53
N GLY A 143 50.17 -35.21 18.25
CA GLY A 143 49.83 -36.53 17.75
C GLY A 143 48.37 -36.96 17.78
N SER A 144 47.53 -36.29 18.61
CA SER A 144 46.13 -36.68 18.82
C SER A 144 45.13 -35.67 18.22
N GLY A 145 44.00 -36.22 17.78
CA GLY A 145 42.87 -35.51 17.18
C GLY A 145 41.88 -34.90 18.16
N THR A 146 42.04 -35.23 19.47
CA THR A 146 41.21 -34.71 20.56
C THR A 146 42.06 -33.92 21.60
N ALA A 147 43.41 -33.95 21.44
CA ALA A 147 44.34 -33.25 22.32
C ALA A 147 44.23 -31.72 22.16
N GLU A 148 44.19 -30.97 23.29
CA GLU A 148 43.92 -29.52 23.32
C GLU A 148 44.93 -28.75 24.12
N VAL A 149 45.62 -27.82 23.46
CA VAL A 149 46.41 -26.78 24.14
C VAL A 149 45.47 -25.60 24.49
N GLU A 150 45.65 -24.98 25.69
CA GLU A 150 45.11 -23.65 25.97
C GLU A 150 46.15 -22.61 25.52
N LEU A 151 45.77 -21.75 24.55
CA LEU A 151 46.59 -20.66 24.03
C LEU A 151 46.46 -19.41 24.91
N LYS A 152 47.61 -18.71 25.11
CA LYS A 152 47.70 -17.49 25.92
C LYS A 152 47.49 -16.24 25.04
N LYS A 153 46.75 -15.24 25.55
CA LYS A 153 46.54 -13.93 24.95
C LYS A 153 47.86 -13.15 24.99
N GLY A 154 48.28 -12.59 23.85
CA GLY A 154 49.52 -11.84 23.72
C GLY A 154 50.73 -12.66 23.34
N ALA A 155 50.68 -14.00 23.60
CA ALA A 155 51.75 -14.98 23.35
C ALA A 155 52.12 -15.10 21.87
N THR A 156 53.30 -15.68 21.58
CA THR A 156 53.79 -15.89 20.22
C THR A 156 53.41 -17.30 19.73
N LEU A 157 52.99 -17.41 18.45
CA LEU A 157 52.71 -18.69 17.77
C LEU A 157 53.29 -18.67 16.36
N LYS A 158 54.07 -19.72 16.03
CA LYS A 158 54.67 -19.92 14.72
C LYS A 158 53.81 -20.85 13.88
N ILE A 159 53.45 -20.38 12.69
CA ILE A 159 52.73 -21.18 11.69
C ILE A 159 53.76 -21.75 10.70
N THR A 160 53.75 -23.08 10.45
CA THR A 160 54.64 -23.71 9.46
C THR A 160 53.86 -24.54 8.41
N LEU A 161 54.48 -24.77 7.23
CA LEU A 161 53.93 -25.62 6.16
C LEU A 161 54.81 -26.86 6.00
N ASP A 162 55.92 -26.85 6.74
CA ASP A 162 56.82 -27.96 6.98
C ASP A 162 56.05 -29.10 7.67
N ASN A 163 55.70 -30.12 6.86
CA ASN A 163 54.97 -31.33 7.23
C ASN A 163 55.63 -32.13 8.36
N ALA A 164 56.91 -31.83 8.72
CA ALA A 164 57.55 -32.39 9.91
C ALA A 164 56.69 -32.14 11.14
N TYR A 165 55.99 -30.98 11.16
CA TYR A 165 55.22 -30.58 12.31
C TYR A 165 53.74 -30.84 12.18
N MET A 166 53.32 -31.52 11.10
CA MET A 166 51.91 -31.69 10.76
C MET A 166 51.07 -32.46 11.77
N GLU A 167 51.75 -33.24 12.62
CA GLU A 167 51.28 -34.15 13.65
C GLU A 167 51.72 -33.61 15.03
N LYS A 168 52.69 -32.69 15.03
CA LYS A 168 53.37 -32.23 16.24
C LYS A 168 52.95 -30.81 16.64
N CYS A 169 51.63 -30.47 16.43
CA CYS A 169 51.10 -29.11 16.68
C CYS A 169 51.00 -28.80 18.18
N ASP A 170 51.61 -27.69 18.62
CA ASP A 170 51.57 -27.32 20.03
C ASP A 170 51.46 -25.81 20.27
N GLU A 171 51.53 -25.39 21.55
CA GLU A 171 51.39 -24.01 22.02
C GLU A 171 52.25 -22.92 21.29
N ASN A 172 53.36 -23.32 20.63
CA ASN A 172 54.27 -22.37 19.99
C ASN A 172 54.56 -22.72 18.53
N ILE A 173 53.99 -23.84 18.07
CA ILE A 173 54.14 -24.33 16.70
C ILE A 173 52.79 -24.84 16.19
N LEU A 174 52.27 -24.17 15.14
CA LEU A 174 51.04 -24.61 14.48
C LEU A 174 51.24 -24.81 12.99
N TRP A 175 51.00 -26.05 12.53
CA TRP A 175 51.04 -26.41 11.09
C TRP A 175 49.65 -26.29 10.39
N LEU A 176 49.61 -25.60 9.22
CA LEU A 176 48.45 -25.47 8.32
C LEU A 176 48.68 -26.30 7.03
N ASP A 177 47.60 -26.74 6.39
CA ASP A 177 47.66 -27.53 5.16
C ASP A 177 47.64 -26.69 3.86
N TYR A 178 47.66 -25.33 3.97
CA TYR A 178 47.62 -24.46 2.77
C TYR A 178 48.99 -24.05 2.28
N LYS A 179 49.49 -24.73 1.24
CA LYS A 179 50.86 -24.55 0.71
C LYS A 179 51.12 -23.10 0.38
N ASN A 180 50.18 -22.45 -0.34
CA ASN A 180 50.34 -21.07 -0.79
C ASN A 180 50.08 -19.97 0.26
N ILE A 181 49.97 -20.32 1.56
CA ILE A 181 49.72 -19.40 2.68
C ILE A 181 50.53 -18.09 2.52
N CYS A 182 51.87 -18.20 2.50
CA CYS A 182 52.83 -17.09 2.53
C CYS A 182 52.74 -16.08 1.37
N LYS A 183 52.43 -16.56 0.17
CA LYS A 183 52.27 -15.76 -1.04
C LYS A 183 50.99 -14.89 -1.04
N VAL A 184 49.97 -15.22 -0.20
CA VAL A 184 48.66 -14.54 -0.21
C VAL A 184 48.43 -13.69 1.06
N VAL A 185 49.13 -14.03 2.17
CA VAL A 185 49.03 -13.33 3.44
C VAL A 185 50.24 -12.39 3.62
N GLU A 186 49.99 -11.07 3.64
CA GLU A 186 51.00 -10.04 3.86
C GLU A 186 51.30 -9.86 5.36
N VAL A 187 52.27 -9.00 5.69
CA VAL A 187 52.55 -8.62 7.08
C VAL A 187 51.36 -7.78 7.60
N GLY A 188 50.95 -8.06 8.85
CA GLY A 188 49.82 -7.41 9.51
C GLY A 188 48.48 -8.11 9.32
N SER A 189 48.43 -9.08 8.37
CA SER A 189 47.23 -9.85 8.06
C SER A 189 46.65 -10.57 9.29
N LYS A 190 45.32 -10.66 9.32
CA LYS A 190 44.64 -11.43 10.37
C LYS A 190 44.45 -12.89 9.90
N ILE A 191 44.93 -13.86 10.72
CA ILE A 191 44.69 -15.31 10.63
C ILE A 191 43.68 -15.75 11.75
N TYR A 192 42.58 -16.44 11.38
CA TYR A 192 41.59 -16.93 12.31
C TYR A 192 41.59 -18.42 12.37
N VAL A 193 41.55 -18.95 13.59
CA VAL A 193 41.55 -20.38 13.84
C VAL A 193 40.35 -20.76 14.67
N ASP A 194 39.69 -21.85 14.28
CA ASP A 194 38.60 -22.54 14.98
C ASP A 194 37.33 -21.72 14.99
N ASP A 195 36.66 -21.68 13.83
CA ASP A 195 35.46 -20.86 13.67
C ASP A 195 35.69 -19.40 14.16
N GLY A 196 36.88 -18.86 13.84
CA GLY A 196 37.27 -17.49 14.10
C GLY A 196 37.53 -17.11 15.55
N LEU A 197 37.43 -18.09 16.48
CA LEU A 197 37.53 -17.84 17.94
C LEU A 197 38.93 -17.44 18.39
N ILE A 198 39.94 -18.02 17.73
CA ILE A 198 41.33 -17.63 17.91
C ILE A 198 41.79 -16.74 16.75
N SER A 199 42.38 -15.59 17.06
CA SER A 199 42.90 -14.69 16.06
C SER A 199 44.38 -14.49 16.29
N LEU A 200 45.12 -14.37 15.19
CA LEU A 200 46.56 -14.22 15.16
C LEU A 200 46.88 -13.09 14.17
N GLN A 201 47.90 -12.24 14.49
CA GLN A 201 48.32 -11.22 13.54
C GLN A 201 49.66 -11.58 12.89
N VAL A 202 49.71 -11.56 11.53
CA VAL A 202 50.96 -11.73 10.79
C VAL A 202 51.97 -10.65 11.23
N LYS A 203 52.86 -11.04 12.13
CA LYS A 203 53.93 -10.18 12.62
C LYS A 203 55.17 -10.39 11.77
N GLN A 204 55.56 -11.66 11.53
CA GLN A 204 56.76 -12.00 10.77
C GLN A 204 56.47 -12.90 9.57
N LYS A 205 56.56 -12.32 8.34
CA LYS A 205 56.25 -12.99 7.07
C LYS A 205 57.51 -13.57 6.40
N GLY A 206 57.53 -14.89 6.26
CA GLY A 206 58.63 -15.61 5.63
C GLY A 206 58.21 -16.48 4.47
N ALA A 207 59.07 -17.42 4.08
CA ALA A 207 58.76 -18.45 3.09
C ALA A 207 58.61 -19.78 3.84
N ASP A 208 57.64 -20.64 3.41
CA ASP A 208 57.29 -21.90 4.12
C ASP A 208 56.71 -21.72 5.56
N PHE A 209 56.88 -20.54 6.19
CA PHE A 209 56.36 -20.25 7.54
C PHE A 209 55.91 -18.80 7.81
N LEU A 210 55.24 -18.58 8.96
CA LEU A 210 54.85 -17.28 9.52
C LEU A 210 55.01 -17.29 11.06
N VAL A 211 55.27 -16.10 11.65
CA VAL A 211 55.32 -15.85 13.11
C VAL A 211 54.18 -14.88 13.43
N THR A 212 53.35 -15.23 14.42
CA THR A 212 52.19 -14.44 14.81
C THR A 212 52.13 -14.25 16.32
N GLU A 213 51.37 -13.26 16.79
CA GLU A 213 50.96 -13.18 18.19
C GLU A 213 49.49 -13.54 18.26
N VAL A 214 49.15 -14.35 19.28
CA VAL A 214 47.78 -14.67 19.67
C VAL A 214 47.10 -13.41 20.22
N GLU A 215 46.08 -12.88 19.50
CA GLU A 215 45.32 -11.70 19.97
C GLU A 215 44.23 -12.24 20.85
N ASN A 216 43.37 -13.07 20.23
CA ASN A 216 42.37 -13.86 20.93
C ASN A 216 43.01 -15.22 21.15
N GLY A 217 43.45 -15.43 22.38
CA GLY A 217 43.83 -16.75 22.88
C GLY A 217 42.61 -17.57 23.22
N GLY A 218 42.85 -18.86 23.43
CA GLY A 218 41.83 -19.83 23.84
C GLY A 218 42.30 -21.27 23.65
N SER A 219 41.42 -22.24 23.95
CA SER A 219 41.70 -23.67 23.77
C SER A 219 41.78 -24.06 22.29
N LEU A 220 43.02 -24.20 21.79
CA LEU A 220 43.35 -24.68 20.45
C LEU A 220 43.36 -26.21 20.42
N GLY A 221 42.56 -26.75 19.54
CA GLY A 221 42.51 -28.19 19.28
C GLY A 221 43.08 -28.58 17.93
N SER A 222 42.70 -29.77 17.45
CA SER A 222 43.37 -30.38 16.31
C SER A 222 42.49 -30.27 15.14
N LYS A 223 43.11 -29.97 13.96
CA LYS A 223 42.42 -30.01 12.66
C LYS A 223 41.22 -29.01 12.59
N LYS A 224 41.47 -27.77 13.05
CA LYS A 224 40.55 -26.65 13.15
C LYS A 224 40.64 -25.79 11.88
N GLY A 225 39.47 -25.30 11.45
CA GLY A 225 39.32 -24.43 10.28
C GLY A 225 40.09 -23.12 10.40
N VAL A 226 40.77 -22.75 9.31
CA VAL A 226 41.51 -21.49 9.24
C VAL A 226 40.88 -20.58 8.19
N ASN A 227 40.76 -19.27 8.55
CA ASN A 227 40.21 -18.25 7.65
C ASN A 227 41.21 -17.13 7.48
N LEU A 228 41.33 -16.69 6.21
CA LEU A 228 42.22 -15.60 5.81
C LEU A 228 41.36 -14.53 5.17
N PRO A 229 40.56 -13.75 5.99
CA PRO A 229 39.55 -12.84 5.38
C PRO A 229 40.09 -11.78 4.41
N GLY A 230 41.29 -11.27 4.67
CA GLY A 230 41.91 -10.30 3.77
C GLY A 230 42.23 -10.85 2.38
N ALA A 231 42.67 -12.10 2.37
CA ALA A 231 43.42 -12.73 1.31
C ALA A 231 42.58 -13.30 0.16
N ALA A 232 43.13 -13.24 -1.07
CA ALA A 232 42.60 -13.95 -2.24
C ALA A 232 43.22 -15.37 -2.23
N VAL A 233 42.48 -16.32 -1.62
CA VAL A 233 42.86 -17.71 -1.48
C VAL A 233 42.66 -18.42 -2.83
N ASP A 234 43.76 -18.97 -3.36
CA ASP A 234 43.82 -19.48 -4.75
C ASP A 234 43.59 -21.02 -4.89
N LEU A 235 43.06 -21.67 -3.81
CA LEU A 235 42.74 -23.10 -3.77
C LEU A 235 41.69 -23.46 -4.82
N PRO A 236 41.70 -24.69 -5.40
CA PRO A 236 40.69 -25.03 -6.42
C PRO A 236 39.27 -25.08 -5.86
N ALA A 237 38.30 -24.73 -6.71
CA ALA A 237 36.86 -24.82 -6.41
C ALA A 237 36.54 -26.27 -6.03
N VAL A 238 37.00 -27.18 -6.90
CA VAL A 238 36.75 -28.61 -6.75
C VAL A 238 38.13 -29.29 -6.64
N SER A 239 38.53 -29.62 -5.41
CA SER A 239 39.78 -30.33 -5.12
C SER A 239 39.69 -31.81 -5.47
N GLU A 240 40.86 -32.51 -5.41
CA GLU A 240 40.95 -33.94 -5.69
C GLU A 240 40.15 -34.76 -4.68
N LYS A 241 40.19 -34.38 -3.40
CA LYS A 241 39.31 -34.91 -2.37
C LYS A 241 37.81 -34.69 -2.75
N ASP A 242 37.44 -33.47 -3.18
CA ASP A 242 36.06 -33.14 -3.57
C ASP A 242 35.57 -34.06 -4.68
N ILE A 243 36.44 -34.37 -5.71
CA ILE A 243 36.25 -35.33 -6.81
C ILE A 243 35.94 -36.72 -6.33
N GLN A 244 36.79 -37.27 -5.45
CA GLN A 244 36.56 -38.56 -4.80
C GLN A 244 35.25 -38.56 -4.04
N ASP A 245 34.93 -37.46 -3.37
CA ASP A 245 33.69 -37.29 -2.59
C ASP A 245 32.43 -37.20 -3.41
N LEU A 246 32.45 -36.40 -4.47
CA LEU A 246 31.32 -36.25 -5.38
C LEU A 246 31.02 -37.52 -6.16
N LYS A 247 32.12 -38.23 -6.57
CA LYS A 247 32.05 -39.53 -7.21
C LYS A 247 31.32 -40.48 -6.29
N PHE A 248 31.77 -40.55 -5.04
CA PHE A 248 31.13 -41.35 -3.99
C PHE A 248 29.63 -41.00 -3.83
N GLY A 249 29.29 -39.72 -3.81
CA GLY A 249 27.92 -39.23 -3.81
C GLY A 249 27.05 -39.77 -4.96
N VAL A 250 27.58 -39.74 -6.19
CA VAL A 250 26.93 -40.36 -7.35
C VAL A 250 26.67 -41.87 -7.10
N GLU A 251 27.68 -42.60 -6.68
CA GLU A 251 27.58 -44.03 -6.33
C GLU A 251 26.54 -44.31 -5.23
N GLN A 252 26.47 -43.42 -4.27
CA GLN A 252 25.59 -43.57 -3.11
C GLN A 252 24.20 -43.05 -3.34
N ASP A 253 23.91 -42.47 -4.55
CA ASP A 253 22.60 -41.98 -4.99
C ASP A 253 22.12 -40.89 -4.07
N VAL A 254 23.02 -39.90 -3.82
CA VAL A 254 22.63 -38.77 -3.01
C VAL A 254 21.64 -37.88 -3.78
N ASP A 255 20.81 -37.10 -3.05
CA ASP A 255 19.79 -36.27 -3.66
C ASP A 255 20.31 -34.89 -4.07
N MET A 256 21.33 -34.41 -3.36
CA MET A 256 21.79 -33.03 -3.48
C MET A 256 23.23 -32.86 -2.96
N VAL A 257 23.92 -31.87 -3.53
CA VAL A 257 25.24 -31.48 -3.10
C VAL A 257 25.20 -30.07 -2.55
N PHE A 258 25.78 -29.89 -1.36
CA PHE A 258 26.00 -28.57 -0.76
C PHE A 258 27.44 -28.27 -1.09
N ALA A 259 27.66 -27.46 -2.12
CA ALA A 259 29.03 -27.17 -2.57
C ALA A 259 29.65 -26.01 -1.76
N SER A 260 30.60 -26.31 -0.87
CA SER A 260 31.32 -25.30 -0.07
C SER A 260 32.07 -24.26 -0.89
N PHE A 261 32.17 -23.00 -0.36
CA PHE A 261 33.02 -21.90 -0.84
C PHE A 261 32.85 -21.48 -2.31
N ILE A 262 31.63 -21.60 -2.88
CA ILE A 262 31.31 -21.13 -4.24
C ILE A 262 31.56 -19.62 -4.37
N ARG A 263 32.43 -19.24 -5.30
CA ARG A 263 32.88 -17.86 -5.47
C ARG A 263 32.26 -17.25 -6.75
N LYS A 264 31.86 -18.07 -7.70
CA LYS A 264 31.49 -17.62 -9.06
C LYS A 264 30.71 -18.69 -9.78
N ALA A 265 29.97 -18.32 -10.83
CA ALA A 265 29.16 -19.25 -11.64
C ALA A 265 30.01 -20.42 -12.24
N SER A 266 31.28 -20.16 -12.68
CA SER A 266 32.14 -21.22 -13.23
C SER A 266 32.48 -22.30 -12.17
N ASP A 267 32.50 -21.92 -10.87
CA ASP A 267 32.61 -22.90 -9.77
C ASP A 267 31.41 -23.88 -9.81
N VAL A 268 30.16 -23.37 -9.91
CA VAL A 268 28.94 -24.19 -10.01
C VAL A 268 29.00 -25.08 -11.26
N HIS A 269 29.39 -24.51 -12.41
CA HIS A 269 29.54 -25.27 -13.65
C HIS A 269 30.54 -26.42 -13.52
N GLU A 270 31.61 -26.20 -12.77
CA GLU A 270 32.61 -27.22 -12.43
C GLU A 270 31.97 -28.35 -11.68
N VAL A 271 31.23 -28.06 -10.61
CA VAL A 271 30.57 -29.11 -9.82
C VAL A 271 29.62 -29.91 -10.74
N ARG A 272 28.85 -29.21 -11.57
CA ARG A 272 27.87 -29.75 -12.50
C ARG A 272 28.56 -30.71 -13.51
N LYS A 273 29.70 -30.29 -14.09
CA LYS A 273 30.48 -31.13 -15.00
C LYS A 273 31.07 -32.31 -14.25
N VAL A 274 31.49 -32.13 -12.98
CA VAL A 274 32.05 -33.25 -12.20
C VAL A 274 30.97 -34.34 -11.97
N LEU A 275 29.76 -33.92 -11.54
CA LEU A 275 28.64 -34.82 -11.34
C LEU A 275 28.28 -35.56 -12.63
N GLY A 276 28.44 -34.88 -13.80
CA GLY A 276 28.30 -35.47 -15.14
C GLY A 276 26.91 -35.97 -15.46
N GLU A 277 26.82 -36.77 -16.54
CA GLU A 277 25.53 -37.32 -16.98
C GLU A 277 24.91 -38.17 -15.85
N LYS A 278 25.74 -38.99 -15.19
CA LYS A 278 25.34 -39.89 -14.11
C LYS A 278 24.77 -39.17 -12.91
N GLY A 279 25.28 -37.99 -12.58
CA GLY A 279 24.66 -37.16 -11.55
C GLY A 279 23.88 -35.93 -12.01
N LYS A 280 23.33 -35.92 -13.25
CA LYS A 280 22.64 -34.77 -13.84
C LYS A 280 21.37 -34.35 -13.08
N ASN A 281 20.75 -35.29 -12.30
CA ASN A 281 19.51 -34.99 -11.55
C ASN A 281 19.79 -34.61 -10.09
N ILE A 282 21.04 -34.74 -9.64
CA ILE A 282 21.42 -34.29 -8.31
C ILE A 282 21.39 -32.75 -8.25
N LYS A 283 20.70 -32.22 -7.23
CA LYS A 283 20.59 -30.78 -7.02
C LYS A 283 21.89 -30.19 -6.53
N ILE A 284 22.35 -29.12 -7.17
CA ILE A 284 23.51 -28.36 -6.66
C ILE A 284 23.02 -27.12 -5.87
N ILE A 285 23.32 -27.12 -4.56
CA ILE A 285 23.10 -25.99 -3.64
C ILE A 285 24.46 -25.32 -3.39
N SER A 286 24.63 -24.12 -3.87
CA SER A 286 25.88 -23.40 -3.69
C SER A 286 25.91 -22.75 -2.31
N LYS A 287 26.96 -23.07 -1.57
CA LYS A 287 27.18 -22.46 -0.26
C LYS A 287 27.91 -21.12 -0.46
N ILE A 288 27.29 -20.07 0.05
CA ILE A 288 27.80 -18.69 0.07
C ILE A 288 28.43 -18.45 1.38
N GLU A 289 29.76 -18.38 1.36
CA GLU A 289 30.52 -18.21 2.61
C GLU A 289 31.76 -17.33 2.60
N ASN A 290 31.87 -16.43 1.62
CA ASN A 290 32.99 -15.49 1.57
C ASN A 290 32.49 -14.26 0.85
N HIS A 291 33.32 -13.19 0.82
CA HIS A 291 33.00 -11.92 0.17
C HIS A 291 32.63 -12.12 -1.27
N GLU A 292 33.49 -12.76 -2.04
CA GLU A 292 33.36 -12.92 -3.49
C GLU A 292 32.06 -13.61 -3.89
N GLY A 293 31.66 -14.60 -3.12
CA GLY A 293 30.41 -15.28 -3.38
C GLY A 293 29.19 -14.41 -3.14
N VAL A 294 29.28 -13.42 -2.20
CA VAL A 294 28.19 -12.48 -2.00
C VAL A 294 28.14 -11.52 -3.18
N ARG A 295 29.30 -10.95 -3.55
CA ARG A 295 29.47 -10.04 -4.67
C ARG A 295 28.95 -10.68 -5.97
N ARG A 296 29.29 -11.95 -6.20
CA ARG A 296 28.92 -12.64 -7.44
C ARG A 296 27.65 -13.45 -7.26
N PHE A 297 26.84 -13.10 -6.24
CA PHE A 297 25.62 -13.81 -5.90
C PHE A 297 24.67 -14.11 -7.07
N ASP A 298 24.41 -13.11 -7.92
CA ASP A 298 23.39 -13.29 -8.98
C ASP A 298 23.76 -14.34 -9.97
N GLU A 299 25.03 -14.33 -10.41
CA GLU A 299 25.49 -15.35 -11.38
C GLU A 299 25.52 -16.74 -10.74
N ILE A 300 25.85 -16.81 -9.44
CA ILE A 300 25.89 -18.09 -8.70
C ILE A 300 24.47 -18.64 -8.65
N LEU A 301 23.52 -17.80 -8.18
CA LEU A 301 22.11 -18.19 -8.09
C LEU A 301 21.54 -18.75 -9.39
N GLU A 302 21.82 -18.07 -10.51
CA GLU A 302 21.31 -18.43 -11.82
C GLU A 302 21.79 -19.82 -12.21
N ALA A 303 23.08 -20.16 -11.87
CA ALA A 303 23.74 -21.39 -12.21
C ALA A 303 23.39 -22.55 -11.25
N SER A 304 22.87 -22.24 -10.05
CA SER A 304 22.63 -23.29 -9.02
C SER A 304 21.15 -23.74 -8.99
N ASP A 305 20.89 -24.84 -8.29
CA ASP A 305 19.54 -25.28 -8.00
C ASP A 305 18.98 -24.60 -6.77
N GLY A 306 19.88 -24.13 -5.91
CA GLY A 306 19.52 -23.30 -4.76
C GLY A 306 20.76 -22.82 -4.06
N ILE A 307 20.58 -22.22 -2.88
CA ILE A 307 21.62 -21.52 -2.14
C ILE A 307 21.56 -21.96 -0.69
N MET A 308 22.74 -22.17 -0.08
CA MET A 308 22.88 -22.15 1.37
C MET A 308 23.60 -20.87 1.85
N VAL A 309 22.96 -20.15 2.77
CA VAL A 309 23.55 -19.09 3.59
C VAL A 309 24.41 -19.77 4.66
N ALA A 310 25.68 -19.94 4.34
CA ALA A 310 26.67 -20.66 5.14
C ALA A 310 27.31 -19.68 6.10
N ARG A 311 26.57 -19.37 7.15
CA ARG A 311 26.84 -18.26 8.09
C ARG A 311 28.13 -18.38 8.88
N GLY A 312 28.57 -19.61 9.12
CA GLY A 312 29.76 -19.95 9.88
C GLY A 312 30.98 -19.27 9.29
N ASP A 313 31.42 -19.73 8.11
CA ASP A 313 32.52 -19.13 7.37
C ASP A 313 32.23 -17.72 6.97
N LEU A 314 30.97 -17.44 6.50
CA LEU A 314 30.58 -16.12 6.05
C LEU A 314 30.83 -15.08 7.14
N GLY A 315 30.41 -15.40 8.38
CA GLY A 315 30.64 -14.55 9.54
C GLY A 315 32.08 -14.42 10.01
N ILE A 316 33.03 -15.20 9.43
CA ILE A 316 34.46 -14.98 9.66
C ILE A 316 35.06 -14.20 8.47
N GLU A 317 34.67 -14.58 7.25
CA GLU A 317 35.16 -13.95 6.03
C GLU A 317 34.77 -12.49 5.90
N ILE A 318 33.50 -12.15 6.20
CA ILE A 318 33.01 -10.76 6.23
C ILE A 318 32.78 -10.36 7.70
N PRO A 319 32.77 -9.06 8.12
CA PRO A 319 32.47 -8.75 9.52
C PRO A 319 31.16 -9.37 9.99
N ALA A 320 31.19 -9.94 11.18
CA ALA A 320 30.05 -10.61 11.81
C ALA A 320 28.75 -9.79 11.77
N GLU A 321 28.87 -8.49 11.90
CA GLU A 321 27.75 -7.54 12.00
C GLU A 321 27.06 -7.31 10.63
N LYS A 322 27.66 -7.89 9.53
CA LYS A 322 27.13 -7.76 8.18
C LYS A 322 26.38 -9.01 7.74
N VAL A 323 26.45 -10.09 8.53
CA VAL A 323 25.94 -11.42 8.09
C VAL A 323 24.44 -11.40 7.84
N PHE A 324 23.68 -10.70 8.72
CA PHE A 324 22.23 -10.56 8.61
C PHE A 324 21.84 -9.86 7.31
N LEU A 325 22.67 -8.89 6.87
CA LEU A 325 22.44 -8.19 5.58
C LEU A 325 22.54 -9.18 4.42
N ALA A 326 23.59 -10.01 4.40
CA ALA A 326 23.86 -10.97 3.34
C ALA A 326 22.78 -12.07 3.38
N GLN A 327 22.42 -12.60 4.59
CA GLN A 327 21.34 -13.55 4.79
C GLN A 327 20.01 -13.03 4.21
N LYS A 328 19.58 -11.84 4.62
CA LYS A 328 18.30 -11.29 4.14
C LYS A 328 18.37 -10.96 2.64
N MET A 329 19.53 -10.48 2.13
CA MET A 329 19.69 -10.23 0.70
C MET A 329 19.47 -11.53 -0.10
N MET A 330 20.11 -12.60 0.33
CA MET A 330 20.13 -13.87 -0.41
C MET A 330 18.77 -14.55 -0.32
N ILE A 331 18.15 -14.57 0.87
CA ILE A 331 16.81 -15.14 1.03
C ILE A 331 15.83 -14.41 0.10
N GLY A 332 15.84 -13.07 0.12
CA GLY A 332 15.03 -12.22 -0.74
C GLY A 332 15.21 -12.52 -2.22
N ARG A 333 16.47 -12.63 -2.68
CA ARG A 333 16.75 -12.87 -4.10
C ARG A 333 16.35 -14.26 -4.56
N CYS A 334 16.43 -15.24 -3.66
CA CYS A 334 16.08 -16.63 -3.87
C CYS A 334 14.58 -16.75 -3.95
N ASN A 335 13.86 -16.07 -3.02
CA ASN A 335 12.41 -15.99 -3.01
C ASN A 335 11.90 -15.40 -4.31
N ARG A 336 12.53 -14.33 -4.75
CA ARG A 336 12.24 -13.66 -6.02
C ARG A 336 12.50 -14.61 -7.22
N ALA A 337 13.58 -15.42 -7.18
CA ALA A 337 13.95 -16.35 -8.25
C ALA A 337 13.11 -17.67 -8.20
N GLY A 338 12.44 -17.91 -7.07
CA GLY A 338 11.78 -19.17 -6.78
C GLY A 338 12.75 -20.33 -6.63
N LYS A 339 13.98 -20.03 -6.13
CA LYS A 339 15.00 -21.07 -5.89
C LYS A 339 15.15 -21.35 -4.41
N PRO A 340 15.32 -22.62 -4.02
CA PRO A 340 15.47 -22.91 -2.58
C PRO A 340 16.63 -22.20 -1.92
N VAL A 341 16.37 -21.69 -0.68
CA VAL A 341 17.39 -21.12 0.16
C VAL A 341 17.39 -21.79 1.54
N ILE A 342 18.59 -22.20 1.98
CA ILE A 342 18.83 -22.79 3.28
C ILE A 342 19.48 -21.73 4.18
N CYS A 343 18.96 -21.56 5.38
CA CYS A 343 19.68 -20.86 6.41
C CYS A 343 20.42 -21.87 7.31
N ALA A 344 21.73 -21.71 7.42
CA ALA A 344 22.58 -22.66 8.11
C ALA A 344 23.46 -22.00 9.16
N THR A 345 23.84 -22.77 10.20
CA THR A 345 25.01 -22.58 11.10
C THR A 345 24.66 -21.86 12.38
N GLN A 346 24.81 -22.57 13.51
CA GLN A 346 24.69 -22.04 14.87
C GLN A 346 23.28 -21.60 15.22
N MET A 347 22.28 -22.10 14.50
CA MET A 347 20.89 -21.72 14.76
C MET A 347 20.41 -22.04 16.18
N LEU A 348 20.83 -23.21 16.72
CA LEU A 348 20.52 -23.63 18.10
C LEU A 348 21.81 -24.12 18.75
N GLU A 349 22.92 -23.40 18.55
CA GLU A 349 24.27 -23.86 18.93
C GLU A 349 24.39 -24.33 20.38
N SER A 350 23.73 -23.64 21.33
CA SER A 350 23.88 -23.96 22.74
C SER A 350 23.25 -25.29 23.08
N MET A 351 22.36 -25.79 22.20
CA MET A 351 21.75 -27.10 22.36
C MET A 351 22.70 -28.30 22.17
N ILE A 352 23.93 -28.06 21.69
CA ILE A 352 25.02 -29.05 21.76
C ILE A 352 25.23 -29.55 23.21
N LYS A 353 25.15 -28.62 24.17
CA LYS A 353 25.38 -28.91 25.59
C LYS A 353 24.14 -28.80 26.46
N LYS A 354 23.08 -28.07 26.03
CA LYS A 354 21.92 -27.79 26.88
C LYS A 354 20.61 -28.29 26.23
N PRO A 355 19.59 -28.76 27.01
CA PRO A 355 18.39 -29.31 26.37
C PRO A 355 17.39 -28.25 25.86
N ARG A 356 17.63 -26.95 26.20
CA ARG A 356 16.82 -25.81 25.80
C ARG A 356 17.70 -24.80 25.03
N PRO A 357 17.17 -24.07 24.03
CA PRO A 357 18.00 -23.05 23.37
C PRO A 357 18.04 -21.71 24.13
N THR A 358 19.00 -20.87 23.79
CA THR A 358 19.02 -19.47 24.26
C THR A 358 17.92 -18.68 23.53
N ARG A 359 17.61 -17.48 24.05
CA ARG A 359 16.57 -16.63 23.45
C ARG A 359 16.97 -16.07 22.09
N ALA A 360 18.29 -15.85 21.89
CA ALA A 360 18.88 -15.46 20.62
C ALA A 360 18.65 -16.52 19.56
N GLU A 361 18.70 -17.78 19.98
CA GLU A 361 18.57 -18.94 19.08
C GLU A 361 17.12 -19.15 18.68
N GLY A 362 16.19 -19.04 19.63
CA GLY A 362 14.76 -19.03 19.33
C GLY A 362 14.39 -17.94 18.35
N SER A 363 14.91 -16.74 18.59
CA SER A 363 14.74 -15.58 17.72
C SER A 363 15.27 -15.85 16.29
N ASP A 364 16.49 -16.42 16.19
CA ASP A 364 17.20 -16.67 14.94
C ASP A 364 16.43 -17.61 14.08
N VAL A 365 15.94 -18.71 14.66
CA VAL A 365 15.09 -19.65 13.94
C VAL A 365 13.84 -18.98 13.41
N ALA A 366 13.13 -18.20 14.28
CA ALA A 366 11.89 -17.60 13.91
C ALA A 366 12.13 -16.62 12.79
N ASN A 367 13.19 -15.81 12.89
CA ASN A 367 13.53 -14.81 11.88
C ASN A 367 13.96 -15.36 10.56
N ALA A 368 14.69 -16.49 10.54
CA ALA A 368 15.04 -17.13 9.25
C ALA A 368 13.77 -17.56 8.49
N VAL A 369 12.82 -18.13 9.18
CA VAL A 369 11.52 -18.48 8.59
C VAL A 369 10.78 -17.20 8.10
N LEU A 370 10.66 -16.16 9.00
CA LEU A 370 10.07 -14.88 8.64
C LEU A 370 10.78 -14.20 7.48
N ASP A 371 12.10 -14.30 7.39
CA ASP A 371 12.85 -13.81 6.25
C ASP A 371 12.38 -14.46 4.95
N GLY A 372 12.00 -15.76 4.99
CA GLY A 372 11.55 -16.55 3.84
C GLY A 372 12.44 -17.72 3.44
N ALA A 373 13.27 -18.21 4.41
CA ALA A 373 14.10 -19.41 4.17
C ALA A 373 13.23 -20.65 3.94
N ASP A 374 13.60 -21.46 2.92
CA ASP A 374 12.86 -22.70 2.60
C ASP A 374 13.17 -23.77 3.63
N CYS A 375 14.41 -23.73 4.11
CA CYS A 375 14.98 -24.71 5.01
C CYS A 375 15.78 -24.06 6.07
N ILE A 376 15.71 -24.67 7.26
CA ILE A 376 16.63 -24.39 8.35
C ILE A 376 17.49 -25.64 8.60
N MET A 377 18.67 -25.44 9.18
CA MET A 377 19.66 -26.49 9.30
C MET A 377 20.18 -26.64 10.70
N LEU A 378 20.51 -27.90 11.08
CA LEU A 378 21.29 -28.17 12.27
C LEU A 378 22.59 -28.83 11.90
N SER A 379 23.69 -28.40 12.56
CA SER A 379 25.05 -28.95 12.33
C SER A 379 25.49 -29.70 13.57
N GLY A 380 26.38 -29.11 14.39
CA GLY A 380 26.83 -29.78 15.62
C GLY A 380 25.72 -30.17 16.57
N GLU A 381 24.54 -29.49 16.48
CA GLU A 381 23.37 -29.74 17.34
C GLU A 381 22.88 -31.17 17.15
N THR A 382 22.95 -31.68 15.90
CA THR A 382 22.53 -33.06 15.61
C THR A 382 23.72 -34.01 15.38
N ALA A 383 24.85 -33.50 14.87
CA ALA A 383 25.99 -34.38 14.57
C ALA A 383 26.67 -34.90 15.82
N LYS A 384 26.88 -34.05 16.84
CA LYS A 384 27.77 -34.43 17.95
C LYS A 384 27.20 -34.00 19.32
N GLY A 385 26.06 -33.32 19.32
CA GLY A 385 25.53 -32.73 20.55
C GLY A 385 24.94 -33.74 21.49
N ASP A 386 24.59 -33.30 22.71
CA ASP A 386 23.97 -34.17 23.70
C ASP A 386 22.44 -34.27 23.55
N TYR A 387 21.84 -33.39 22.74
CA TYR A 387 20.39 -33.27 22.60
C TYR A 387 19.92 -33.14 21.11
N PRO A 388 20.28 -34.11 20.24
CA PRO A 388 19.91 -34.00 18.82
C PRO A 388 18.41 -33.97 18.56
N LEU A 389 17.61 -34.81 19.24
CA LEU A 389 16.15 -34.89 19.06
C LEU A 389 15.47 -33.66 19.57
N GLU A 390 15.97 -33.11 20.69
CA GLU A 390 15.43 -31.87 21.23
C GLU A 390 15.68 -30.72 20.26
N ALA A 391 16.85 -30.72 19.59
CA ALA A 391 17.19 -29.66 18.62
C ALA A 391 16.22 -29.70 17.44
N VAL A 392 15.99 -30.90 16.88
CA VAL A 392 15.05 -31.16 15.77
C VAL A 392 13.63 -30.69 16.13
N ARG A 393 13.09 -31.21 17.24
CA ARG A 393 11.81 -30.82 17.83
C ARG A 393 11.66 -29.32 17.96
N MET A 394 12.72 -28.62 18.45
CA MET A 394 12.70 -27.17 18.67
C MET A 394 12.58 -26.43 17.34
N GLN A 395 13.33 -26.87 16.32
CA GLN A 395 13.26 -26.26 15.01
C GLN A 395 11.87 -26.42 14.45
N HIS A 396 11.23 -27.58 14.73
CA HIS A 396 9.88 -27.85 14.25
C HIS A 396 8.84 -26.94 14.94
N LEU A 397 8.93 -26.81 16.25
CA LEU A 397 8.05 -25.91 17.00
C LEU A 397 8.19 -24.48 16.59
N ILE A 398 9.43 -23.97 16.42
CA ILE A 398 9.63 -22.55 16.09
C ILE A 398 9.16 -22.24 14.65
N ALA A 399 9.55 -23.08 13.67
CA ALA A 399 9.18 -22.98 12.28
C ALA A 399 7.68 -22.77 12.14
N ARG A 400 6.92 -23.62 12.80
CA ARG A 400 5.47 -23.65 12.69
C ARG A 400 4.87 -22.41 13.32
N GLU A 401 5.41 -21.97 14.49
CA GLU A 401 5.00 -20.70 15.09
C GLU A 401 5.32 -19.54 14.17
N ALA A 402 6.52 -19.52 13.57
CA ALA A 402 6.94 -18.41 12.69
C ALA A 402 6.15 -18.35 11.38
N GLU A 403 5.78 -19.52 10.83
CA GLU A 403 4.99 -19.65 9.63
C GLU A 403 3.61 -19.02 9.80
N ALA A 404 3.00 -19.16 10.96
CA ALA A 404 1.74 -18.48 11.28
C ALA A 404 1.91 -16.97 11.41
N ALA A 405 3.11 -16.51 11.81
CA ALA A 405 3.37 -15.08 12.03
C ALA A 405 3.75 -14.33 10.76
N ILE A 406 3.88 -15.07 9.62
CA ILE A 406 4.18 -14.44 8.35
C ILE A 406 3.02 -13.50 7.99
N TYR A 407 3.37 -12.32 7.46
CA TYR A 407 2.37 -11.37 6.98
C TYR A 407 2.09 -11.69 5.50
N HIS A 408 1.27 -12.73 5.27
CA HIS A 408 1.04 -13.29 3.93
C HIS A 408 0.43 -12.26 2.98
N LEU A 409 -0.43 -11.36 3.50
CA LEU A 409 -1.11 -10.29 2.77
C LEU A 409 -0.06 -9.47 2.00
N GLN A 410 0.95 -8.94 2.71
CA GLN A 410 2.04 -8.24 2.04
C GLN A 410 2.92 -9.19 1.23
N LEU A 411 3.25 -10.34 1.79
CA LEU A 411 4.15 -11.26 1.09
C LEU A 411 3.60 -11.69 -0.28
N PHE A 412 2.34 -12.10 -0.33
CA PHE A 412 1.72 -12.56 -1.58
C PHE A 412 1.54 -11.40 -2.60
N GLU A 413 1.10 -10.24 -2.14
CA GLU A 413 1.04 -9.00 -2.96
C GLU A 413 2.42 -8.70 -3.59
N GLU A 414 3.48 -8.76 -2.80
CA GLU A 414 4.79 -8.39 -3.31
C GLU A 414 5.33 -9.40 -4.29
N LEU A 415 5.14 -10.70 -4.02
CA LEU A 415 5.58 -11.79 -4.89
C LEU A 415 4.91 -11.71 -6.24
N ARG A 416 3.59 -11.48 -6.27
CA ARG A 416 2.80 -11.24 -7.48
C ARG A 416 3.33 -10.07 -8.31
N ARG A 417 3.46 -8.88 -7.67
CA ARG A 417 3.90 -7.65 -8.30
C ARG A 417 5.29 -7.79 -8.92
N LEU A 418 6.17 -8.57 -8.27
CA LEU A 418 7.57 -8.73 -8.69
C LEU A 418 7.81 -9.91 -9.64
N ALA A 419 6.83 -10.83 -9.79
CA ALA A 419 7.02 -12.00 -10.67
C ALA A 419 6.56 -11.69 -12.09
N PRO A 420 7.45 -11.91 -13.10
CA PRO A 420 7.09 -11.61 -14.49
C PRO A 420 5.76 -12.19 -14.96
N ILE A 421 5.01 -11.39 -15.71
CA ILE A 421 3.87 -11.92 -16.48
C ILE A 421 4.49 -12.78 -17.60
N THR A 422 4.03 -14.03 -17.69
CA THR A 422 4.40 -14.97 -18.73
C THR A 422 3.14 -15.65 -19.27
N SER A 423 3.28 -16.30 -20.42
CA SER A 423 2.27 -17.12 -21.06
C SER A 423 2.26 -18.56 -20.48
N ASP A 424 3.23 -18.92 -19.61
CA ASP A 424 3.35 -20.26 -19.02
C ASP A 424 2.07 -20.67 -18.28
N PRO A 425 1.36 -21.69 -18.81
CA PRO A 425 0.10 -22.13 -18.20
C PRO A 425 0.23 -22.60 -16.75
N THR A 426 1.36 -23.22 -16.44
CA THR A 426 1.65 -23.80 -15.12
C THR A 426 1.82 -22.72 -14.07
N GLU A 427 2.52 -21.65 -14.42
CA GLU A 427 2.73 -20.46 -13.57
C GLU A 427 1.35 -19.87 -13.18
N ALA A 428 0.52 -19.63 -14.23
CA ALA A 428 -0.82 -19.08 -14.12
C ALA A 428 -1.70 -19.95 -13.23
N THR A 429 -1.67 -21.28 -13.44
CA THR A 429 -2.35 -22.27 -12.60
C THR A 429 -1.83 -22.23 -11.14
N ALA A 430 -0.46 -22.23 -10.96
CA ALA A 430 0.17 -22.23 -9.64
C ALA A 430 -0.29 -20.95 -8.88
N VAL A 431 -0.27 -19.77 -9.53
CA VAL A 431 -0.69 -18.54 -8.81
C VAL A 431 -2.23 -18.50 -8.50
N GLY A 432 -3.05 -18.85 -9.48
CA GLY A 432 -4.47 -19.17 -9.31
C GLY A 432 -4.73 -20.07 -8.12
N ALA A 433 -3.90 -21.10 -7.98
CA ALA A 433 -4.01 -22.05 -6.88
C ALA A 433 -3.75 -21.36 -5.56
N VAL A 434 -2.67 -20.55 -5.48
CA VAL A 434 -2.32 -19.96 -4.20
C VAL A 434 -3.39 -18.93 -3.83
N GLU A 435 -3.78 -18.10 -4.79
CA GLU A 435 -4.90 -17.18 -4.60
C GLU A 435 -6.16 -17.88 -4.05
N ALA A 436 -6.62 -18.93 -4.76
CA ALA A 436 -7.76 -19.73 -4.33
C ALA A 436 -7.56 -20.26 -2.92
N SER A 437 -6.35 -20.76 -2.58
CA SER A 437 -6.07 -21.33 -1.25
C SER A 437 -6.23 -20.30 -0.15
N PHE A 438 -5.87 -19.01 -0.43
CA PHE A 438 -6.05 -17.92 0.54
C PHE A 438 -7.54 -17.59 0.72
N LYS A 439 -8.28 -17.53 -0.38
CA LYS A 439 -9.68 -17.21 -0.39
C LYS A 439 -10.57 -18.19 0.43
N CYS A 440 -10.35 -19.50 0.28
CA CYS A 440 -11.20 -20.52 0.94
C CYS A 440 -10.56 -21.13 2.19
N CYS A 441 -9.38 -20.57 2.61
CA CYS A 441 -8.61 -21.03 3.77
C CYS A 441 -8.41 -22.55 3.67
N SER A 442 -7.94 -23.04 2.49
CA SER A 442 -7.83 -24.48 2.23
C SER A 442 -6.83 -25.15 3.18
N GLY A 443 -7.13 -26.41 3.53
CA GLY A 443 -6.27 -27.22 4.38
C GLY A 443 -5.01 -27.69 3.68
N ALA A 444 -4.97 -27.66 2.33
CA ALA A 444 -3.79 -28.04 1.53
C ALA A 444 -3.93 -27.68 0.05
N ILE A 445 -2.81 -27.62 -0.65
CA ILE A 445 -2.74 -27.64 -2.09
C ILE A 445 -2.13 -28.95 -2.49
N ILE A 446 -2.93 -29.84 -3.12
CA ILE A 446 -2.46 -31.12 -3.63
C ILE A 446 -1.96 -30.92 -5.06
N VAL A 447 -0.75 -31.40 -5.35
CA VAL A 447 -0.12 -31.20 -6.66
C VAL A 447 0.43 -32.53 -7.13
N LEU A 448 -0.03 -33.05 -8.31
CA LEU A 448 0.62 -34.21 -8.91
C LEU A 448 1.80 -33.67 -9.66
N THR A 449 2.98 -34.28 -9.43
CA THR A 449 4.20 -33.87 -10.08
C THR A 449 5.12 -35.05 -10.39
N LYS A 450 5.73 -35.05 -11.56
CA LYS A 450 6.75 -36.04 -11.89
C LYS A 450 8.14 -35.58 -11.45
N SER A 451 8.53 -34.35 -11.83
CA SER A 451 9.90 -33.81 -11.59
C SER A 451 9.94 -32.94 -10.34
N GLY A 452 8.77 -32.58 -9.81
CA GLY A 452 8.62 -31.64 -8.70
C GLY A 452 8.29 -30.22 -9.13
N ARG A 453 8.69 -29.86 -10.38
CA ARG A 453 8.51 -28.49 -10.86
C ARG A 453 7.11 -27.86 -10.59
N SER A 454 6.00 -28.52 -10.91
CA SER A 454 4.67 -27.93 -10.64
C SER A 454 4.53 -27.59 -9.15
N ALA A 455 5.08 -28.44 -8.24
CA ALA A 455 4.98 -28.16 -6.81
C ALA A 455 5.92 -26.99 -6.41
N HIS A 456 7.09 -26.93 -7.00
CA HIS A 456 8.04 -25.85 -6.82
C HIS A 456 7.38 -24.53 -7.21
N GLN A 457 6.68 -24.49 -8.37
CA GLN A 457 5.96 -23.30 -8.85
C GLN A 457 4.88 -22.77 -7.89
N VAL A 458 4.22 -23.64 -7.15
CA VAL A 458 3.25 -23.25 -6.10
C VAL A 458 4.00 -22.67 -4.89
N ALA A 459 5.11 -23.33 -4.48
CA ALA A 459 5.92 -22.96 -3.29
C ALA A 459 6.46 -21.53 -3.41
N ARG A 460 6.93 -21.16 -4.64
CA ARG A 460 7.39 -19.80 -5.02
C ARG A 460 6.43 -18.66 -4.52
N TYR A 461 5.09 -18.92 -4.53
CA TYR A 461 4.11 -17.88 -4.18
C TYR A 461 3.66 -17.97 -2.74
N ARG A 462 4.26 -18.89 -1.96
CA ARG A 462 4.21 -18.90 -0.51
C ARG A 462 2.83 -19.03 0.10
N PRO A 463 2.05 -20.10 -0.20
CA PRO A 463 0.73 -20.23 0.43
C PRO A 463 0.91 -20.52 1.93
N ARG A 464 -0.11 -20.24 2.72
CA ARG A 464 -0.13 -20.61 4.12
C ARG A 464 -0.29 -22.16 4.23
N ALA A 465 -1.21 -22.76 3.45
CA ALA A 465 -1.54 -24.19 3.45
C ALA A 465 -0.40 -25.05 2.97
N PRO A 466 -0.21 -26.30 3.54
CA PRO A 466 0.84 -27.19 3.02
C PRO A 466 0.60 -27.56 1.57
N ILE A 467 1.67 -27.83 0.84
CA ILE A 467 1.60 -28.32 -0.53
C ILE A 467 1.91 -29.81 -0.46
N ILE A 468 0.91 -30.65 -0.60
CA ILE A 468 1.08 -32.08 -0.68
C ILE A 468 1.47 -32.46 -2.13
N ALA A 469 2.75 -32.72 -2.34
CA ALA A 469 3.22 -33.08 -3.68
C ALA A 469 3.19 -34.60 -3.85
N VAL A 470 2.27 -35.10 -4.69
CA VAL A 470 2.12 -36.54 -4.98
C VAL A 470 2.96 -36.88 -6.20
N THR A 471 3.91 -37.79 -6.00
CA THR A 471 4.83 -38.24 -7.04
C THR A 471 5.03 -39.76 -6.93
N ARG A 472 5.32 -40.43 -8.07
CA ARG A 472 5.86 -41.81 -8.04
C ARG A 472 7.39 -41.86 -8.06
N ASN A 473 8.01 -40.71 -8.35
CA ASN A 473 9.45 -40.58 -8.45
C ASN A 473 10.06 -40.42 -7.04
N PRO A 474 10.78 -41.46 -6.54
CA PRO A 474 11.33 -41.38 -5.17
C PRO A 474 12.34 -40.25 -4.98
N GLN A 475 13.15 -39.95 -6.00
CA GLN A 475 14.10 -38.85 -5.95
C GLN A 475 13.38 -37.49 -5.89
N THR A 476 12.37 -37.28 -6.75
CA THR A 476 11.47 -36.13 -6.67
C THR A 476 10.93 -35.95 -5.28
N ALA A 477 10.38 -37.00 -4.67
CA ALA A 477 9.85 -36.96 -3.30
C ALA A 477 10.90 -36.47 -2.28
N ARG A 478 12.18 -36.94 -2.39
CA ARG A 478 13.25 -36.53 -1.51
C ARG A 478 13.71 -35.08 -1.76
N GLN A 479 13.86 -34.71 -3.05
CA GLN A 479 14.38 -33.39 -3.44
C GLN A 479 13.40 -32.25 -3.14
N ALA A 480 12.10 -32.61 -2.95
CA ALA A 480 11.02 -31.67 -2.71
C ALA A 480 11.18 -31.00 -1.34
N HIS A 481 11.88 -31.61 -0.38
CA HIS A 481 12.16 -30.99 0.94
C HIS A 481 12.96 -29.67 0.86
N LEU A 482 13.54 -29.39 -0.30
CA LEU A 482 14.27 -28.13 -0.49
C LEU A 482 13.32 -26.91 -0.54
N TYR A 483 12.01 -27.14 -0.71
CA TYR A 483 11.05 -26.04 -0.89
C TYR A 483 10.12 -25.86 0.26
N ARG A 484 9.96 -24.61 0.69
CA ARG A 484 9.02 -24.25 1.74
C ARG A 484 7.63 -24.74 1.42
N GLY A 485 7.05 -25.52 2.36
CA GLY A 485 5.65 -25.89 2.29
C GLY A 485 5.40 -27.17 1.53
N ILE A 486 6.39 -27.64 0.72
CA ILE A 486 6.15 -28.89 0.01
C ILE A 486 6.32 -30.08 0.95
N PHE A 487 5.21 -30.82 1.19
CA PHE A 487 5.15 -32.03 2.00
C PHE A 487 5.03 -33.18 0.99
N PRO A 488 6.16 -33.80 0.58
CA PRO A 488 6.11 -34.80 -0.51
C PRO A 488 5.52 -36.10 -0.04
N VAL A 489 4.75 -36.76 -0.90
CA VAL A 489 4.23 -38.12 -0.62
C VAL A 489 4.55 -39.02 -1.80
N LEU A 490 5.17 -40.17 -1.51
CA LEU A 490 5.60 -41.09 -2.55
C LEU A 490 4.52 -42.12 -2.76
N CYS A 491 3.85 -42.02 -3.90
CA CYS A 491 2.83 -42.98 -4.29
C CYS A 491 3.46 -44.27 -4.77
N LYS A 492 3.06 -45.39 -4.16
CA LYS A 492 3.58 -46.71 -4.49
C LYS A 492 2.59 -47.51 -5.34
N ASP A 493 1.29 -47.19 -5.24
CA ASP A 493 0.19 -47.80 -5.99
C ASP A 493 0.55 -47.99 -7.47
N PRO A 494 0.21 -49.16 -8.07
CA PRO A 494 0.55 -49.37 -9.49
C PRO A 494 -0.23 -48.47 -10.45
N VAL A 495 0.39 -48.20 -11.61
CA VAL A 495 -0.21 -47.38 -12.67
C VAL A 495 -1.50 -48.02 -13.21
N GLN A 496 -2.64 -47.34 -12.98
CA GLN A 496 -3.95 -47.74 -13.51
C GLN A 496 -3.99 -47.55 -15.01
N GLU A 497 -4.71 -48.42 -15.70
CA GLU A 497 -4.82 -48.44 -17.15
C GLU A 497 -5.45 -47.18 -17.67
N ALA A 498 -6.59 -46.75 -17.07
CA ALA A 498 -7.23 -45.49 -17.40
C ALA A 498 -6.47 -44.36 -16.67
N TRP A 499 -5.92 -43.41 -17.45
CA TRP A 499 -5.09 -42.33 -16.91
C TRP A 499 -5.87 -41.48 -15.93
N ALA A 500 -7.13 -41.14 -16.27
CA ALA A 500 -8.02 -40.41 -15.39
C ALA A 500 -8.19 -41.11 -14.01
N GLU A 501 -8.36 -42.42 -13.99
CA GLU A 501 -8.41 -43.20 -12.76
C GLU A 501 -7.07 -43.18 -12.00
N ASP A 502 -5.95 -43.25 -12.72
CA ASP A 502 -4.63 -43.17 -12.09
C ASP A 502 -4.38 -41.81 -11.42
N VAL A 503 -4.84 -40.74 -12.07
CA VAL A 503 -4.79 -39.39 -11.55
C VAL A 503 -5.64 -39.29 -10.26
N ASP A 504 -6.89 -39.73 -10.31
CA ASP A 504 -7.79 -39.70 -9.15
C ASP A 504 -7.26 -40.54 -7.97
N LEU A 505 -6.59 -41.64 -8.29
CA LEU A 505 -5.98 -42.52 -7.29
C LEU A 505 -4.91 -41.73 -6.48
N ARG A 506 -4.09 -40.97 -7.18
CA ARG A 506 -3.04 -40.17 -6.57
C ARG A 506 -3.58 -38.99 -5.77
N VAL A 507 -4.65 -38.34 -6.26
CA VAL A 507 -5.36 -37.30 -5.51
C VAL A 507 -5.90 -37.89 -4.19
N ASN A 508 -6.54 -39.05 -4.27
CA ASN A 508 -7.13 -39.72 -3.12
C ASN A 508 -6.08 -40.15 -2.12
N PHE A 509 -4.93 -40.59 -2.62
CA PHE A 509 -3.78 -40.90 -1.79
C PHE A 509 -3.38 -39.70 -0.93
N ALA A 510 -3.23 -38.53 -1.56
CA ALA A 510 -2.94 -37.26 -0.88
C ALA A 510 -4.01 -36.88 0.12
N MET A 511 -5.30 -37.11 -0.20
CA MET A 511 -6.42 -36.90 0.73
C MET A 511 -6.24 -37.75 1.97
N ASN A 512 -5.83 -39.01 1.77
CA ASN A 512 -5.61 -39.94 2.86
C ASN A 512 -4.44 -39.53 3.75
N VAL A 513 -3.35 -39.08 3.13
CA VAL A 513 -2.20 -38.56 3.86
C VAL A 513 -2.57 -37.37 4.74
N GLY A 514 -3.19 -36.35 4.12
CA GLY A 514 -3.65 -35.17 4.82
C GLY A 514 -4.55 -35.47 6.01
N LYS A 515 -5.55 -36.34 5.80
CA LYS A 515 -6.45 -36.79 6.87
C LYS A 515 -5.67 -37.47 8.02
N ALA A 516 -4.77 -38.39 7.67
CA ALA A 516 -3.96 -39.12 8.65
C ALA A 516 -3.04 -38.20 9.46
N ARG A 517 -2.48 -37.17 8.81
CA ARG A 517 -1.56 -36.25 9.45
C ARG A 517 -2.26 -35.13 10.18
N GLY A 518 -3.60 -35.12 10.10
CA GLY A 518 -4.46 -34.09 10.68
C GLY A 518 -4.35 -32.71 10.06
N PHE A 519 -3.94 -32.64 8.77
CA PHE A 519 -3.92 -31.37 8.00
C PHE A 519 -5.31 -30.91 7.69
N PHE A 520 -6.25 -31.86 7.52
CA PHE A 520 -7.65 -31.57 7.21
C PHE A 520 -8.53 -32.79 7.52
N LYS A 521 -9.85 -32.60 7.52
CA LYS A 521 -10.86 -33.63 7.78
C LYS A 521 -11.89 -33.61 6.66
N LYS A 522 -12.69 -34.69 6.55
CA LYS A 522 -13.81 -34.80 5.61
C LYS A 522 -14.68 -33.51 5.66
N GLY A 523 -15.01 -33.00 4.49
CA GLY A 523 -15.85 -31.80 4.35
C GLY A 523 -15.07 -30.53 4.14
N ASP A 524 -13.80 -30.46 4.62
CA ASP A 524 -12.91 -29.32 4.40
C ASP A 524 -12.61 -29.19 2.92
N VAL A 525 -12.15 -28.01 2.47
CA VAL A 525 -11.82 -27.87 1.07
C VAL A 525 -10.36 -27.88 0.90
N VAL A 526 -9.90 -28.40 -0.23
CA VAL A 526 -8.50 -28.38 -0.65
C VAL A 526 -8.38 -27.96 -2.10
N ILE A 527 -7.20 -27.46 -2.49
CA ILE A 527 -6.93 -27.10 -3.87
C ILE A 527 -6.21 -28.31 -4.49
N VAL A 528 -6.56 -28.69 -5.73
CA VAL A 528 -5.94 -29.82 -6.41
C VAL A 528 -5.42 -29.36 -7.78
N LEU A 529 -4.15 -29.65 -8.04
CA LEU A 529 -3.50 -29.33 -9.30
C LEU A 529 -3.13 -30.53 -10.08
N THR A 530 -3.60 -30.58 -11.30
CA THR A 530 -3.30 -31.67 -12.23
C THR A 530 -3.07 -31.07 -13.62
N GLY A 531 -2.79 -31.93 -14.59
CA GLY A 531 -2.57 -31.53 -15.96
C GLY A 531 -3.55 -32.18 -16.89
N TRP A 532 -3.52 -31.75 -18.15
CA TRP A 532 -4.47 -32.23 -19.15
C TRP A 532 -4.03 -33.53 -19.87
N ARG A 533 -2.76 -33.92 -19.73
CA ARG A 533 -2.24 -35.15 -20.34
C ARG A 533 -1.05 -35.67 -19.52
N PRO A 534 -0.69 -36.98 -19.59
CA PRO A 534 0.50 -37.46 -18.85
C PRO A 534 1.82 -36.84 -19.29
N GLY A 535 2.82 -36.96 -18.43
CA GLY A 535 4.14 -36.39 -18.69
C GLY A 535 4.33 -35.04 -18.01
N SER A 536 5.59 -34.64 -17.84
CA SER A 536 5.95 -33.37 -17.23
C SER A 536 5.59 -32.20 -18.15
N GLY A 537 5.25 -31.05 -17.53
CA GLY A 537 5.10 -29.77 -18.21
C GLY A 537 3.69 -29.40 -18.65
N PHE A 538 2.65 -30.20 -18.22
CA PHE A 538 1.26 -29.95 -18.62
C PHE A 538 0.27 -29.55 -17.52
N THR A 539 0.76 -29.23 -16.31
CA THR A 539 -0.10 -28.75 -15.22
C THR A 539 -0.84 -27.48 -15.67
N ASN A 540 -2.17 -27.53 -15.71
CA ASN A 540 -3.02 -26.41 -16.18
C ASN A 540 -4.40 -26.44 -15.52
N THR A 541 -4.61 -27.35 -14.57
CA THR A 541 -5.93 -27.60 -14.02
C THR A 541 -5.88 -27.41 -12.52
N MET A 542 -6.75 -26.52 -12.01
CA MET A 542 -6.91 -26.21 -10.60
C MET A 542 -8.33 -26.54 -10.22
N ARG A 543 -8.50 -27.42 -9.21
CA ARG A 543 -9.81 -27.77 -8.69
C ARG A 543 -9.94 -27.49 -7.22
N VAL A 544 -11.09 -26.95 -6.82
CA VAL A 544 -11.42 -26.75 -5.43
C VAL A 544 -12.33 -27.89 -5.08
N VAL A 545 -11.86 -28.80 -4.20
CA VAL A 545 -12.48 -30.10 -3.95
C VAL A 545 -12.73 -30.33 -2.44
N PRO A 546 -13.89 -30.87 -2.06
CA PRO A 546 -14.07 -31.25 -0.65
C PRO A 546 -13.34 -32.54 -0.33
N VAL A 547 -12.83 -32.60 0.88
CA VAL A 547 -12.15 -33.79 1.41
C VAL A 547 -13.21 -34.86 1.61
N PRO A 548 -13.07 -36.05 0.94
CA PRO A 548 -14.07 -37.12 1.09
C PRO A 548 -14.06 -37.83 2.46
N GLN B 31 25.53 4.58 -2.49
CA GLN B 31 26.60 3.62 -2.17
C GLN B 31 26.79 3.43 -0.64
N THR B 32 26.07 4.22 0.19
CA THR B 32 26.28 4.33 1.64
C THR B 32 24.96 4.12 2.35
N GLN B 33 24.96 3.60 3.60
CA GLN B 33 23.78 3.62 4.50
C GLN B 33 22.51 2.84 3.97
N GLN B 34 22.73 1.87 3.11
CA GLN B 34 21.64 1.11 2.43
C GLN B 34 20.65 2.03 1.72
N LEU B 35 21.15 3.15 1.14
CA LEU B 35 20.29 4.08 0.44
C LEU B 35 19.65 3.48 -0.83
N HIS B 36 20.32 2.52 -1.49
CA HIS B 36 19.71 1.78 -2.60
C HIS B 36 18.50 0.95 -2.13
N ALA B 37 18.68 0.17 -1.02
CA ALA B 37 17.60 -0.58 -0.35
C ALA B 37 16.47 0.34 0.14
N ALA B 38 16.83 1.56 0.66
CA ALA B 38 15.93 2.64 1.11
C ALA B 38 14.90 3.03 0.03
N MET B 39 15.33 3.06 -1.24
CA MET B 39 14.52 3.52 -2.37
C MET B 39 13.61 2.43 -2.98
N ALA B 40 13.64 1.20 -2.44
CA ALA B 40 12.83 0.10 -2.98
C ALA B 40 11.31 0.31 -2.78
N ASP B 41 10.52 -0.13 -3.77
CA ASP B 41 9.07 0.02 -3.79
C ASP B 41 8.37 -1.06 -2.96
N THR B 42 9.07 -2.17 -2.70
CA THR B 42 8.54 -3.28 -1.91
C THR B 42 9.51 -3.67 -0.83
N PHE B 43 8.99 -4.29 0.24
CA PHE B 43 9.84 -4.81 1.32
C PHE B 43 10.72 -5.93 0.78
N LEU B 44 10.19 -6.77 -0.12
CA LEU B 44 10.97 -7.85 -0.75
C LEU B 44 12.15 -7.28 -1.53
N GLU B 45 11.91 -6.32 -2.40
CA GLU B 45 13.00 -5.68 -3.15
C GLU B 45 13.98 -4.97 -2.22
N HIS B 46 13.48 -4.36 -1.12
CA HIS B 46 14.32 -3.77 -0.07
C HIS B 46 15.32 -4.80 0.47
N MET B 47 14.82 -5.99 0.85
CA MET B 47 15.64 -7.13 1.26
C MET B 47 16.67 -7.50 0.16
N CYS B 48 16.23 -7.61 -1.11
CA CYS B 48 17.10 -7.93 -2.27
C CYS B 48 18.26 -6.98 -2.42
N ARG B 49 18.09 -5.75 -1.95
CA ARG B 49 19.07 -4.66 -2.16
C ARG B 49 20.00 -4.47 -1.00
N LEU B 50 19.79 -5.21 0.11
CA LEU B 50 20.68 -5.10 1.27
C LEU B 50 22.09 -5.46 0.84
N ASP B 51 23.03 -4.58 1.21
CA ASP B 51 24.36 -4.60 0.63
C ASP B 51 25.44 -4.54 1.70
N ILE B 52 26.22 -5.62 1.84
CA ILE B 52 27.37 -5.70 2.78
C ILE B 52 28.50 -4.69 2.44
N ASP B 53 28.48 -4.15 1.20
CA ASP B 53 29.49 -3.20 0.70
C ASP B 53 29.05 -1.75 0.78
N SER B 54 27.81 -1.50 1.34
CA SER B 54 27.23 -0.21 1.61
C SER B 54 27.46 0.15 3.12
N PRO B 55 28.50 0.95 3.42
CA PRO B 55 28.87 1.14 4.84
C PRO B 55 27.89 2.01 5.61
N PRO B 56 27.63 1.73 6.91
CA PRO B 56 26.74 2.62 7.67
C PRO B 56 27.35 4.01 7.90
N ILE B 57 26.47 4.96 8.32
CA ILE B 57 26.92 6.24 8.87
C ILE B 57 27.59 6.01 10.20
N THR B 58 28.30 7.02 10.69
CA THR B 58 28.87 7.11 12.01
C THR B 58 27.83 6.94 13.13
N ALA B 59 26.66 7.60 12.99
CA ALA B 59 25.71 7.64 14.09
C ALA B 59 25.11 6.23 14.34
N ARG B 60 25.01 5.85 15.63
CA ARG B 60 24.38 4.65 16.13
C ARG B 60 23.23 5.10 17.02
N ASN B 61 22.00 4.61 16.73
CA ASN B 61 20.76 5.12 17.32
C ASN B 61 20.25 4.29 18.44
N THR B 62 20.50 2.99 18.43
CA THR B 62 19.99 2.06 19.44
C THR B 62 20.77 2.18 20.75
N GLY B 63 20.03 2.32 21.84
CA GLY B 63 20.62 2.41 23.17
C GLY B 63 21.22 1.13 23.67
N ILE B 64 22.42 1.20 24.24
CA ILE B 64 23.06 0.01 24.77
C ILE B 64 23.03 0.01 26.31
N ILE B 65 22.36 -0.99 26.89
CA ILE B 65 22.29 -1.15 28.34
C ILE B 65 23.22 -2.30 28.77
N CYS B 66 24.12 -2.02 29.71
CA CYS B 66 25.09 -2.99 30.18
C CYS B 66 24.91 -3.28 31.65
N THR B 67 24.75 -4.55 32.00
CA THR B 67 24.77 -4.99 33.38
C THR B 67 26.18 -4.93 33.93
N ILE B 68 26.36 -4.23 35.03
CA ILE B 68 27.65 -4.11 35.71
C ILE B 68 27.80 -5.20 36.76
N GLY B 69 28.96 -5.85 36.76
CA GLY B 69 29.32 -6.88 37.73
C GLY B 69 30.82 -7.00 37.82
N PRO B 70 31.36 -8.12 38.35
CA PRO B 70 32.82 -8.22 38.56
C PRO B 70 33.71 -8.05 37.33
N ALA B 71 33.22 -8.42 36.13
CA ALA B 71 33.96 -8.24 34.87
C ALA B 71 34.05 -6.76 34.44
N SER B 72 33.15 -5.94 34.93
CA SER B 72 32.93 -4.59 34.40
C SER B 72 32.92 -3.48 35.48
N ARG B 73 33.17 -3.80 36.76
CA ARG B 73 32.96 -2.88 37.88
C ARG B 73 34.04 -1.82 38.12
N SER B 74 35.29 -2.10 37.77
CA SER B 74 36.39 -1.16 37.98
C SER B 74 36.22 0.10 37.14
N VAL B 75 36.63 1.25 37.70
CA VAL B 75 36.63 2.56 37.05
C VAL B 75 37.27 2.48 35.67
N GLU B 76 38.42 1.78 35.59
CA GLU B 76 39.20 1.64 34.37
C GLU B 76 38.49 0.84 33.30
N THR B 77 37.84 -0.30 33.68
CA THR B 77 37.01 -1.05 32.74
C THR B 77 35.82 -0.22 32.31
N LEU B 78 35.17 0.49 33.28
CA LEU B 78 33.99 1.33 32.99
C LEU B 78 34.30 2.47 32.03
N LYS B 79 35.50 3.06 32.12
CA LYS B 79 35.96 4.06 31.13
C LYS B 79 35.96 3.46 29.69
N GLU B 80 36.48 2.25 29.53
CA GLU B 80 36.45 1.55 28.25
C GLU B 80 35.03 1.15 27.82
N MET B 81 34.15 0.76 28.77
CA MET B 81 32.73 0.42 28.54
C MET B 81 32.04 1.58 27.83
N ILE B 82 32.24 2.80 28.36
CA ILE B 82 31.67 4.05 27.88
C ILE B 82 32.19 4.34 26.48
N LYS B 83 33.53 4.26 26.32
CA LYS B 83 34.19 4.47 25.02
C LYS B 83 33.66 3.53 23.97
N SER B 84 33.34 2.28 24.38
CA SER B 84 32.86 1.23 23.50
C SER B 84 31.36 1.35 23.15
N GLY B 85 30.65 2.18 23.89
CA GLY B 85 29.29 2.55 23.51
C GLY B 85 28.20 2.30 24.55
N MET B 86 28.58 1.89 25.79
CA MET B 86 27.58 1.70 26.85
C MET B 86 26.94 3.02 27.19
N ASN B 87 25.60 3.04 27.14
CA ASN B 87 24.84 4.25 27.46
C ASN B 87 24.21 4.20 28.86
N VAL B 88 23.96 2.97 29.41
CA VAL B 88 23.18 2.79 30.64
C VAL B 88 23.82 1.67 31.40
N ALA B 89 24.09 1.92 32.68
CA ALA B 89 24.65 0.93 33.60
C ALA B 89 23.50 0.29 34.37
N ARG B 90 23.21 -0.98 34.10
CA ARG B 90 22.20 -1.72 34.83
C ARG B 90 22.79 -2.40 36.06
N LEU B 91 22.14 -2.19 37.20
CA LEU B 91 22.49 -2.76 38.50
C LEU B 91 21.41 -3.76 38.84
N ASN B 92 21.77 -5.03 38.94
CA ASN B 92 20.81 -6.09 39.21
C ASN B 92 20.71 -6.31 40.71
N PHE B 93 19.55 -6.01 41.28
CA PHE B 93 19.34 -6.11 42.72
C PHE B 93 18.86 -7.47 43.23
N SER B 94 18.93 -8.50 42.37
CA SER B 94 18.77 -9.89 42.80
C SER B 94 19.90 -10.26 43.78
N HIS B 95 21.08 -9.67 43.55
CA HIS B 95 22.26 -9.97 44.36
C HIS B 95 22.93 -8.69 44.80
N GLY B 96 23.70 -8.78 45.89
CA GLY B 96 24.62 -7.73 46.31
C GLY B 96 24.02 -6.79 47.30
N THR B 97 24.86 -6.23 48.17
CA THR B 97 24.41 -5.31 49.24
C THR B 97 24.32 -3.88 48.68
N HIS B 98 23.67 -3.00 49.43
CA HIS B 98 23.59 -1.58 49.15
C HIS B 98 24.98 -0.94 49.08
N GLU B 99 25.90 -1.35 49.98
CA GLU B 99 27.30 -0.94 50.01
C GLU B 99 28.00 -1.27 48.69
N TYR B 100 27.81 -2.52 48.19
CA TYR B 100 28.34 -2.99 46.92
C TYR B 100 27.81 -2.15 45.78
N HIS B 101 26.49 -2.01 45.71
CA HIS B 101 25.80 -1.19 44.71
C HIS B 101 26.17 0.28 44.74
N ALA B 102 26.32 0.86 45.93
CA ALA B 102 26.74 2.25 46.10
C ALA B 102 28.13 2.46 45.49
N GLU B 103 29.03 1.50 45.72
CA GLU B 103 30.38 1.55 45.17
C GLU B 103 30.38 1.44 43.65
N THR B 104 29.58 0.52 43.07
CA THR B 104 29.43 0.39 41.62
C THR B 104 28.96 1.73 41.01
N ILE B 105 27.89 2.32 41.61
CA ILE B 105 27.34 3.59 41.18
C ILE B 105 28.42 4.70 41.24
N LYS B 106 29.15 4.75 42.34
CA LYS B 106 30.28 5.66 42.50
C LYS B 106 31.34 5.49 41.36
N ASN B 107 31.63 4.24 41.01
CA ASN B 107 32.60 3.93 39.96
C ASN B 107 32.12 4.32 38.58
N VAL B 108 30.84 4.06 38.30
CA VAL B 108 30.18 4.50 37.07
C VAL B 108 30.30 6.02 36.94
N ARG B 109 29.99 6.77 38.02
CA ARG B 109 30.10 8.22 38.02
C ARG B 109 31.53 8.71 37.87
N THR B 110 32.49 8.04 38.51
CA THR B 110 33.91 8.39 38.37
C THR B 110 34.38 8.29 36.91
N ALA B 111 34.09 7.14 36.29
CA ALA B 111 34.39 6.83 34.90
C ALA B 111 33.74 7.86 33.94
N THR B 112 32.41 8.13 34.14
CA THR B 112 31.65 9.03 33.30
C THR B 112 32.22 10.44 33.35
N GLU B 113 32.49 10.95 34.57
CA GLU B 113 32.92 12.31 34.76
C GLU B 113 34.36 12.59 34.34
N SER B 114 35.16 11.51 34.14
CA SER B 114 36.55 11.64 33.66
C SER B 114 36.58 12.26 32.23
N PHE B 115 35.44 12.16 31.51
CA PHE B 115 35.26 12.74 30.17
C PHE B 115 34.60 14.11 30.15
N ALA B 116 34.12 14.59 31.33
CA ALA B 116 33.42 15.89 31.49
C ALA B 116 34.25 17.10 31.08
N SER B 117 35.61 16.95 31.07
CA SER B 117 36.57 17.99 30.73
C SER B 117 36.32 18.57 29.33
N ASP B 118 35.93 17.71 28.33
CA ASP B 118 35.47 18.16 27.02
C ASP B 118 33.96 17.98 26.86
N PRO B 119 33.18 19.08 27.02
CA PRO B 119 31.72 18.97 26.89
C PRO B 119 31.22 18.53 25.51
N ILE B 120 32.03 18.83 24.47
CA ILE B 120 31.70 18.45 23.10
C ILE B 120 31.74 16.91 22.94
N LEU B 121 32.68 16.26 23.62
CA LEU B 121 32.85 14.82 23.49
C LEU B 121 32.25 14.00 24.64
N TYR B 122 31.92 14.63 25.79
CA TYR B 122 31.35 13.94 26.95
C TYR B 122 30.09 13.16 26.53
N ARG B 123 29.98 11.90 26.98
CA ARG B 123 28.75 11.09 26.78
C ARG B 123 28.07 10.92 28.12
N PRO B 124 26.79 11.37 28.25
CA PRO B 124 26.05 11.09 29.51
C PRO B 124 25.91 9.56 29.71
N VAL B 125 25.89 9.07 30.96
CA VAL B 125 25.72 7.62 31.22
C VAL B 125 24.64 7.46 32.28
N ALA B 126 23.58 6.71 31.98
CA ALA B 126 22.47 6.57 32.93
C ALA B 126 22.73 5.44 33.91
N VAL B 127 22.06 5.44 35.03
CA VAL B 127 22.14 4.36 36.02
C VAL B 127 20.72 3.78 36.16
N ALA B 128 20.58 2.48 35.93
CA ALA B 128 19.30 1.77 36.07
C ALA B 128 19.35 0.79 37.26
N LEU B 129 18.30 0.79 38.08
CA LEU B 129 18.16 -0.16 39.17
C LEU B 129 17.16 -1.21 38.73
N ASP B 130 17.59 -2.47 38.66
CA ASP B 130 16.73 -3.59 38.24
C ASP B 130 16.36 -4.34 39.49
N THR B 131 15.05 -4.31 39.86
CA THR B 131 14.59 -4.89 41.13
C THR B 131 14.67 -6.39 41.12
N LYS B 132 14.80 -6.99 42.32
CA LYS B 132 14.66 -8.42 42.55
C LYS B 132 13.23 -8.90 42.21
N GLY B 133 12.24 -8.22 42.74
CA GLY B 133 10.85 -8.60 42.55
C GLY B 133 10.40 -9.85 43.30
N PRO B 134 9.09 -10.17 43.14
CA PRO B 134 8.49 -11.36 43.82
C PRO B 134 9.05 -12.74 43.39
N GLU B 135 10.14 -13.14 44.03
CA GLU B 135 10.69 -14.47 43.84
C GLU B 135 9.99 -15.55 44.70
N ILE B 136 9.94 -16.79 44.18
CA ILE B 136 9.57 -17.99 44.93
C ILE B 136 10.85 -18.82 45.12
N ARG B 137 11.07 -19.33 46.36
CA ARG B 137 12.28 -20.04 46.80
C ARG B 137 11.98 -21.37 47.54
N THR B 138 13.05 -22.21 47.74
CA THR B 138 13.01 -23.60 48.22
C THR B 138 13.72 -23.85 49.60
N GLY B 139 14.50 -24.95 49.72
CA GLY B 139 15.15 -25.38 50.97
C GLY B 139 16.67 -25.27 51.02
N LEU B 140 17.38 -26.15 51.77
CA LEU B 140 18.85 -25.99 51.97
C LEU B 140 19.78 -27.21 51.73
N ILE B 141 21.12 -26.96 51.47
CA ILE B 141 22.27 -27.92 51.42
C ILE B 141 23.47 -27.44 52.29
N LYS B 142 23.52 -27.91 53.55
CA LYS B 142 24.59 -27.71 54.55
C LYS B 142 25.30 -26.36 54.52
N ALA B 147 26.58 -28.65 46.10
CA ALA B 147 25.13 -28.41 46.13
C ALA B 147 24.37 -29.20 45.06
N GLU B 148 24.98 -29.42 43.88
CA GLU B 148 24.36 -30.09 42.73
C GLU B 148 24.13 -31.60 42.97
N VAL B 149 22.85 -31.98 43.24
CA VAL B 149 22.46 -33.39 43.48
C VAL B 149 21.85 -34.09 42.23
N GLU B 150 21.63 -35.41 42.32
CA GLU B 150 21.02 -36.22 41.25
C GLU B 150 19.50 -36.18 41.32
N LEU B 151 18.84 -35.93 40.16
CA LEU B 151 17.38 -35.90 40.07
C LEU B 151 16.78 -37.07 39.31
N LYS B 152 15.94 -37.84 40.02
CA LYS B 152 15.27 -39.03 39.50
C LYS B 152 14.21 -38.67 38.45
N LYS B 153 14.64 -38.66 37.15
CA LYS B 153 13.79 -38.42 35.97
C LYS B 153 12.64 -39.44 35.92
N GLY B 154 11.49 -39.00 36.40
CA GLY B 154 10.32 -39.83 36.65
C GLY B 154 9.76 -39.55 38.03
N ALA B 155 10.33 -40.20 39.05
CA ALA B 155 10.05 -40.19 40.50
C ALA B 155 8.83 -39.42 41.07
N THR B 156 9.00 -38.83 42.27
CA THR B 156 8.02 -38.03 43.01
C THR B 156 8.75 -37.18 44.05
N LEU B 157 8.25 -35.95 44.28
CA LEU B 157 8.77 -35.05 45.31
C LEU B 157 7.66 -34.41 46.13
N LYS B 158 7.73 -34.56 47.47
CA LYS B 158 6.75 -34.03 48.41
C LYS B 158 6.99 -32.54 48.67
N ILE B 159 6.05 -31.68 48.25
CA ILE B 159 6.17 -30.23 48.43
C ILE B 159 5.15 -29.69 49.44
N THR B 160 5.64 -29.28 50.63
CA THR B 160 4.83 -28.72 51.74
C THR B 160 5.41 -27.36 52.18
N LEU B 161 4.67 -26.60 53.00
CA LEU B 161 5.06 -25.26 53.43
C LEU B 161 5.59 -25.17 54.88
N ASP B 162 5.50 -26.28 55.65
CA ASP B 162 5.88 -26.37 57.08
C ASP B 162 7.40 -26.49 57.31
N ASN B 163 8.17 -26.87 56.27
CA ASN B 163 9.61 -27.20 56.28
C ASN B 163 9.89 -28.48 57.07
N ALA B 164 10.19 -29.57 56.33
CA ALA B 164 10.47 -30.90 56.90
C ALA B 164 11.88 -31.41 56.54
N TYR B 165 12.22 -31.42 55.23
CA TYR B 165 13.56 -31.74 54.73
C TYR B 165 14.28 -30.43 54.38
N MET B 166 14.39 -29.54 55.40
CA MET B 166 14.90 -28.18 55.29
C MET B 166 16.41 -28.16 55.00
N GLU B 167 17.22 -28.83 55.86
CA GLU B 167 18.69 -28.82 55.85
C GLU B 167 19.35 -29.55 54.68
N LYS B 168 18.71 -30.62 54.17
CA LYS B 168 19.23 -31.41 53.06
C LYS B 168 18.28 -31.38 51.85
N CYS B 169 18.84 -31.06 50.66
CA CYS B 169 18.14 -31.12 49.38
C CYS B 169 18.58 -32.31 48.50
N ASP B 170 17.84 -33.42 48.65
CA ASP B 170 18.02 -34.68 47.93
C ASP B 170 16.74 -34.99 47.16
N GLU B 171 16.86 -35.72 46.02
CA GLU B 171 15.70 -36.18 45.25
C GLU B 171 14.79 -37.10 46.12
N ASN B 172 13.91 -36.46 46.93
CA ASN B 172 12.91 -37.06 47.83
C ASN B 172 11.93 -36.01 48.37
N ILE B 173 12.43 -35.00 49.14
CA ILE B 173 11.58 -34.01 49.81
C ILE B 173 12.11 -32.56 49.79
N LEU B 174 11.23 -31.60 49.37
CA LEU B 174 11.49 -30.16 49.15
C LEU B 174 10.32 -29.26 49.61
N TRP B 175 10.65 -28.17 50.32
CA TRP B 175 9.71 -27.17 50.83
C TRP B 175 9.84 -25.78 50.11
N LEU B 176 8.78 -24.93 50.21
CA LEU B 176 8.61 -23.66 49.48
C LEU B 176 8.29 -22.44 50.39
N ASP B 177 8.45 -21.21 49.85
CA ASP B 177 8.16 -19.96 50.57
C ASP B 177 6.81 -19.36 50.16
N TYR B 178 6.23 -19.83 49.04
CA TYR B 178 4.95 -19.33 48.52
C TYR B 178 3.72 -19.93 49.23
N LYS B 179 3.09 -19.09 50.07
CA LYS B 179 1.93 -19.40 50.92
C LYS B 179 0.66 -19.74 50.09
N ASN B 180 0.30 -18.88 49.11
CA ASN B 180 -0.92 -18.99 48.28
C ASN B 180 -0.75 -19.85 47.01
N ILE B 181 0.19 -20.83 47.06
CA ILE B 181 0.54 -21.79 45.99
C ILE B 181 -0.66 -22.54 45.39
N CYS B 182 -1.58 -23.04 46.27
CA CYS B 182 -2.70 -23.92 45.95
C CYS B 182 -3.92 -23.19 45.34
N LYS B 183 -4.09 -21.90 45.66
CA LYS B 183 -5.12 -21.02 45.11
C LYS B 183 -4.81 -20.56 43.66
N VAL B 184 -3.52 -20.61 43.24
CA VAL B 184 -3.07 -20.19 41.89
C VAL B 184 -2.66 -21.36 40.98
N VAL B 185 -2.35 -22.55 41.56
CA VAL B 185 -2.01 -23.78 40.83
C VAL B 185 -2.99 -24.92 41.13
N GLU B 186 -3.50 -25.58 40.05
CA GLU B 186 -4.45 -26.71 40.11
C GLU B 186 -3.74 -28.05 39.78
N VAL B 187 -4.46 -29.20 39.88
CA VAL B 187 -3.94 -30.51 39.44
C VAL B 187 -3.81 -30.50 37.90
N GLY B 188 -2.58 -30.66 37.43
CA GLY B 188 -2.23 -30.57 36.02
C GLY B 188 -1.73 -29.20 35.60
N SER B 189 -1.19 -28.42 36.55
CA SER B 189 -0.46 -27.18 36.30
C SER B 189 1.03 -27.44 36.55
N LYS B 190 1.90 -27.12 35.57
CA LYS B 190 3.35 -27.38 35.68
C LYS B 190 4.09 -26.37 36.59
N ILE B 191 5.26 -26.78 37.14
CA ILE B 191 6.11 -26.00 38.05
C ILE B 191 7.59 -26.11 37.67
N TYR B 192 8.23 -24.96 37.40
CA TYR B 192 9.66 -24.94 37.08
C TYR B 192 10.56 -24.65 38.29
N VAL B 193 11.76 -25.26 38.30
CA VAL B 193 12.78 -25.08 39.35
C VAL B 193 14.14 -24.77 38.70
N ASP B 194 14.90 -23.83 39.30
CA ASP B 194 16.27 -23.41 38.94
C ASP B 194 16.41 -22.86 37.49
N ASP B 195 15.70 -21.73 37.22
CA ASP B 195 15.52 -21.14 35.89
C ASP B 195 15.00 -22.19 34.87
N GLY B 196 13.88 -22.80 35.24
CA GLY B 196 13.16 -23.76 34.41
C GLY B 196 13.79 -25.13 34.21
N LEU B 197 14.93 -25.42 34.89
CA LEU B 197 15.72 -26.63 34.66
C LEU B 197 14.96 -27.90 35.02
N ILE B 198 14.37 -27.93 36.22
CA ILE B 198 13.57 -29.05 36.69
C ILE B 198 12.10 -28.80 36.37
N SER B 199 11.48 -29.71 35.62
CA SER B 199 10.05 -29.67 35.40
C SER B 199 9.34 -30.61 36.36
N LEU B 200 8.14 -30.20 36.77
CA LEU B 200 7.26 -30.93 37.70
C LEU B 200 5.79 -30.66 37.35
N GLN B 201 4.97 -31.72 37.26
CA GLN B 201 3.53 -31.57 37.06
C GLN B 201 2.74 -31.92 38.34
N VAL B 202 1.80 -31.03 38.71
CA VAL B 202 0.94 -31.14 39.90
C VAL B 202 -0.09 -32.25 39.70
N LYS B 203 -0.06 -33.27 40.58
CA LYS B 203 -0.97 -34.40 40.53
C LYS B 203 -1.97 -34.41 41.70
N GLN B 204 -1.60 -33.78 42.84
CA GLN B 204 -2.47 -33.66 44.02
C GLN B 204 -2.22 -32.38 44.84
N LYS B 205 -3.32 -31.81 45.38
CA LYS B 205 -3.42 -30.67 46.32
C LYS B 205 -3.41 -31.20 47.81
N GLY B 206 -3.42 -30.33 48.85
CA GLY B 206 -3.49 -28.87 48.85
C GLY B 206 -4.82 -28.37 49.41
N ALA B 207 -4.97 -28.11 50.75
CA ALA B 207 -4.03 -28.22 51.89
C ALA B 207 -2.71 -27.44 51.76
N ASP B 208 -1.64 -27.89 52.46
CA ASP B 208 -0.28 -27.36 52.35
C ASP B 208 0.59 -28.24 51.44
N PHE B 209 0.17 -29.51 51.23
CA PHE B 209 0.90 -30.56 50.50
C PHE B 209 0.71 -30.48 48.98
N LEU B 210 1.67 -31.06 48.22
CA LEU B 210 1.66 -31.17 46.76
C LEU B 210 2.35 -32.48 46.31
N VAL B 211 1.60 -33.39 45.63
CA VAL B 211 2.14 -34.66 45.12
C VAL B 211 2.48 -34.55 43.63
N THR B 212 3.72 -34.90 43.25
CA THR B 212 4.25 -34.56 41.93
C THR B 212 4.87 -35.72 41.18
N GLU B 213 5.04 -35.54 39.84
CA GLU B 213 5.91 -36.33 38.98
C GLU B 213 7.03 -35.44 38.45
N VAL B 214 8.23 -36.02 38.27
CA VAL B 214 9.43 -35.35 37.72
C VAL B 214 9.42 -35.51 36.19
N GLU B 215 9.50 -34.38 35.47
CA GLU B 215 9.52 -34.37 34.00
C GLU B 215 10.93 -34.16 33.44
N ASN B 216 11.80 -33.45 34.20
CA ASN B 216 13.18 -33.21 33.77
C ASN B 216 14.20 -33.56 34.85
N GLY B 217 15.29 -34.19 34.42
CA GLY B 217 16.43 -34.51 35.26
C GLY B 217 17.55 -33.50 35.12
N GLY B 218 18.04 -33.01 36.25
CA GLY B 218 19.11 -32.02 36.31
C GLY B 218 19.75 -31.89 37.67
N SER B 219 20.54 -30.82 37.84
CA SER B 219 21.27 -30.52 39.08
C SER B 219 20.40 -29.72 40.08
N LEU B 220 19.84 -30.42 41.09
CA LEU B 220 19.00 -29.83 42.15
C LEU B 220 19.88 -29.11 43.16
N GLY B 221 19.62 -27.82 43.33
CA GLY B 221 20.39 -26.95 44.21
C GLY B 221 19.85 -26.87 45.62
N SER B 222 19.72 -25.63 46.12
CA SER B 222 19.35 -25.26 47.49
C SER B 222 18.87 -23.80 47.47
N LYS B 223 17.67 -23.52 48.05
CA LYS B 223 16.99 -22.22 48.05
C LYS B 223 16.94 -21.67 46.62
N LYS B 224 16.40 -22.50 45.70
CA LYS B 224 16.42 -22.26 44.26
C LYS B 224 15.12 -21.66 43.68
N GLY B 225 15.21 -21.11 42.47
CA GLY B 225 14.14 -20.36 41.81
C GLY B 225 12.98 -21.20 41.31
N VAL B 226 11.75 -20.74 41.56
CA VAL B 226 10.52 -21.46 41.19
C VAL B 226 9.67 -20.59 40.27
N ASN B 227 9.27 -21.16 39.12
CA ASN B 227 8.32 -20.54 38.20
C ASN B 227 7.00 -21.28 38.15
N LEU B 228 5.89 -20.53 38.01
CA LEU B 228 4.56 -21.12 37.88
C LEU B 228 3.91 -20.75 36.55
N PRO B 229 4.28 -21.49 35.48
CA PRO B 229 3.78 -21.15 34.13
C PRO B 229 2.26 -21.15 34.03
N GLY B 230 1.74 -20.11 33.39
CA GLY B 230 0.32 -19.86 33.23
C GLY B 230 -0.34 -19.19 34.42
N ALA B 231 0.15 -19.49 35.69
CA ALA B 231 -0.45 -18.98 36.93
C ALA B 231 -0.31 -17.47 37.10
N ALA B 232 -1.42 -16.84 37.58
CA ALA B 232 -1.47 -15.44 38.01
C ALA B 232 -1.03 -15.42 39.48
N VAL B 233 0.28 -15.19 39.71
CA VAL B 233 0.92 -15.27 41.03
C VAL B 233 0.51 -14.06 41.90
N ASP B 234 0.02 -14.32 43.13
CA ASP B 234 -0.39 -13.28 44.08
C ASP B 234 0.64 -13.09 45.22
N LEU B 235 1.86 -12.74 44.80
CA LEU B 235 2.94 -12.23 45.65
C LEU B 235 2.93 -10.71 45.55
N PRO B 236 3.39 -9.92 46.56
CA PRO B 236 3.40 -8.47 46.39
C PRO B 236 4.26 -8.03 45.20
N ALA B 237 3.76 -7.05 44.48
CA ALA B 237 4.46 -6.41 43.38
C ALA B 237 5.77 -5.86 43.90
N VAL B 238 5.69 -5.19 45.05
CA VAL B 238 6.80 -4.54 45.69
C VAL B 238 6.99 -5.20 47.06
N SER B 239 7.97 -6.15 47.12
CA SER B 239 8.39 -6.86 48.32
C SER B 239 9.08 -5.91 49.31
N GLU B 240 9.32 -6.38 50.55
CA GLU B 240 9.96 -5.56 51.60
C GLU B 240 11.37 -5.14 51.17
N LYS B 241 12.12 -6.10 50.59
CA LYS B 241 13.42 -5.88 49.99
C LYS B 241 13.31 -4.84 48.86
N ASP B 242 12.31 -5.00 47.94
CA ASP B 242 12.11 -4.07 46.82
C ASP B 242 11.91 -2.66 47.35
N ILE B 243 11.10 -2.51 48.41
CA ILE B 243 10.87 -1.23 49.09
C ILE B 243 12.23 -0.60 49.49
N GLN B 244 13.11 -1.34 50.18
CA GLN B 244 14.38 -0.78 50.65
C GLN B 244 15.30 -0.44 49.49
N ASP B 245 15.28 -1.28 48.47
CA ASP B 245 16.04 -1.08 47.25
C ASP B 245 15.58 0.20 46.53
N LEU B 246 14.27 0.32 46.32
CA LEU B 246 13.70 1.46 45.61
C LEU B 246 14.00 2.77 46.33
N LYS B 247 13.96 2.76 47.67
CA LYS B 247 14.32 3.90 48.50
C LYS B 247 15.78 4.25 48.34
N PHE B 248 16.65 3.20 48.32
CA PHE B 248 18.09 3.34 48.06
C PHE B 248 18.34 3.99 46.69
N GLY B 249 17.61 3.54 45.67
CA GLY B 249 17.64 4.13 44.33
C GLY B 249 17.39 5.63 44.30
N VAL B 250 16.36 6.08 45.04
CA VAL B 250 16.05 7.50 45.19
C VAL B 250 17.25 8.24 45.84
N GLU B 251 17.78 7.71 46.97
CA GLU B 251 18.96 8.26 47.65
C GLU B 251 20.17 8.36 46.71
N GLN B 252 20.32 7.39 45.82
CA GLN B 252 21.49 7.28 44.95
C GLN B 252 21.29 8.01 43.64
N ASP B 253 20.12 8.69 43.46
CA ASP B 253 19.78 9.49 42.28
C ASP B 253 19.87 8.65 41.00
N VAL B 254 19.24 7.46 41.01
CA VAL B 254 19.22 6.61 39.82
C VAL B 254 18.29 7.23 38.76
N ASP B 255 18.52 6.92 37.49
CA ASP B 255 17.74 7.52 36.40
C ASP B 255 16.44 6.78 36.11
N MET B 256 16.43 5.46 36.36
CA MET B 256 15.35 4.57 35.96
C MET B 256 15.30 3.31 36.80
N VAL B 257 14.08 2.75 36.93
CA VAL B 257 13.86 1.47 37.57
C VAL B 257 13.34 0.48 36.55
N PHE B 258 13.97 -0.69 36.51
CA PHE B 258 13.51 -1.82 35.73
C PHE B 258 12.78 -2.69 36.72
N ALA B 259 11.43 -2.59 36.72
CA ALA B 259 10.62 -3.28 37.71
C ALA B 259 10.29 -4.71 37.29
N SER B 260 10.77 -5.65 38.13
CA SER B 260 10.62 -7.09 37.94
C SER B 260 9.19 -7.61 38.09
N PHE B 261 8.84 -8.63 37.30
CA PHE B 261 7.59 -9.41 37.35
C PHE B 261 6.32 -8.57 37.37
N ILE B 262 6.25 -7.53 36.53
CA ILE B 262 5.04 -6.72 36.44
C ILE B 262 3.92 -7.50 35.76
N ARG B 263 2.82 -7.67 36.47
CA ARG B 263 1.69 -8.49 36.01
C ARG B 263 0.48 -7.64 35.58
N LYS B 264 0.39 -6.41 36.07
CA LYS B 264 -0.81 -5.56 35.96
C LYS B 264 -0.45 -4.10 36.23
N ALA B 265 -1.33 -3.17 35.80
CA ALA B 265 -1.17 -1.72 36.00
C ALA B 265 -0.98 -1.33 37.47
N SER B 266 -1.73 -1.98 38.40
CA SER B 266 -1.64 -1.69 39.84
C SER B 266 -0.26 -1.99 40.41
N ASP B 267 0.45 -2.98 39.81
CA ASP B 267 1.87 -3.24 40.11
C ASP B 267 2.75 -2.01 39.82
N VAL B 268 2.61 -1.41 38.62
CA VAL B 268 3.31 -0.19 38.22
C VAL B 268 2.98 0.97 39.16
N HIS B 269 1.68 1.16 39.47
CA HIS B 269 1.24 2.19 40.41
C HIS B 269 1.89 2.04 41.79
N GLU B 270 2.05 0.79 42.26
CA GLU B 270 2.74 0.51 43.51
C GLU B 270 4.19 0.96 43.50
N VAL B 271 4.93 0.68 42.42
CA VAL B 271 6.34 1.10 42.29
C VAL B 271 6.42 2.61 42.33
N ARG B 272 5.50 3.26 41.58
CA ARG B 272 5.38 4.71 41.42
C ARG B 272 5.14 5.37 42.79
N LYS B 273 4.20 4.83 43.58
CA LYS B 273 3.93 5.30 44.94
C LYS B 273 5.12 5.10 45.86
N VAL B 274 5.85 3.96 45.74
CA VAL B 274 7.04 3.72 46.55
C VAL B 274 8.14 4.73 46.26
N LEU B 275 8.44 4.97 44.95
CA LEU B 275 9.35 6.05 44.53
C LEU B 275 8.96 7.45 45.08
N GLY B 276 7.65 7.71 45.16
CA GLY B 276 7.09 8.91 45.79
C GLY B 276 7.44 10.23 45.14
N GLU B 277 7.20 11.36 45.84
CA GLU B 277 7.49 12.70 45.31
C GLU B 277 8.99 12.80 44.97
N LYS B 278 9.84 12.26 45.86
CA LYS B 278 11.28 12.36 45.74
C LYS B 278 11.81 11.63 44.50
N GLY B 279 11.16 10.53 44.12
CA GLY B 279 11.49 9.85 42.88
C GLY B 279 10.51 9.99 41.73
N LYS B 280 9.76 11.06 41.69
CA LYS B 280 8.69 11.29 40.69
C LYS B 280 9.22 11.38 39.25
N ASN B 281 10.52 11.76 39.09
CA ASN B 281 11.15 11.90 37.76
C ASN B 281 11.89 10.66 37.30
N ILE B 282 12.02 9.65 38.18
CA ILE B 282 12.67 8.38 37.84
C ILE B 282 11.75 7.59 36.91
N LYS B 283 12.27 7.16 35.77
CA LYS B 283 11.51 6.39 34.79
C LYS B 283 11.25 4.97 35.26
N ILE B 284 9.98 4.54 35.17
CA ILE B 284 9.60 3.16 35.49
C ILE B 284 9.44 2.36 34.19
N ILE B 285 10.33 1.38 33.99
CA ILE B 285 10.33 0.41 32.87
C ILE B 285 9.79 -0.90 33.44
N SER B 286 8.62 -1.32 33.00
CA SER B 286 8.02 -2.57 33.45
C SER B 286 8.61 -3.74 32.70
N LYS B 287 9.17 -4.70 33.47
CA LYS B 287 9.65 -5.94 32.90
C LYS B 287 8.49 -6.93 32.74
N ILE B 288 8.28 -7.36 31.46
CA ILE B 288 7.31 -8.39 31.07
C ILE B 288 7.99 -9.74 31.05
N GLU B 289 7.64 -10.53 32.10
CA GLU B 289 8.31 -11.74 32.60
C GLU B 289 7.45 -13.02 32.55
N ASN B 290 6.12 -12.90 32.33
CA ASN B 290 5.21 -14.06 32.34
C ASN B 290 3.94 -13.82 31.50
N HIS B 291 3.03 -14.83 31.44
CA HIS B 291 1.84 -14.84 30.60
C HIS B 291 0.89 -13.72 31.00
N GLU B 292 0.67 -13.49 32.33
CA GLU B 292 -0.14 -12.38 32.83
C GLU B 292 0.30 -10.99 32.34
N GLY B 293 1.61 -10.75 32.33
CA GLY B 293 2.16 -9.48 31.86
C GLY B 293 1.88 -9.23 30.38
N VAL B 294 1.98 -10.28 29.55
CA VAL B 294 1.68 -10.28 28.13
C VAL B 294 0.19 -10.06 27.93
N ARG B 295 -0.64 -10.78 28.69
CA ARG B 295 -2.08 -10.63 28.52
C ARG B 295 -2.59 -9.21 28.94
N ARG B 296 -2.04 -8.67 30.04
CA ARG B 296 -2.38 -7.36 30.60
C ARG B 296 -1.43 -6.28 30.09
N PHE B 297 -0.77 -6.53 28.96
CA PHE B 297 0.23 -5.64 28.38
C PHE B 297 -0.22 -4.19 28.19
N ASP B 298 -1.44 -3.98 27.65
CA ASP B 298 -1.92 -2.64 27.33
C ASP B 298 -2.03 -1.76 28.53
N GLU B 299 -2.59 -2.30 29.64
CA GLU B 299 -2.73 -1.52 30.87
C GLU B 299 -1.39 -1.26 31.54
N ILE B 300 -0.46 -2.22 31.44
CA ILE B 300 0.90 -2.07 31.96
C ILE B 300 1.61 -0.94 31.19
N LEU B 301 1.60 -1.03 29.84
CA LEU B 301 2.20 -0.03 28.98
C LEU B 301 1.70 1.40 29.29
N GLU B 302 0.39 1.57 29.45
CA GLU B 302 -0.22 2.86 29.72
C GLU B 302 0.30 3.45 31.04
N ALA B 303 0.51 2.59 32.05
CA ALA B 303 0.94 2.99 33.39
C ALA B 303 2.47 3.21 33.50
N SER B 304 3.25 2.68 32.53
CA SER B 304 4.72 2.68 32.60
C SER B 304 5.34 3.79 31.74
N ASP B 305 6.64 4.05 32.00
CA ASP B 305 7.43 4.92 31.14
C ASP B 305 7.99 4.20 29.96
N GLY B 306 8.17 2.90 30.09
CA GLY B 306 8.64 2.00 29.03
C GLY B 306 8.51 0.55 29.44
N ILE B 307 8.97 -0.35 28.56
CA ILE B 307 8.83 -1.80 28.71
C ILE B 307 10.18 -2.44 28.49
N MET B 308 10.49 -3.45 29.33
CA MET B 308 11.53 -4.44 28.99
C MET B 308 10.89 -5.80 28.63
N VAL B 309 11.21 -6.30 27.42
CA VAL B 309 10.98 -7.68 27.00
C VAL B 309 12.05 -8.54 27.70
N ALA B 310 11.68 -9.08 28.88
CA ALA B 310 12.53 -9.84 29.79
C ALA B 310 12.47 -11.31 29.39
N ARG B 311 13.17 -11.64 28.29
CA ARG B 311 13.07 -12.91 27.57
C ARG B 311 13.48 -14.14 28.39
N GLY B 312 14.39 -13.93 29.37
CA GLY B 312 14.85 -14.95 30.31
C GLY B 312 13.70 -15.66 31.03
N ASP B 313 13.08 -14.94 31.96
CA ASP B 313 11.89 -15.44 32.66
C ASP B 313 10.71 -15.73 31.73
N LEU B 314 10.48 -14.85 30.75
CA LEU B 314 9.38 -15.03 29.79
C LEU B 314 9.49 -16.42 29.07
N GLY B 315 10.69 -16.75 28.61
CA GLY B 315 11.00 -18.01 27.95
C GLY B 315 10.94 -19.25 28.82
N ILE B 316 10.82 -19.07 30.17
CA ILE B 316 10.48 -20.16 31.11
C ILE B 316 8.97 -20.25 31.29
N GLU B 317 8.32 -19.11 31.52
CA GLU B 317 6.89 -19.05 31.82
C GLU B 317 5.99 -19.44 30.64
N ILE B 318 6.39 -19.04 29.42
CA ILE B 318 5.67 -19.38 28.19
C ILE B 318 6.56 -20.31 27.34
N PRO B 319 6.03 -21.13 26.40
CA PRO B 319 6.94 -21.94 25.57
C PRO B 319 7.98 -21.10 24.84
N ALA B 320 9.24 -21.56 24.88
CA ALA B 320 10.37 -20.86 24.28
C ALA B 320 10.12 -20.42 22.83
N GLU B 321 9.40 -21.27 22.07
CA GLU B 321 9.10 -21.02 20.64
C GLU B 321 8.11 -19.86 20.42
N LYS B 322 7.50 -19.32 21.50
CA LYS B 322 6.52 -18.24 21.44
C LYS B 322 7.11 -16.89 21.83
N VAL B 323 8.35 -16.87 22.34
CA VAL B 323 8.95 -15.64 22.88
C VAL B 323 9.08 -14.56 21.80
N PHE B 324 9.47 -14.93 20.57
CA PHE B 324 9.60 -14.00 19.45
C PHE B 324 8.25 -13.32 19.13
N LEU B 325 7.14 -14.06 19.31
CA LEU B 325 5.78 -13.49 19.11
C LEU B 325 5.54 -12.38 20.13
N ALA B 326 5.80 -12.64 21.43
CA ALA B 326 5.59 -11.68 22.50
C ALA B 326 6.58 -10.49 22.33
N GLN B 327 7.86 -10.75 22.00
CA GLN B 327 8.85 -9.71 21.70
C GLN B 327 8.34 -8.77 20.56
N LYS B 328 7.95 -9.32 19.41
CA LYS B 328 7.50 -8.50 18.28
C LYS B 328 6.17 -7.81 18.58
N MET B 329 5.28 -8.46 19.36
CA MET B 329 4.01 -7.82 19.79
C MET B 329 4.32 -6.59 20.65
N MET B 330 5.22 -6.72 21.64
CA MET B 330 5.48 -5.67 22.64
C MET B 330 6.26 -4.54 22.00
N ILE B 331 7.26 -4.85 21.15
CA ILE B 331 8.01 -3.81 20.41
C ILE B 331 7.04 -2.99 19.54
N GLY B 332 6.19 -3.68 18.77
CA GLY B 332 5.19 -3.06 17.92
C GLY B 332 4.27 -2.13 18.68
N ARG B 333 3.72 -2.59 19.83
CA ARG B 333 2.79 -1.79 20.65
C ARG B 333 3.45 -0.60 21.31
N CYS B 334 4.73 -0.73 21.64
CA CYS B 334 5.54 0.31 22.25
C CYS B 334 5.85 1.37 21.22
N ASN B 335 6.23 0.95 19.99
CA ASN B 335 6.48 1.83 18.88
C ASN B 335 5.22 2.62 18.56
N ARG B 336 4.10 1.95 18.53
CA ARG B 336 2.77 2.55 18.34
C ARG B 336 2.45 3.58 19.47
N ALA B 337 2.84 3.30 20.71
CA ALA B 337 2.58 4.19 21.87
C ALA B 337 3.65 5.27 22.00
N GLY B 338 4.77 5.14 21.28
CA GLY B 338 5.94 5.99 21.44
C GLY B 338 6.63 5.83 22.78
N LYS B 339 6.53 4.64 23.38
CA LYS B 339 7.18 4.37 24.66
C LYS B 339 8.41 3.50 24.51
N PRO B 340 9.52 3.80 25.25
CA PRO B 340 10.74 2.98 25.07
C PRO B 340 10.51 1.49 25.31
N VAL B 341 11.09 0.66 24.43
CA VAL B 341 11.12 -0.74 24.61
C VAL B 341 12.61 -1.27 24.55
N ILE B 342 12.96 -2.10 25.58
CA ILE B 342 14.24 -2.75 25.75
C ILE B 342 14.04 -4.18 25.36
N CYS B 343 14.90 -4.69 24.44
CA CYS B 343 15.05 -6.13 24.24
C CYS B 343 16.22 -6.67 25.10
N ALA B 344 15.90 -7.65 25.96
CA ALA B 344 16.84 -8.12 26.97
C ALA B 344 17.01 -9.64 26.93
N THR B 345 18.20 -10.10 27.41
CA THR B 345 18.53 -11.48 27.80
C THR B 345 19.07 -12.37 26.70
N GLN B 346 20.33 -12.85 26.87
CA GLN B 346 20.99 -13.83 26.01
C GLN B 346 21.25 -13.36 24.59
N MET B 347 21.25 -12.04 24.37
CA MET B 347 21.47 -11.49 23.03
C MET B 347 22.81 -11.89 22.43
N LEU B 348 23.88 -11.89 23.26
CA LEU B 348 25.22 -12.31 22.85
C LEU B 348 25.79 -13.26 23.88
N GLU B 349 24.97 -14.22 24.34
CA GLU B 349 25.28 -15.11 25.47
C GLU B 349 26.63 -15.81 25.37
N SER B 350 27.01 -16.31 24.17
CA SER B 350 28.26 -17.08 24.03
C SER B 350 29.48 -16.21 24.20
N MET B 351 29.30 -14.89 24.13
CA MET B 351 30.42 -13.95 24.40
C MET B 351 30.86 -13.89 25.86
N ILE B 352 30.09 -14.52 26.79
CA ILE B 352 30.56 -14.76 28.16
C ILE B 352 31.90 -15.52 28.15
N LYS B 353 32.04 -16.50 27.23
CA LYS B 353 33.22 -17.33 27.14
C LYS B 353 34.06 -17.09 25.87
N LYS B 354 33.48 -16.50 24.79
CA LYS B 354 34.16 -16.42 23.49
C LYS B 354 34.27 -14.97 23.02
N PRO B 355 35.35 -14.58 22.29
CA PRO B 355 35.48 -13.14 21.91
C PRO B 355 34.63 -12.72 20.70
N ARG B 356 33.97 -13.69 20.04
CA ARG B 356 33.07 -13.44 18.90
C ARG B 356 31.70 -14.06 19.22
N PRO B 357 30.58 -13.48 18.76
CA PRO B 357 29.28 -14.11 19.01
C PRO B 357 28.97 -15.23 18.02
N THR B 358 27.98 -16.09 18.35
CA THR B 358 27.45 -17.03 17.37
C THR B 358 26.62 -16.27 16.30
N ARG B 359 26.32 -16.93 15.16
CA ARG B 359 25.62 -16.27 14.07
C ARG B 359 24.15 -16.01 14.45
N ALA B 360 23.59 -16.84 15.38
CA ALA B 360 22.23 -16.69 15.92
C ALA B 360 22.16 -15.43 16.76
N GLU B 361 23.27 -15.10 17.41
CA GLU B 361 23.36 -13.94 18.31
C GLU B 361 23.49 -12.64 17.52
N GLY B 362 24.33 -12.65 16.48
CA GLY B 362 24.39 -11.53 15.56
C GLY B 362 23.05 -11.25 14.90
N SER B 363 22.35 -12.29 14.49
CA SER B 363 21.02 -12.23 13.91
C SER B 363 19.99 -11.62 14.91
N ASP B 364 20.04 -12.06 16.17
CA ASP B 364 19.13 -11.67 17.23
C ASP B 364 19.24 -10.20 17.47
N VAL B 365 20.48 -9.70 17.65
CA VAL B 365 20.70 -8.25 17.83
C VAL B 365 20.15 -7.47 16.62
N ALA B 366 20.46 -7.93 15.38
CA ALA B 366 20.08 -7.18 14.20
C ALA B 366 18.54 -7.12 14.12
N ASN B 367 17.87 -8.25 14.43
CA ASN B 367 16.42 -8.37 14.34
C ASN B 367 15.70 -7.62 15.39
N ALA B 368 16.25 -7.57 16.63
CA ALA B 368 15.68 -6.65 17.68
C ALA B 368 15.66 -5.18 17.20
N VAL B 369 16.71 -4.77 16.50
CA VAL B 369 16.80 -3.39 15.97
C VAL B 369 15.79 -3.25 14.85
N LEU B 370 15.79 -4.16 13.89
CA LEU B 370 14.79 -4.18 12.81
C LEU B 370 13.36 -4.26 13.32
N ASP B 371 13.12 -4.96 14.44
CA ASP B 371 11.79 -5.07 15.03
C ASP B 371 11.29 -3.71 15.46
N GLY B 372 12.20 -2.87 15.96
CA GLY B 372 11.90 -1.51 16.37
C GLY B 372 12.38 -1.16 17.76
N ALA B 373 13.17 -2.03 18.44
CA ALA B 373 13.63 -1.86 19.84
C ALA B 373 14.46 -0.58 20.03
N ASP B 374 14.19 0.17 21.12
CA ASP B 374 14.88 1.41 21.40
C ASP B 374 16.25 1.15 21.94
N CYS B 375 16.34 0.13 22.82
CA CYS B 375 17.57 -0.31 23.46
C CYS B 375 17.72 -1.77 23.30
N ILE B 376 18.98 -2.22 23.29
CA ILE B 376 19.39 -3.61 23.47
C ILE B 376 20.19 -3.71 24.74
N MET B 377 20.18 -4.88 25.34
CA MET B 377 20.77 -5.10 26.66
C MET B 377 21.81 -6.21 26.70
N LEU B 378 22.79 -6.04 27.61
CA LEU B 378 23.77 -7.06 27.98
C LEU B 378 23.65 -7.38 29.47
N SER B 379 23.58 -8.67 29.78
CA SER B 379 23.52 -9.16 31.15
C SER B 379 24.84 -9.83 31.51
N GLY B 380 24.89 -11.16 31.49
CA GLY B 380 26.11 -11.91 31.85
C GLY B 380 27.30 -11.57 30.97
N GLU B 381 27.02 -11.06 29.73
CA GLU B 381 28.06 -10.72 28.74
C GLU B 381 28.96 -9.61 29.27
N THR B 382 28.38 -8.67 30.04
CA THR B 382 29.13 -7.54 30.64
C THR B 382 29.29 -7.70 32.14
N ALA B 383 28.35 -8.37 32.84
CA ALA B 383 28.48 -8.53 34.30
C ALA B 383 29.62 -9.47 34.69
N LYS B 384 29.73 -10.62 34.01
CA LYS B 384 30.62 -11.67 34.49
C LYS B 384 31.50 -12.30 33.44
N GLY B 385 31.32 -11.92 32.19
CA GLY B 385 31.95 -12.61 31.08
C GLY B 385 33.42 -12.28 30.90
N ASP B 386 34.08 -13.01 30.02
CA ASP B 386 35.50 -12.79 29.73
C ASP B 386 35.79 -11.69 28.71
N TYR B 387 34.73 -11.24 28.00
CA TYR B 387 34.86 -10.28 26.92
C TYR B 387 33.78 -9.17 26.99
N PRO B 388 33.70 -8.41 28.13
CA PRO B 388 32.64 -7.39 28.24
C PRO B 388 32.75 -6.31 27.18
N LEU B 389 33.97 -5.79 26.90
CA LEU B 389 34.14 -4.70 25.94
C LEU B 389 33.85 -5.17 24.51
N GLU B 390 34.24 -6.40 24.18
CA GLU B 390 33.92 -6.96 22.87
C GLU B 390 32.41 -7.10 22.70
N ALA B 391 31.69 -7.48 23.77
CA ALA B 391 30.23 -7.63 23.72
C ALA B 391 29.56 -6.28 23.42
N VAL B 392 29.98 -5.21 24.15
CA VAL B 392 29.52 -3.84 23.97
C VAL B 392 29.76 -3.36 22.53
N ARG B 393 31.01 -3.46 22.07
CA ARG B 393 31.44 -3.15 20.71
C ARG B 393 30.62 -3.83 19.67
N MET B 394 30.28 -5.10 19.88
CA MET B 394 29.52 -5.92 18.93
C MET B 394 28.07 -5.40 18.84
N GLN B 395 27.46 -5.10 19.98
CA GLN B 395 26.14 -4.50 19.98
C GLN B 395 26.09 -3.19 19.19
N HIS B 396 27.14 -2.36 19.33
CA HIS B 396 27.26 -1.07 18.63
C HIS B 396 27.43 -1.27 17.12
N LEU B 397 28.30 -2.22 16.72
CA LEU B 397 28.48 -2.52 15.31
C LEU B 397 27.23 -3.04 14.66
N ILE B 398 26.51 -3.98 15.31
CA ILE B 398 25.33 -4.62 14.73
C ILE B 398 24.19 -3.65 14.59
N ALA B 399 23.87 -2.92 15.71
CA ALA B 399 22.84 -1.90 15.79
C ALA B 399 22.95 -0.96 14.60
N ARG B 400 24.14 -0.43 14.35
CA ARG B 400 24.37 0.59 13.33
C ARG B 400 24.15 -0.01 11.95
N GLU B 401 24.65 -1.25 11.70
CA GLU B 401 24.34 -1.94 10.44
C GLU B 401 22.84 -2.15 10.27
N ALA B 402 22.13 -2.56 11.35
CA ALA B 402 20.71 -2.88 11.28
C ALA B 402 19.84 -1.64 11.08
N GLU B 403 20.23 -0.51 11.73
CA GLU B 403 19.59 0.78 11.57
C GLU B 403 19.62 1.28 10.12
N ALA B 404 20.71 1.07 9.40
CA ALA B 404 20.74 1.39 7.95
C ALA B 404 19.82 0.48 7.15
N ALA B 405 19.54 -0.71 7.65
CA ALA B 405 18.75 -1.74 6.89
C ALA B 405 17.26 -1.58 7.12
N ILE B 406 16.86 -0.66 8.02
CA ILE B 406 15.46 -0.37 8.27
C ILE B 406 14.80 0.13 6.99
N TYR B 407 13.59 -0.36 6.71
CA TYR B 407 12.82 0.11 5.57
C TYR B 407 11.96 1.26 6.07
N HIS B 408 12.61 2.47 6.19
CA HIS B 408 12.03 3.66 6.74
C HIS B 408 10.80 4.07 5.96
N LEU B 409 10.81 3.82 4.63
CA LEU B 409 9.75 4.23 3.72
C LEU B 409 8.43 3.62 4.23
N GLN B 410 8.39 2.32 4.49
CA GLN B 410 7.21 1.68 5.09
C GLN B 410 7.04 2.08 6.57
N LEU B 411 8.13 2.12 7.31
CA LEU B 411 8.01 2.38 8.74
C LEU B 411 7.37 3.74 9.01
N PHE B 412 7.83 4.78 8.32
CA PHE B 412 7.34 6.14 8.54
C PHE B 412 5.88 6.29 8.07
N GLU B 413 5.53 5.72 6.86
CA GLU B 413 4.14 5.66 6.39
C GLU B 413 3.24 5.01 7.44
N GLU B 414 3.64 3.89 8.01
CA GLU B 414 2.78 3.17 8.95
C GLU B 414 2.62 3.90 10.28
N LEU B 415 3.71 4.47 10.82
CA LEU B 415 3.69 5.21 12.09
C LEU B 415 2.77 6.41 11.99
N ARG B 416 2.85 7.15 10.84
CA ARG B 416 2.04 8.33 10.62
C ARG B 416 0.53 7.97 10.43
N ARG B 417 0.21 6.90 9.68
CA ARG B 417 -1.16 6.41 9.46
C ARG B 417 -1.82 5.98 10.76
N LEU B 418 -1.03 5.41 11.68
CA LEU B 418 -1.54 4.86 12.93
C LEU B 418 -1.52 5.86 14.11
N ALA B 419 -0.83 7.03 13.97
CA ALA B 419 -0.74 8.00 15.07
C ALA B 419 -1.93 8.95 15.10
N PRO B 420 -2.61 9.03 16.28
CA PRO B 420 -3.76 9.94 16.42
C PRO B 420 -3.54 11.38 15.98
N ILE B 421 -4.53 11.94 15.29
CA ILE B 421 -4.59 13.38 15.07
C ILE B 421 -4.91 14.02 16.44
N THR B 422 -4.06 14.96 16.86
CA THR B 422 -4.22 15.72 18.09
C THR B 422 -3.89 17.16 17.78
N SER B 423 -4.28 18.05 18.70
CA SER B 423 -4.03 19.47 18.66
C SER B 423 -2.63 19.79 19.21
N ASP B 424 -1.92 18.81 19.82
CA ASP B 424 -0.61 19.04 20.43
C ASP B 424 0.41 19.62 19.43
N PRO B 425 0.84 20.88 19.66
CA PRO B 425 1.79 21.51 18.73
C PRO B 425 3.11 20.82 18.59
N THR B 426 3.62 20.20 19.71
CA THR B 426 4.94 19.54 19.68
CA THR B 426 4.92 19.50 19.74
C THR B 426 4.90 18.26 18.85
N GLU B 427 3.76 17.52 18.90
CA GLU B 427 3.54 16.29 18.16
C GLU B 427 3.57 16.60 16.70
N ALA B 428 2.87 17.67 16.29
CA ALA B 428 2.80 18.16 14.90
C ALA B 428 4.15 18.63 14.42
N THR B 429 4.89 19.38 15.25
CA THR B 429 6.25 19.86 14.96
C THR B 429 7.18 18.70 14.75
N ALA B 430 7.07 17.69 15.64
CA ALA B 430 7.97 16.53 15.61
C ALA B 430 7.73 15.73 14.31
N VAL B 431 6.44 15.43 13.98
CA VAL B 431 6.19 14.67 12.75
C VAL B 431 6.68 15.44 11.48
N GLY B 432 6.53 16.78 11.54
CA GLY B 432 6.89 17.73 10.49
C GLY B 432 8.39 17.70 10.28
N ALA B 433 9.13 17.68 11.40
CA ALA B 433 10.59 17.65 11.43
C ALA B 433 11.07 16.34 10.85
N VAL B 434 10.38 15.22 11.19
CA VAL B 434 10.79 13.92 10.74
C VAL B 434 10.62 13.80 9.24
N GLU B 435 9.46 14.26 8.74
CA GLU B 435 9.16 14.40 7.31
C GLU B 435 10.24 15.24 6.57
N ALA B 436 10.55 16.46 7.07
CA ALA B 436 11.55 17.31 6.43
C ALA B 436 12.94 16.66 6.48
N SER B 437 13.22 15.87 7.55
CA SER B 437 14.54 15.23 7.66
C SER B 437 14.69 14.22 6.56
N PHE B 438 13.58 13.53 6.18
CA PHE B 438 13.61 12.56 5.09
C PHE B 438 13.77 13.30 3.77
N LYS B 439 13.00 14.36 3.56
CA LYS B 439 13.02 15.11 2.31
C LYS B 439 14.40 15.75 1.95
N CYS B 440 15.14 16.33 2.92
CA CYS B 440 16.44 16.96 2.64
C CYS B 440 17.64 16.09 3.03
N CYS B 441 17.39 14.81 3.44
CA CYS B 441 18.42 13.83 3.85
C CYS B 441 19.35 14.49 4.90
N SER B 442 18.74 15.06 5.96
CA SER B 442 19.49 15.84 6.94
C SER B 442 20.47 14.97 7.72
N GLY B 443 21.62 15.57 8.12
CA GLY B 443 22.60 14.92 8.99
C GLY B 443 22.16 14.72 10.43
N ALA B 444 21.10 15.43 10.91
CA ALA B 444 20.64 15.36 12.31
C ALA B 444 19.35 16.15 12.49
N ILE B 445 18.63 15.81 13.53
CA ILE B 445 17.56 16.65 14.05
C ILE B 445 18.03 17.14 15.40
N ILE B 446 18.31 18.45 15.50
CA ILE B 446 18.71 19.08 16.75
C ILE B 446 17.45 19.50 17.47
N VAL B 447 17.32 19.09 18.78
CA VAL B 447 16.13 19.42 19.58
C VAL B 447 16.61 20.04 20.89
N LEU B 448 16.16 21.26 21.24
CA LEU B 448 16.40 21.76 22.60
C LEU B 448 15.30 21.18 23.46
N THR B 449 15.67 20.60 24.60
CA THR B 449 14.70 19.94 25.47
C THR B 449 15.05 20.08 26.92
N LYS B 450 14.05 20.42 27.77
CA LYS B 450 14.28 20.45 29.22
C LYS B 450 14.06 19.06 29.85
N SER B 451 12.92 18.43 29.56
CA SER B 451 12.47 17.21 30.21
C SER B 451 12.76 16.01 29.33
N GLY B 452 13.15 16.26 28.06
CA GLY B 452 13.38 15.22 27.07
C GLY B 452 12.19 15.00 26.14
N ARG B 453 10.96 15.33 26.62
CA ARG B 453 9.70 15.07 25.88
C ARG B 453 9.72 15.46 24.40
N SER B 454 10.21 16.67 24.07
CA SER B 454 10.29 17.07 22.67
C SER B 454 11.13 16.13 21.84
N ALA B 455 12.29 15.63 22.41
CA ALA B 455 13.17 14.71 21.72
C ALA B 455 12.50 13.34 21.61
N HIS B 456 11.78 12.91 22.67
CA HIS B 456 11.04 11.64 22.69
C HIS B 456 10.02 11.66 21.57
N GLN B 457 9.30 12.77 21.41
CA GLN B 457 8.29 12.93 20.35
C GLN B 457 8.84 12.80 18.93
N VAL B 458 10.07 13.21 18.69
CA VAL B 458 10.76 13.04 17.40
C VAL B 458 11.11 11.58 17.20
N ALA B 459 11.64 10.94 18.26
CA ALA B 459 12.09 9.54 18.26
C ALA B 459 10.97 8.57 17.85
N ARG B 460 9.75 8.83 18.35
CA ARG B 460 8.52 8.06 18.04
C ARG B 460 8.33 7.87 16.52
N TYR B 461 8.78 8.86 15.69
CA TYR B 461 8.59 8.81 14.24
C TYR B 461 9.74 8.24 13.48
N ARG B 462 10.75 7.80 14.23
CA ARG B 462 11.84 6.98 13.72
C ARG B 462 12.56 7.60 12.53
N PRO B 463 13.14 8.82 12.67
CA PRO B 463 13.95 9.34 11.56
C PRO B 463 15.22 8.47 11.37
N ARG B 464 15.79 8.51 10.19
CA ARG B 464 17.06 7.86 9.93
C ARG B 464 18.18 8.65 10.66
N ALA B 465 18.13 10.01 10.56
CA ALA B 465 19.16 10.92 11.09
C ALA B 465 19.15 10.88 12.66
N PRO B 466 20.35 11.03 13.29
CA PRO B 466 20.38 11.10 14.75
C PRO B 466 19.63 12.31 15.29
N ILE B 467 19.09 12.18 16.48
CA ILE B 467 18.41 13.27 17.17
C ILE B 467 19.36 13.75 18.22
N ILE B 468 20.02 14.88 17.97
CA ILE B 468 20.88 15.53 18.99
C ILE B 468 20.01 16.33 19.97
N ALA B 469 19.83 15.80 21.18
CA ALA B 469 18.99 16.44 22.15
C ALA B 469 19.86 17.30 23.08
N VAL B 470 19.77 18.66 22.95
CA VAL B 470 20.54 19.61 23.76
C VAL B 470 19.71 19.94 24.99
N THR B 471 20.28 19.67 26.16
CA THR B 471 19.64 19.90 27.45
C THR B 471 20.68 20.43 28.45
N ARG B 472 20.22 21.27 29.43
CA ARG B 472 21.03 21.62 30.60
C ARG B 472 20.74 20.69 31.81
N ASN B 473 19.69 19.87 31.69
CA ASN B 473 19.25 18.96 32.71
C ASN B 473 20.06 17.65 32.60
N PRO B 474 20.96 17.40 33.61
CA PRO B 474 21.79 16.19 33.55
C PRO B 474 21.00 14.88 33.57
N GLN B 475 19.90 14.83 34.33
CA GLN B 475 19.02 13.65 34.37
C GLN B 475 18.33 13.42 33.02
N THR B 476 17.77 14.48 32.41
CA THR B 476 17.24 14.43 31.06
C THR B 476 18.27 13.84 30.08
N ALA B 477 19.51 14.34 30.11
CA ALA B 477 20.61 13.83 29.26
C ALA B 477 20.81 12.31 29.44
N ARG B 478 20.74 11.81 30.70
CA ARG B 478 20.91 10.40 31.02
C ARG B 478 19.72 9.55 30.59
N GLN B 479 18.49 10.03 30.87
CA GLN B 479 17.25 9.30 30.58
C GLN B 479 16.98 9.18 29.08
N ALA B 480 17.55 10.08 28.24
CA ALA B 480 17.35 10.15 26.78
C ALA B 480 17.83 8.92 26.03
N HIS B 481 18.81 8.19 26.63
CA HIS B 481 19.32 6.88 26.15
C HIS B 481 18.24 5.81 26.02
N LEU B 482 17.07 5.96 26.70
CA LEU B 482 15.97 5.00 26.56
C LEU B 482 15.32 5.02 25.19
N TYR B 483 15.59 6.07 24.38
CA TYR B 483 14.87 6.29 23.09
C TYR B 483 15.75 6.16 21.91
N ARG B 484 15.30 5.39 20.96
CA ARG B 484 15.97 5.21 19.68
C ARG B 484 16.36 6.53 19.01
N GLY B 485 17.63 6.68 18.71
CA GLY B 485 18.09 7.82 17.92
C GLY B 485 18.51 9.04 18.71
N ILE B 486 18.10 9.11 20.01
CA ILE B 486 18.36 10.32 20.77
C ILE B 486 19.80 10.26 21.26
N PHE B 487 20.63 11.18 20.75
CA PHE B 487 22.02 11.34 21.12
C PHE B 487 22.10 12.57 22.05
N PRO B 488 22.02 12.37 23.39
CA PRO B 488 21.89 13.52 24.28
C PRO B 488 23.21 14.24 24.46
N VAL B 489 23.16 15.57 24.55
CA VAL B 489 24.34 16.39 24.82
C VAL B 489 24.01 17.33 25.97
N LEU B 490 24.86 17.30 27.00
CA LEU B 490 24.65 18.11 28.19
C LEU B 490 25.36 19.44 28.04
N CYS B 491 24.57 20.51 27.86
CA CYS B 491 25.11 21.85 27.76
C CYS B 491 25.48 22.37 29.14
N LYS B 492 26.75 22.79 29.28
CA LYS B 492 27.28 23.31 30.54
C LYS B 492 27.37 24.85 30.56
N ASP B 493 27.48 25.46 29.34
CA ASP B 493 27.54 26.92 29.11
C ASP B 493 26.50 27.66 29.97
N PRO B 494 26.88 28.81 30.58
CA PRO B 494 25.92 29.55 31.41
C PRO B 494 24.78 30.20 30.63
N VAL B 495 23.63 30.38 31.30
CA VAL B 495 22.43 30.99 30.74
C VAL B 495 22.69 32.43 30.31
N GLN B 496 22.63 32.70 29.00
CA GLN B 496 22.71 34.06 28.43
C GLN B 496 21.46 34.85 28.79
N GLU B 497 21.63 36.15 29.08
CA GLU B 497 20.53 37.03 29.48
C GLU B 497 19.48 37.19 28.38
N ALA B 498 19.91 37.36 27.12
CA ALA B 498 18.99 37.37 25.99
C ALA B 498 18.63 35.90 25.65
N TRP B 499 17.34 35.54 25.78
CA TRP B 499 16.88 34.17 25.61
C TRP B 499 17.19 33.67 24.20
N ALA B 500 16.96 34.51 23.19
CA ALA B 500 17.29 34.21 21.81
C ALA B 500 18.78 33.83 21.63
N GLU B 501 19.68 34.55 22.28
CA GLU B 501 21.12 34.24 22.28
C GLU B 501 21.39 32.91 23.00
N ASP B 502 20.71 32.65 24.11
CA ASP B 502 20.89 31.40 24.84
C ASP B 502 20.43 30.19 24.02
N VAL B 503 19.33 30.37 23.28
CA VAL B 503 18.81 29.35 22.35
C VAL B 503 19.85 29.09 21.24
N ASP B 504 20.35 30.13 20.57
CA ASP B 504 21.33 30.02 19.50
C ASP B 504 22.64 29.38 19.97
N LEU B 505 23.03 29.66 21.21
CA LEU B 505 24.20 29.09 21.86
C LEU B 505 24.07 27.55 21.93
N ARG B 506 22.90 27.06 22.36
CA ARG B 506 22.64 25.66 22.49
C ARG B 506 22.55 24.95 21.14
N VAL B 507 21.98 25.60 20.13
CA VAL B 507 21.94 25.11 18.75
C VAL B 507 23.38 24.96 18.23
N ASN B 508 24.20 25.99 18.47
CA ASN B 508 25.60 25.99 18.01
C ASN B 508 26.42 24.92 18.71
N PHE B 509 26.14 24.69 20.00
CA PHE B 509 26.75 23.61 20.77
C PHE B 509 26.50 22.27 20.07
N ALA B 510 25.24 22.01 19.71
CA ALA B 510 24.86 20.78 19.00
C ALA B 510 25.55 20.68 17.67
N MET B 511 25.69 21.82 16.93
CA MET B 511 26.41 21.87 15.66
C MET B 511 27.84 21.44 15.86
N ASN B 512 28.46 21.90 16.96
CA ASN B 512 29.85 21.55 17.29
C ASN B 512 30.00 20.08 17.62
N VAL B 513 29.09 19.52 18.41
CA VAL B 513 29.06 18.08 18.71
C VAL B 513 28.93 17.26 17.41
N GLY B 514 27.95 17.59 16.59
CA GLY B 514 27.71 16.86 15.34
C GLY B 514 28.89 16.90 14.39
N LYS B 515 29.55 18.06 14.26
CA LYS B 515 30.78 18.20 13.47
C LYS B 515 31.94 17.34 14.03
N ALA B 516 32.16 17.39 15.37
CA ALA B 516 33.21 16.65 16.05
C ALA B 516 33.00 15.13 15.95
N ARG B 517 31.73 14.67 16.00
CA ARG B 517 31.43 13.24 15.94
C ARG B 517 31.32 12.74 14.53
N GLY B 518 31.47 13.64 13.55
CA GLY B 518 31.38 13.34 12.14
C GLY B 518 30.00 12.99 11.63
N PHE B 519 28.93 13.49 12.33
CA PHE B 519 27.53 13.32 11.88
C PHE B 519 27.24 14.17 10.68
N PHE B 520 27.90 15.34 10.59
CA PHE B 520 27.74 16.27 9.47
C PHE B 520 28.92 17.25 9.41
N LYS B 521 28.99 18.03 8.32
CA LYS B 521 30.03 19.03 8.08
C LYS B 521 29.38 20.36 7.70
N LYS B 522 30.15 21.47 7.78
CA LYS B 522 29.74 22.81 7.35
C LYS B 522 29.08 22.74 5.94
N GLY B 523 27.95 23.40 5.80
CA GLY B 523 27.21 23.45 4.53
C GLY B 523 26.10 22.44 4.44
N ASP B 524 26.18 21.31 5.16
CA ASP B 524 25.09 20.29 5.23
C ASP B 524 23.85 20.91 5.86
N VAL B 525 22.66 20.37 5.56
CA VAL B 525 21.45 20.86 6.22
C VAL B 525 21.05 19.96 7.40
N VAL B 526 20.56 20.58 8.48
CA VAL B 526 20.03 19.88 9.64
C VAL B 526 18.66 20.45 9.97
N ILE B 527 17.84 19.66 10.69
CA ILE B 527 16.56 20.15 11.21
C ILE B 527 16.80 20.62 12.62
N VAL B 528 16.27 21.80 13.00
CA VAL B 528 16.40 22.37 14.34
C VAL B 528 15.00 22.60 14.94
N LEU B 529 14.79 22.07 16.16
CA LEU B 529 13.56 22.21 16.88
C LEU B 529 13.74 23.05 18.11
N THR B 530 12.96 24.13 18.18
CA THR B 530 12.94 24.99 19.35
C THR B 530 11.49 25.32 19.68
N GLY B 531 11.32 26.12 20.74
CA GLY B 531 10.02 26.60 21.16
C GLY B 531 9.91 28.11 21.11
N TRP B 532 8.71 28.61 21.35
CA TRP B 532 8.40 30.00 21.27
C TRP B 532 8.73 30.80 22.54
N ARG B 533 8.91 30.11 23.67
CA ARG B 533 9.21 30.76 24.96
C ARG B 533 10.00 29.79 25.85
N PRO B 534 10.76 30.26 26.86
CA PRO B 534 11.42 29.30 27.78
C PRO B 534 10.44 28.41 28.58
N GLY B 535 10.93 27.30 29.11
CA GLY B 535 10.10 26.36 29.85
C GLY B 535 9.71 25.16 29.01
N SER B 536 9.34 24.03 29.66
CA SER B 536 8.91 22.81 28.96
C SER B 536 7.51 23.00 28.36
N GLY B 537 7.26 22.35 27.25
CA GLY B 537 5.93 22.20 26.69
C GLY B 537 5.62 23.13 25.56
N PHE B 538 6.64 23.89 25.07
CA PHE B 538 6.42 24.93 24.06
C PHE B 538 7.14 24.72 22.71
N THR B 539 7.70 23.54 22.49
CA THR B 539 8.35 23.21 21.19
C THR B 539 7.30 23.27 20.08
N ASN B 540 7.48 24.19 19.11
CA ASN B 540 6.51 24.43 18.03
C ASN B 540 7.20 24.97 16.79
N THR B 541 8.54 25.02 16.81
CA THR B 541 9.28 25.69 15.75
C THR B 541 10.25 24.68 15.11
N MET B 542 10.14 24.53 13.81
CA MET B 542 11.05 23.62 13.05
C MET B 542 11.80 24.50 12.01
N ARG B 543 13.13 24.46 12.05
CA ARG B 543 13.93 25.20 11.08
C ARG B 543 14.85 24.26 10.32
N VAL B 544 14.95 24.45 9.00
CA VAL B 544 15.95 23.78 8.18
C VAL B 544 17.10 24.76 8.09
N VAL B 545 18.27 24.38 8.65
CA VAL B 545 19.40 25.28 8.86
C VAL B 545 20.71 24.67 8.26
N PRO B 546 21.57 25.47 7.61
CA PRO B 546 22.86 24.94 7.22
C PRO B 546 23.81 24.86 8.42
N VAL B 547 24.65 23.83 8.43
CA VAL B 547 25.72 23.66 9.42
C VAL B 547 26.76 24.77 9.22
N PRO B 548 27.00 25.64 10.22
CA PRO B 548 27.98 26.75 10.04
C PRO B 548 29.45 26.29 10.04
N GLN C 31 2.40 -1.47 -25.86
CA GLN C 31 1.90 -0.19 -26.38
C GLN C 31 0.39 -0.25 -26.71
N THR C 32 -0.31 -1.28 -26.16
CA THR C 32 -1.77 -1.45 -26.28
C THR C 32 -2.43 -1.46 -24.89
N GLN C 33 -3.74 -1.15 -24.84
CA GLN C 33 -4.65 -1.25 -23.68
C GLN C 33 -4.16 -0.62 -22.35
N GLN C 34 -3.39 0.47 -22.43
CA GLN C 34 -2.80 1.15 -21.27
C GLN C 34 -1.94 0.20 -20.38
N LEU C 35 -1.25 -0.76 -21.02
CA LEU C 35 -0.41 -1.69 -20.27
C LEU C 35 0.78 -1.02 -19.57
N HIS C 36 1.31 0.07 -20.14
CA HIS C 36 2.33 0.87 -19.44
C HIS C 36 1.77 1.49 -18.14
N ALA C 37 0.58 2.11 -18.23
CA ALA C 37 -0.15 2.65 -17.06
C ALA C 37 -0.51 1.55 -16.04
N ALA C 38 -0.87 0.33 -16.53
CA ALA C 38 -1.19 -0.87 -15.76
C ALA C 38 -0.04 -1.27 -14.81
N MET C 39 1.21 -1.08 -15.25
CA MET C 39 2.43 -1.49 -14.51
C MET C 39 2.91 -0.49 -13.47
N ALA C 40 2.23 0.70 -13.34
CA ALA C 40 2.66 1.75 -12.43
C ALA C 40 2.51 1.35 -10.95
N ASP C 41 3.45 1.79 -10.11
CA ASP C 41 3.48 1.44 -8.69
C ASP C 41 2.56 2.33 -7.86
N THR C 42 2.18 3.50 -8.40
CA THR C 42 1.28 4.46 -7.75
C THR C 42 0.14 4.81 -8.67
N PHE C 43 -0.98 5.23 -8.07
CA PHE C 43 -2.12 5.73 -8.83
C PHE C 43 -1.73 7.00 -9.60
N LEU C 44 -0.93 7.89 -8.97
CA LEU C 44 -0.47 9.10 -9.61
C LEU C 44 0.36 8.79 -10.87
N GLU C 45 1.34 7.92 -10.75
CA GLU C 45 2.11 7.49 -11.92
C GLU C 45 1.26 6.80 -12.98
N HIS C 46 0.27 6.00 -12.54
CA HIS C 46 -0.72 5.41 -13.43
C HIS C 46 -1.41 6.47 -14.28
N MET C 47 -1.89 7.56 -13.64
CA MET C 47 -2.49 8.70 -14.36
C MET C 47 -1.48 9.30 -15.36
N CYS C 48 -0.22 9.55 -14.93
CA CYS C 48 0.86 10.10 -15.77
C CYS C 48 1.11 9.30 -17.03
N ARG C 49 0.81 7.97 -16.97
CA ARG C 49 1.11 7.04 -18.06
C ARG C 49 -0.02 6.84 -19.02
N LEU C 50 -1.20 7.41 -18.71
CA LEU C 50 -2.36 7.22 -19.60
C LEU C 50 -2.01 7.82 -20.97
N ASP C 51 -2.26 7.02 -22.01
CA ASP C 51 -1.73 7.29 -23.32
C ASP C 51 -2.79 7.24 -24.41
N ILE C 52 -3.04 8.40 -25.04
CA ILE C 52 -4.01 8.53 -26.15
C ILE C 52 -3.59 7.75 -27.39
N ASP C 53 -2.33 7.29 -27.44
CA ASP C 53 -1.78 6.49 -28.52
C ASP C 53 -1.70 5.00 -28.20
N SER C 54 -2.12 4.64 -26.99
CA SER C 54 -2.27 3.24 -26.59
C SER C 54 -3.73 2.78 -26.88
N PRO C 55 -3.98 2.02 -27.97
CA PRO C 55 -5.36 1.66 -28.32
C PRO C 55 -6.00 0.59 -27.43
N PRO C 56 -7.33 0.68 -27.15
CA PRO C 56 -7.97 -0.39 -26.34
C PRO C 56 -8.03 -1.73 -27.06
N ILE C 57 -8.34 -2.77 -26.26
CA ILE C 57 -8.75 -4.07 -26.81
C ILE C 57 -10.12 -3.90 -27.49
N THR C 58 -10.49 -4.86 -28.33
CA THR C 58 -11.79 -4.98 -28.95
C THR C 58 -12.89 -5.14 -27.91
N ALA C 59 -12.66 -5.94 -26.85
CA ALA C 59 -13.73 -6.21 -25.88
C ALA C 59 -14.19 -4.95 -25.15
N ARG C 60 -15.52 -4.78 -24.98
CA ARG C 60 -16.12 -3.72 -24.19
C ARG C 60 -16.86 -4.39 -23.04
N ASN C 61 -16.58 -3.98 -21.79
CA ASN C 61 -17.05 -4.70 -20.61
C ASN C 61 -18.29 -4.10 -20.00
N THR C 62 -18.44 -2.78 -20.10
CA THR C 62 -19.55 -2.05 -19.49
C THR C 62 -20.85 -2.29 -20.26
N GLY C 63 -21.87 -2.65 -19.53
CA GLY C 63 -23.23 -2.84 -20.08
C GLY C 63 -23.84 -1.56 -20.56
N ILE C 64 -24.52 -1.61 -21.72
CA ILE C 64 -25.21 -0.45 -22.27
C ILE C 64 -26.73 -0.62 -22.23
N ILE C 65 -27.39 0.21 -21.43
CA ILE C 65 -28.86 0.19 -21.32
C ILE C 65 -29.46 1.36 -22.12
N CYS C 66 -30.36 1.08 -23.03
CA CYS C 66 -30.98 2.12 -23.85
C CYS C 66 -32.47 2.16 -23.61
N THR C 67 -32.97 3.35 -23.31
CA THR C 67 -34.41 3.60 -23.27
C THR C 67 -34.99 3.61 -24.69
N ILE C 68 -35.99 2.78 -24.91
CA ILE C 68 -36.70 2.70 -26.17
C ILE C 68 -37.90 3.64 -26.17
N GLY C 69 -38.02 4.41 -27.26
CA GLY C 69 -39.14 5.31 -27.49
C GLY C 69 -39.30 5.56 -28.96
N PRO C 70 -39.99 6.64 -29.37
CA PRO C 70 -40.26 6.85 -30.82
C PRO C 70 -39.02 6.93 -31.73
N ALA C 71 -37.87 7.44 -31.22
CA ALA C 71 -36.63 7.51 -32.01
C ALA C 71 -36.02 6.13 -32.28
N SER C 72 -36.35 5.15 -31.44
CA SER C 72 -35.64 3.86 -31.39
C SER C 72 -36.57 2.61 -31.44
N ARG C 73 -37.88 2.78 -31.64
CA ARG C 73 -38.88 1.70 -31.53
C ARG C 73 -39.00 0.74 -32.71
N SER C 74 -38.75 1.22 -33.95
CA SER C 74 -38.83 0.33 -35.12
C SER C 74 -37.84 -0.81 -35.06
N VAL C 75 -38.27 -1.99 -35.57
CA VAL C 75 -37.45 -3.20 -35.70
C VAL C 75 -36.09 -2.86 -36.35
N GLU C 76 -36.14 -2.06 -37.42
CA GLU C 76 -34.99 -1.66 -38.22
C GLU C 76 -33.99 -0.81 -37.44
N THR C 77 -34.51 0.18 -36.67
CA THR C 77 -33.63 0.96 -35.76
C THR C 77 -33.06 0.07 -34.66
N LEU C 78 -33.91 -0.81 -34.09
CA LEU C 78 -33.48 -1.70 -33.00
C LEU C 78 -32.38 -2.66 -33.42
N LYS C 79 -32.41 -3.10 -34.69
CA LYS C 79 -31.32 -3.91 -35.27
C LYS C 79 -30.00 -3.15 -35.22
N GLU C 80 -30.02 -1.89 -35.62
CA GLU C 80 -28.81 -1.03 -35.55
C GLU C 80 -28.34 -0.72 -34.14
N MET C 81 -29.25 -0.50 -33.19
CA MET C 81 -28.95 -0.33 -31.76
C MET C 81 -28.09 -1.47 -31.26
N ILE C 82 -28.57 -2.71 -31.50
CA ILE C 82 -27.94 -3.95 -31.08
C ILE C 82 -26.53 -4.00 -31.68
N LYS C 83 -26.43 -3.76 -33.00
CA LYS C 83 -25.14 -3.75 -33.72
C LYS C 83 -24.20 -2.71 -33.11
N SER C 84 -24.76 -1.57 -32.66
CA SER C 84 -23.99 -0.46 -32.09
C SER C 84 -23.59 -0.69 -30.65
N GLY C 85 -24.18 -1.71 -30.01
CA GLY C 85 -23.78 -2.15 -28.68
C GLY C 85 -24.83 -2.19 -27.59
N MET C 86 -26.09 -1.88 -27.90
CA MET C 86 -27.20 -1.98 -26.92
C MET C 86 -27.28 -3.39 -26.32
N ASN C 87 -27.35 -3.49 -25.00
CA ASN C 87 -27.44 -4.79 -24.33
C ASN C 87 -28.77 -4.98 -23.63
N VAL C 88 -29.35 -3.86 -23.11
CA VAL C 88 -30.63 -3.84 -22.39
C VAL C 88 -31.52 -2.81 -23.01
N ALA C 89 -32.78 -3.19 -23.23
CA ALA C 89 -33.84 -2.30 -23.69
C ALA C 89 -34.69 -1.89 -22.51
N ARG C 90 -34.59 -0.60 -22.13
CA ARG C 90 -35.37 -0.05 -21.03
C ARG C 90 -36.70 0.49 -21.53
N LEU C 91 -37.78 0.07 -20.87
CA LEU C 91 -39.16 0.50 -21.13
C LEU C 91 -39.56 1.38 -19.95
N ASN C 92 -39.87 2.63 -20.22
CA ASN C 92 -40.21 3.58 -19.15
C ASN C 92 -41.72 3.62 -19.01
N PHE C 93 -42.21 3.16 -17.86
CA PHE C 93 -43.65 3.07 -17.61
C PHE C 93 -44.30 4.35 -17.04
N SER C 94 -43.56 5.49 -17.07
CA SER C 94 -44.15 6.81 -16.82
C SER C 94 -45.16 7.14 -17.91
N HIS C 95 -44.90 6.66 -19.12
CA HIS C 95 -45.79 6.94 -20.26
C HIS C 95 -46.13 5.64 -20.99
N GLY C 96 -47.24 5.67 -21.74
CA GLY C 96 -47.61 4.60 -22.64
C GLY C 96 -48.46 3.51 -22.04
N THR C 97 -49.24 2.86 -22.90
CA THR C 97 -50.16 1.80 -22.50
C THR C 97 -49.43 0.48 -22.54
N HIS C 98 -50.04 -0.56 -21.95
CA HIS C 98 -49.57 -1.93 -22.00
C HIS C 98 -49.46 -2.42 -23.44
N GLU C 99 -50.43 -2.09 -24.27
CA GLU C 99 -50.45 -2.41 -25.69
C GLU C 99 -49.24 -1.82 -26.40
N TYR C 100 -48.93 -0.54 -26.14
CA TYR C 100 -47.74 0.14 -26.67
C TYR C 100 -46.46 -0.58 -26.24
N HIS C 101 -46.33 -0.84 -24.94
CA HIS C 101 -45.20 -1.57 -24.36
C HIS C 101 -45.05 -2.99 -24.87
N ALA C 102 -46.17 -3.72 -25.02
CA ALA C 102 -46.18 -5.08 -25.59
C ALA C 102 -45.62 -5.08 -27.02
N GLU C 103 -46.00 -4.08 -27.81
CA GLU C 103 -45.48 -3.92 -29.18
C GLU C 103 -43.99 -3.61 -29.20
N THR C 104 -43.50 -2.72 -28.30
CA THR C 104 -42.08 -2.40 -28.19
C THR C 104 -41.29 -3.66 -27.89
N ILE C 105 -41.76 -4.43 -26.86
CA ILE C 105 -41.16 -5.69 -26.44
C ILE C 105 -41.09 -6.67 -27.63
N LYS C 106 -42.19 -6.80 -28.36
CA LYS C 106 -42.27 -7.60 -29.58
C LYS C 106 -41.21 -7.17 -30.60
N ASN C 107 -41.03 -5.85 -30.81
CA ASN C 107 -40.08 -5.31 -31.78
C ASN C 107 -38.64 -5.54 -31.34
N VAL C 108 -38.36 -5.36 -30.05
CA VAL C 108 -37.07 -5.72 -29.44
C VAL C 108 -36.74 -7.18 -29.74
N ARG C 109 -37.69 -8.08 -29.47
CA ARG C 109 -37.51 -9.52 -29.71
C ARG C 109 -37.35 -9.86 -31.20
N THR C 110 -38.11 -9.16 -32.07
CA THR C 110 -37.97 -9.34 -33.53
C THR C 110 -36.57 -8.97 -34.01
N ALA C 111 -36.08 -7.80 -33.63
CA ALA C 111 -34.73 -7.29 -33.92
C ALA C 111 -33.65 -8.24 -33.40
N THR C 112 -33.75 -8.66 -32.11
CA THR C 112 -32.82 -9.59 -31.47
C THR C 112 -32.74 -10.90 -32.24
N GLU C 113 -33.91 -11.50 -32.53
CA GLU C 113 -33.95 -12.84 -33.13
C GLU C 113 -33.57 -12.87 -34.62
N SER C 114 -33.54 -11.70 -35.30
CA SER C 114 -33.09 -11.59 -36.68
C SER C 114 -31.61 -12.01 -36.82
N PHE C 115 -30.86 -11.98 -35.70
CA PHE C 115 -29.47 -12.40 -35.65
C PHE C 115 -29.29 -13.84 -35.14
N ALA C 116 -30.39 -14.53 -34.72
CA ALA C 116 -30.33 -15.91 -34.21
C ALA C 116 -29.78 -16.94 -35.23
N SER C 117 -29.86 -16.61 -36.55
CA SER C 117 -29.38 -17.42 -37.69
C SER C 117 -27.91 -17.79 -37.56
N ASP C 118 -27.04 -16.84 -37.06
CA ASP C 118 -25.64 -17.10 -36.72
C ASP C 118 -25.44 -17.09 -35.20
N PRO C 119 -25.38 -18.28 -34.57
CA PRO C 119 -25.21 -18.34 -33.12
C PRO C 119 -23.90 -17.73 -32.62
N ILE C 120 -22.87 -17.71 -33.47
CA ILE C 120 -21.58 -17.12 -33.13
C ILE C 120 -21.68 -15.61 -32.97
N LEU C 121 -22.49 -14.98 -33.81
CA LEU C 121 -22.65 -13.53 -33.79
C LEU C 121 -23.88 -13.01 -33.02
N TYR C 122 -24.86 -13.88 -32.74
CA TYR C 122 -26.07 -13.52 -31.98
C TYR C 122 -25.72 -12.87 -30.66
N ARG C 123 -26.40 -11.77 -30.34
CA ARG C 123 -26.18 -11.06 -29.09
C ARG C 123 -27.45 -11.17 -28.27
N PRO C 124 -27.43 -11.76 -27.07
CA PRO C 124 -28.68 -11.70 -26.22
C PRO C 124 -29.03 -10.24 -25.88
N VAL C 125 -30.31 -9.89 -25.77
CA VAL C 125 -30.76 -8.51 -25.46
C VAL C 125 -31.77 -8.59 -24.33
N ALA C 126 -31.51 -7.94 -23.19
CA ALA C 126 -32.44 -8.01 -22.06
C ALA C 126 -33.55 -6.99 -22.22
N VAL C 127 -34.66 -7.20 -21.50
CA VAL C 127 -35.78 -6.25 -21.47
C VAL C 127 -35.94 -5.82 -20.01
N ALA C 128 -35.90 -4.51 -19.77
CA ALA C 128 -36.06 -3.93 -18.43
C ALA C 128 -37.34 -3.10 -18.35
N LEU C 129 -38.12 -3.30 -17.29
CA LEU C 129 -39.31 -2.52 -17.02
C LEU C 129 -38.97 -1.48 -15.96
N ASP C 130 -39.11 -0.19 -16.28
CA ASP C 130 -38.82 0.89 -15.35
C ASP C 130 -40.15 1.44 -14.85
N THR C 131 -40.44 1.30 -13.55
CA THR C 131 -41.77 1.69 -13.02
C THR C 131 -41.95 3.20 -13.00
N LYS C 132 -43.19 3.67 -13.07
CA LYS C 132 -43.53 5.08 -12.85
C LYS C 132 -43.20 5.49 -11.42
N GLY C 133 -43.68 4.71 -10.46
CA GLY C 133 -43.47 4.98 -9.05
C GLY C 133 -44.22 6.20 -8.57
N PRO C 134 -43.88 6.65 -7.34
CA PRO C 134 -44.56 7.83 -6.80
C PRO C 134 -44.17 9.15 -7.45
N GLU C 135 -44.50 9.31 -8.75
CA GLU C 135 -44.26 10.57 -9.47
C GLU C 135 -45.29 11.63 -9.16
N ILE C 136 -44.86 12.91 -9.21
CA ILE C 136 -45.73 14.08 -9.17
C ILE C 136 -45.57 14.80 -10.50
N ARG C 137 -46.73 15.09 -11.15
CA ARG C 137 -46.80 15.84 -12.42
C ARG C 137 -47.86 16.94 -12.40
N THR C 138 -47.53 18.05 -13.08
CA THR C 138 -48.47 19.12 -13.42
C THR C 138 -49.41 18.67 -14.55
N GLY C 139 -50.43 19.46 -14.84
CA GLY C 139 -51.34 19.20 -15.95
C GLY C 139 -51.05 20.00 -17.20
N LEU C 140 -52.11 20.31 -17.97
CA LEU C 140 -51.94 20.87 -19.31
C LEU C 140 -51.93 22.35 -19.32
N ILE C 141 -50.91 22.93 -19.98
CA ILE C 141 -50.91 24.36 -20.28
C ILE C 141 -52.01 24.61 -21.29
N LYS C 142 -53.03 25.38 -20.88
CA LYS C 142 -54.13 25.85 -21.73
C LYS C 142 -54.64 24.74 -22.69
N GLY C 143 -54.95 23.56 -22.15
CA GLY C 143 -55.60 22.48 -22.87
C GLY C 143 -54.74 21.81 -23.91
N SER C 144 -53.43 22.02 -23.84
CA SER C 144 -52.48 21.57 -24.85
C SER C 144 -51.33 20.77 -24.18
N GLY C 145 -50.82 19.76 -24.89
CA GLY C 145 -49.62 19.03 -24.47
C GLY C 145 -48.33 19.76 -24.76
N THR C 146 -48.36 20.71 -25.70
CA THR C 146 -47.14 21.36 -26.20
C THR C 146 -47.04 22.86 -25.81
N ALA C 147 -48.16 23.47 -25.37
CA ALA C 147 -48.16 24.88 -24.99
C ALA C 147 -47.22 25.14 -23.81
N GLU C 148 -46.60 26.32 -23.85
CA GLU C 148 -45.77 26.83 -22.78
C GLU C 148 -46.17 28.23 -22.48
N VAL C 149 -45.92 28.65 -21.26
CA VAL C 149 -45.96 30.02 -20.76
C VAL C 149 -44.57 30.35 -20.22
N GLU C 150 -44.29 31.60 -19.97
CA GLU C 150 -43.02 31.99 -19.34
C GLU C 150 -43.27 32.32 -17.89
N LEU C 151 -42.33 32.00 -17.03
CA LEU C 151 -42.45 32.46 -15.65
C LEU C 151 -41.33 33.44 -15.34
N LYS C 152 -41.69 34.62 -14.83
CA LYS C 152 -40.69 35.60 -14.48
C LYS C 152 -40.36 35.53 -13.03
N LYS C 153 -39.07 35.70 -12.73
CA LYS C 153 -38.52 35.86 -11.40
C LYS C 153 -39.32 36.89 -10.54
N GLY C 154 -39.93 36.39 -9.48
CA GLY C 154 -40.66 37.22 -8.54
C GLY C 154 -42.17 37.07 -8.63
N ALA C 155 -42.68 36.53 -9.76
CA ALA C 155 -44.12 36.46 -9.99
C ALA C 155 -44.83 35.48 -9.07
N THR C 156 -46.10 35.79 -8.73
CA THR C 156 -46.96 34.84 -8.01
C THR C 156 -47.45 33.78 -8.98
N LEU C 157 -47.33 32.51 -8.55
CA LEU C 157 -47.99 31.36 -9.16
C LEU C 157 -48.73 30.61 -8.07
N LYS C 158 -50.00 30.37 -8.33
CA LYS C 158 -50.90 29.63 -7.44
C LYS C 158 -50.91 28.16 -7.86
N ILE C 159 -50.76 27.28 -6.89
CA ILE C 159 -50.83 25.85 -7.07
C ILE C 159 -52.18 25.41 -6.62
N THR C 160 -52.88 24.68 -7.49
CA THR C 160 -54.21 24.19 -7.17
C THR C 160 -54.31 22.67 -7.28
N LEU C 161 -55.19 22.06 -6.49
CA LEU C 161 -55.49 20.63 -6.66
C LEU C 161 -56.89 20.40 -7.17
N ASP C 162 -57.62 21.51 -7.42
CA ASP C 162 -58.93 21.52 -8.05
C ASP C 162 -58.81 21.01 -9.50
N ASN C 163 -59.43 19.85 -9.73
CA ASN C 163 -59.43 19.12 -10.99
C ASN C 163 -59.98 19.91 -12.17
N ALA C 164 -60.76 20.98 -11.90
CA ALA C 164 -61.20 21.95 -12.90
C ALA C 164 -60.02 22.49 -13.73
N TYR C 165 -58.89 22.75 -13.05
CA TYR C 165 -57.71 23.39 -13.63
C TYR C 165 -56.68 22.38 -14.15
N MET C 166 -57.11 21.08 -14.21
CA MET C 166 -56.35 19.91 -14.67
C MET C 166 -55.75 20.17 -16.06
N GLU C 167 -56.60 20.65 -16.97
CA GLU C 167 -56.21 20.91 -18.34
C GLU C 167 -56.13 22.42 -18.62
N LYS C 168 -56.06 23.21 -17.57
CA LYS C 168 -56.16 24.65 -17.70
C LYS C 168 -55.03 25.37 -16.99
N CYS C 169 -53.85 24.74 -16.90
CA CYS C 169 -52.69 25.39 -16.29
C CYS C 169 -52.23 26.63 -17.11
N ASP C 170 -51.58 27.58 -16.45
CA ASP C 170 -51.16 28.82 -17.11
C ASP C 170 -50.10 29.52 -16.24
N GLU C 171 -49.74 30.76 -16.61
CA GLU C 171 -48.73 31.55 -15.88
C GLU C 171 -49.13 31.90 -14.43
N ASN C 172 -50.46 31.90 -14.11
CA ASN C 172 -51.07 32.32 -12.85
C ASN C 172 -51.67 31.17 -12.03
N ILE C 173 -51.99 30.03 -12.65
CA ILE C 173 -52.64 28.90 -11.96
C ILE C 173 -52.07 27.58 -12.50
N LEU C 174 -51.41 26.80 -11.62
CA LEU C 174 -50.81 25.50 -11.94
C LEU C 174 -51.50 24.41 -11.13
N TRP C 175 -52.07 23.40 -11.83
CA TRP C 175 -52.59 22.20 -11.21
C TRP C 175 -51.52 21.13 -11.32
N LEU C 176 -51.34 20.36 -10.23
CA LEU C 176 -50.50 19.17 -10.17
C LEU C 176 -51.27 18.02 -9.47
N ASP C 177 -50.83 16.75 -9.65
CA ASP C 177 -51.65 15.55 -9.41
C ASP C 177 -51.52 14.93 -8.00
N TYR C 178 -50.77 15.60 -7.09
CA TYR C 178 -50.52 15.12 -5.73
C TYR C 178 -51.45 15.83 -4.72
N LYS C 179 -52.61 15.19 -4.46
CA LYS C 179 -53.67 15.68 -3.56
C LYS C 179 -53.20 16.05 -2.16
N ASN C 180 -52.11 15.44 -1.67
CA ASN C 180 -51.59 15.73 -0.32
C ASN C 180 -50.46 16.73 -0.27
N ILE C 181 -50.20 17.44 -1.40
CA ILE C 181 -49.10 18.41 -1.45
C ILE C 181 -49.14 19.40 -0.27
N CYS C 182 -50.33 19.93 0.08
CA CYS C 182 -50.45 20.93 1.13
C CYS C 182 -50.13 20.42 2.54
N LYS C 183 -50.24 19.09 2.75
CA LYS C 183 -49.98 18.46 4.06
C LYS C 183 -48.48 18.37 4.30
N VAL C 184 -47.71 18.30 3.24
CA VAL C 184 -46.30 17.96 3.33
C VAL C 184 -45.36 19.14 3.04
N VAL C 185 -45.90 20.18 2.38
CA VAL C 185 -45.18 21.42 2.09
C VAL C 185 -45.43 22.42 3.25
N GLU C 186 -44.54 23.41 3.44
CA GLU C 186 -44.80 24.52 4.36
C GLU C 186 -44.42 25.84 3.72
N VAL C 187 -44.73 26.96 4.42
CA VAL C 187 -44.24 28.30 4.06
C VAL C 187 -42.70 28.26 4.04
N GLY C 188 -42.12 28.61 2.89
CA GLY C 188 -40.68 28.65 2.70
C GLY C 188 -40.09 27.45 2.00
N SER C 189 -40.94 26.41 1.77
CA SER C 189 -40.61 25.23 0.98
C SER C 189 -40.28 25.64 -0.46
N LYS C 190 -39.39 24.86 -1.09
CA LYS C 190 -39.07 24.92 -2.51
C LYS C 190 -39.78 23.76 -3.25
N ILE C 191 -40.36 24.07 -4.41
CA ILE C 191 -40.98 23.15 -5.37
C ILE C 191 -40.23 23.28 -6.68
N TYR C 192 -39.93 22.15 -7.30
CA TYR C 192 -39.19 22.14 -8.55
C TYR C 192 -40.02 21.56 -9.60
N VAL C 193 -40.05 22.27 -10.73
CA VAL C 193 -40.86 21.87 -11.87
C VAL C 193 -39.96 21.70 -13.05
N ASP C 194 -40.18 20.61 -13.81
CA ASP C 194 -39.48 20.25 -15.03
C ASP C 194 -37.96 20.00 -14.82
N ASP C 195 -37.59 18.82 -14.28
CA ASP C 195 -36.17 18.51 -14.05
C ASP C 195 -35.46 19.61 -13.26
N GLY C 196 -36.21 20.22 -12.34
CA GLY C 196 -35.68 21.19 -11.40
C GLY C 196 -35.23 22.49 -12.03
N LEU C 197 -35.66 22.75 -13.29
CA LEU C 197 -35.31 23.96 -14.02
C LEU C 197 -36.11 25.18 -13.55
N ILE C 198 -37.39 24.97 -13.24
CA ILE C 198 -38.25 25.94 -12.61
C ILE C 198 -38.32 25.70 -11.12
N SER C 199 -38.07 26.75 -10.32
CA SER C 199 -38.15 26.66 -8.86
C SER C 199 -39.14 27.64 -8.28
N LEU C 200 -39.95 27.13 -7.35
CA LEU C 200 -40.97 27.90 -6.63
C LEU C 200 -40.70 27.93 -5.14
N GLN C 201 -41.06 29.05 -4.51
CA GLN C 201 -41.04 29.18 -3.07
C GLN C 201 -42.45 29.46 -2.52
N VAL C 202 -42.96 28.50 -1.71
CA VAL C 202 -44.23 28.61 -0.99
C VAL C 202 -44.12 29.74 0.02
N LYS C 203 -44.82 30.83 -0.29
CA LYS C 203 -44.88 32.01 0.54
C LYS C 203 -46.20 32.04 1.35
N GLN C 204 -47.25 31.37 0.85
CA GLN C 204 -48.57 31.39 1.45
C GLN C 204 -49.22 30.03 1.20
N LYS C 205 -49.75 29.41 2.25
CA LYS C 205 -50.31 28.06 2.12
C LYS C 205 -51.80 28.10 2.46
N GLY C 206 -52.59 27.50 1.57
CA GLY C 206 -54.03 27.41 1.76
C GLY C 206 -54.55 26.01 2.07
N ALA C 207 -55.88 25.90 2.14
CA ALA C 207 -56.56 24.64 2.47
C ALA C 207 -56.22 23.58 1.43
N ASP C 208 -56.58 23.79 0.16
CA ASP C 208 -56.23 22.86 -0.91
C ASP C 208 -55.55 23.59 -2.09
N PHE C 209 -54.64 24.54 -1.74
CA PHE C 209 -53.90 25.42 -2.65
C PHE C 209 -52.63 26.01 -2.01
N LEU C 210 -51.69 26.43 -2.86
CA LEU C 210 -50.43 27.03 -2.40
C LEU C 210 -50.13 28.31 -3.18
N VAL C 211 -49.81 29.38 -2.46
CA VAL C 211 -49.37 30.63 -3.08
C VAL C 211 -47.83 30.64 -3.13
N THR C 212 -47.26 30.57 -4.33
CA THR C 212 -45.81 30.53 -4.50
C THR C 212 -45.27 31.74 -5.25
N GLU C 213 -43.95 31.99 -5.08
CA GLU C 213 -43.17 33.00 -5.81
C GLU C 213 -42.15 32.27 -6.67
N VAL C 214 -42.15 32.58 -7.94
CA VAL C 214 -41.19 32.07 -8.92
C VAL C 214 -39.80 32.60 -8.50
N GLU C 215 -38.91 31.64 -8.16
CA GLU C 215 -37.50 31.95 -7.89
C GLU C 215 -36.80 31.87 -9.22
N ASN C 216 -36.44 30.65 -9.65
CA ASN C 216 -35.90 30.40 -10.97
C ASN C 216 -37.07 30.23 -11.95
N GLY C 217 -37.24 31.25 -12.80
CA GLY C 217 -38.20 31.28 -13.89
C GLY C 217 -37.70 30.55 -15.12
N GLY C 218 -38.54 30.56 -16.16
CA GLY C 218 -38.33 29.87 -17.43
C GLY C 218 -39.66 29.49 -18.08
N SER C 219 -39.59 28.69 -19.16
CA SER C 219 -40.78 28.23 -19.90
C SER C 219 -41.37 27.02 -19.19
N LEU C 220 -42.64 27.13 -18.80
CA LEU C 220 -43.41 26.04 -18.22
C LEU C 220 -44.35 25.40 -19.27
N GLY C 221 -44.13 24.13 -19.53
CA GLY C 221 -44.98 23.33 -20.42
C GLY C 221 -45.84 22.37 -19.63
N SER C 222 -46.44 21.35 -20.34
CA SER C 222 -47.44 20.41 -19.77
C SER C 222 -46.86 19.17 -19.16
N LYS C 223 -47.53 18.69 -18.08
CA LYS C 223 -47.28 17.34 -17.50
C LYS C 223 -45.79 17.15 -17.16
N LYS C 224 -45.22 18.17 -16.51
CA LYS C 224 -43.85 18.21 -16.05
C LYS C 224 -43.72 17.60 -14.64
N GLY C 225 -42.61 16.91 -14.42
CA GLY C 225 -42.20 16.33 -13.15
C GLY C 225 -42.00 17.35 -12.07
N VAL C 226 -42.51 17.02 -10.86
CA VAL C 226 -42.47 17.92 -9.73
C VAL C 226 -41.66 17.25 -8.59
N ASN C 227 -40.74 18.01 -7.97
CA ASN C 227 -39.97 17.51 -6.83
C ASN C 227 -40.16 18.40 -5.62
N LEU C 228 -40.27 17.74 -4.46
CA LEU C 228 -40.46 18.39 -3.19
C LEU C 228 -39.27 18.00 -2.29
N PRO C 229 -38.04 18.55 -2.56
CA PRO C 229 -36.85 18.05 -1.86
C PRO C 229 -36.93 18.09 -0.34
N GLY C 230 -37.50 19.16 0.19
CA GLY C 230 -37.61 19.23 1.65
C GLY C 230 -38.49 18.15 2.27
N ALA C 231 -39.54 17.73 1.54
CA ALA C 231 -40.76 17.10 2.05
C ALA C 231 -40.72 15.57 2.16
N ALA C 232 -41.42 15.02 3.18
CA ALA C 232 -41.72 13.60 3.33
C ALA C 232 -42.99 13.31 2.53
N VAL C 233 -42.82 12.95 1.24
CA VAL C 233 -43.90 12.65 0.30
C VAL C 233 -44.56 11.30 0.66
N ASP C 234 -45.92 11.31 0.77
CA ASP C 234 -46.83 10.31 1.36
C ASP C 234 -47.33 9.24 0.36
N LEU C 235 -46.89 9.33 -0.92
CA LEU C 235 -47.35 8.51 -2.03
C LEU C 235 -46.91 7.05 -1.87
N PRO C 236 -47.72 6.05 -2.29
CA PRO C 236 -47.28 4.65 -2.10
C PRO C 236 -46.03 4.28 -2.88
N ALA C 237 -45.21 3.37 -2.31
CA ALA C 237 -44.01 2.78 -2.93
C ALA C 237 -44.45 2.15 -4.26
N VAL C 238 -45.48 1.30 -4.17
CA VAL C 238 -46.02 0.57 -5.31
C VAL C 238 -47.48 0.96 -5.40
N SER C 239 -47.79 1.87 -6.34
CA SER C 239 -49.16 2.33 -6.61
C SER C 239 -49.97 1.24 -7.32
N GLU C 240 -51.28 1.43 -7.44
CA GLU C 240 -52.14 0.49 -8.14
C GLU C 240 -51.71 0.30 -9.60
N LYS C 241 -51.31 1.42 -10.28
CA LYS C 241 -50.73 1.40 -11.62
C LYS C 241 -49.44 0.56 -11.61
N ASP C 242 -48.52 0.82 -10.63
CA ASP C 242 -47.27 0.04 -10.50
C ASP C 242 -47.56 -1.46 -10.37
N ILE C 243 -48.58 -1.85 -9.59
CA ILE C 243 -49.05 -3.23 -9.47
C ILE C 243 -49.42 -3.84 -10.83
N GLN C 244 -50.26 -3.17 -11.61
CA GLN C 244 -50.66 -3.65 -12.93
C GLN C 244 -49.47 -3.77 -13.90
N ASP C 245 -48.54 -2.78 -13.85
CA ASP C 245 -47.34 -2.73 -14.66
C ASP C 245 -46.39 -3.88 -14.35
N LEU C 246 -46.24 -4.19 -13.05
CA LEU C 246 -45.34 -5.26 -12.61
C LEU C 246 -45.89 -6.63 -12.98
N LYS C 247 -47.21 -6.78 -12.91
CA LYS C 247 -47.90 -8.00 -13.31
C LYS C 247 -47.74 -8.22 -14.80
N PHE C 248 -47.93 -7.13 -15.59
CA PHE C 248 -47.70 -7.12 -17.03
C PHE C 248 -46.24 -7.55 -17.37
N GLY C 249 -45.26 -7.05 -16.63
CA GLY C 249 -43.87 -7.47 -16.75
C GLY C 249 -43.65 -8.96 -16.61
N VAL C 250 -44.27 -9.58 -15.60
CA VAL C 250 -44.29 -11.06 -15.43
C VAL C 250 -44.86 -11.74 -16.68
N GLU C 251 -46.05 -11.30 -17.15
CA GLU C 251 -46.70 -11.82 -18.37
C GLU C 251 -45.80 -11.72 -19.60
N GLN C 252 -45.04 -10.61 -19.69
CA GLN C 252 -44.22 -10.31 -20.84
C GLN C 252 -42.82 -10.89 -20.76
N ASP C 253 -42.51 -11.63 -19.66
CA ASP C 253 -41.25 -12.30 -19.42
C ASP C 253 -40.08 -11.33 -19.43
N VAL C 254 -40.24 -10.20 -18.71
CA VAL C 254 -39.17 -9.21 -18.65
C VAL C 254 -38.01 -9.78 -17.81
N ASP C 255 -36.79 -9.28 -18.03
CA ASP C 255 -35.60 -9.78 -17.34
C ASP C 255 -35.35 -9.12 -16.00
N MET C 256 -35.80 -7.87 -15.88
CA MET C 256 -35.47 -7.02 -14.72
C MET C 256 -36.45 -5.87 -14.54
N VAL C 257 -36.61 -5.42 -13.30
CA VAL C 257 -37.39 -4.24 -12.93
C VAL C 257 -36.49 -3.17 -12.35
N PHE C 258 -36.61 -1.95 -12.89
CA PHE C 258 -35.97 -0.75 -12.35
C PHE C 258 -37.03 -0.06 -11.52
N ALA C 259 -36.98 -0.24 -10.22
CA ALA C 259 -38.04 0.28 -9.35
C ALA C 259 -37.76 1.73 -8.93
N SER C 260 -38.64 2.65 -9.37
CA SER C 260 -38.43 4.09 -9.20
C SER C 260 -38.63 4.48 -7.73
N PHE C 261 -37.86 5.50 -7.22
CA PHE C 261 -38.08 6.16 -5.91
C PHE C 261 -38.03 5.30 -4.65
N ILE C 262 -37.25 4.22 -4.67
CA ILE C 262 -37.05 3.34 -3.52
C ILE C 262 -36.45 4.11 -2.34
N ARG C 263 -37.16 4.13 -1.21
CA ARG C 263 -36.79 4.89 -0.01
C ARG C 263 -36.26 3.97 1.10
N LYS C 264 -36.66 2.70 1.09
CA LYS C 264 -36.42 1.78 2.22
C LYS C 264 -36.56 0.34 1.75
N ALA C 265 -36.03 -0.63 2.55
CA ALA C 265 -36.08 -2.05 2.24
C ALA C 265 -37.53 -2.55 2.05
N SER C 266 -38.50 -2.05 2.85
CA SER C 266 -39.91 -2.47 2.73
C SER C 266 -40.52 -2.10 1.38
N ASP C 267 -40.03 -1.01 0.74
CA ASP C 267 -40.38 -0.66 -0.64
C ASP C 267 -39.95 -1.77 -1.62
N VAL C 268 -38.70 -2.25 -1.54
CA VAL C 268 -38.16 -3.39 -2.32
C VAL C 268 -39.00 -4.64 -2.08
N HIS C 269 -39.30 -4.95 -0.79
CA HIS C 269 -40.08 -6.13 -0.47
C HIS C 269 -41.48 -6.06 -1.07
N GLU C 270 -42.08 -4.86 -1.17
CA GLU C 270 -43.37 -4.68 -1.82
C GLU C 270 -43.29 -5.04 -3.31
N VAL C 271 -42.23 -4.57 -4.01
CA VAL C 271 -42.06 -4.92 -5.45
C VAL C 271 -41.91 -6.45 -5.60
N ARG C 272 -41.06 -7.05 -4.75
CA ARG C 272 -40.73 -8.48 -4.69
C ARG C 272 -42.01 -9.31 -4.48
N LYS C 273 -42.86 -8.91 -3.52
CA LYS C 273 -44.14 -9.58 -3.24
C LYS C 273 -45.06 -9.50 -4.46
N VAL C 274 -45.10 -8.32 -5.11
CA VAL C 274 -45.94 -8.12 -6.28
C VAL C 274 -45.50 -9.03 -7.44
N LEU C 275 -44.18 -9.09 -7.73
CA LEU C 275 -43.62 -10.05 -8.72
C LEU C 275 -43.93 -11.51 -8.41
N GLY C 276 -43.96 -11.85 -7.13
CA GLY C 276 -44.39 -13.15 -6.60
C GLY C 276 -43.52 -14.33 -7.01
N GLU C 277 -44.03 -15.55 -6.77
CA GLU C 277 -43.33 -16.79 -7.14
C GLU C 277 -43.08 -16.79 -8.65
N LYS C 278 -44.07 -16.37 -9.44
CA LYS C 278 -44.01 -16.36 -10.91
C LYS C 278 -42.92 -15.44 -11.46
N GLY C 279 -42.66 -14.34 -10.77
CA GLY C 279 -41.55 -13.46 -11.13
C GLY C 279 -40.34 -13.48 -10.22
N LYS C 280 -40.11 -14.59 -9.51
CA LYS C 280 -39.02 -14.71 -8.52
C LYS C 280 -37.63 -14.58 -9.11
N ASN C 281 -37.47 -14.89 -10.42
CA ASN C 281 -36.17 -14.82 -11.12
C ASN C 281 -35.91 -13.50 -11.82
N ILE C 282 -36.91 -12.62 -11.87
CA ILE C 282 -36.77 -11.26 -12.40
C ILE C 282 -35.92 -10.43 -11.42
N LYS C 283 -34.88 -9.82 -11.93
CA LYS C 283 -33.99 -9.01 -11.10
C LYS C 283 -34.63 -7.69 -10.69
N ILE C 284 -34.61 -7.37 -9.38
CA ILE C 284 -35.06 -6.06 -8.89
C ILE C 284 -33.86 -5.14 -8.70
N ILE C 285 -33.79 -4.08 -9.52
CA ILE C 285 -32.84 -2.98 -9.44
C ILE C 285 -33.54 -1.78 -8.78
N SER C 286 -33.12 -1.41 -7.59
CA SER C 286 -33.69 -0.26 -6.89
C SER C 286 -33.07 1.01 -7.38
N LYS C 287 -33.94 1.94 -7.87
CA LYS C 287 -33.51 3.27 -8.25
C LYS C 287 -33.43 4.18 -7.02
N ILE C 288 -32.21 4.72 -6.79
CA ILE C 288 -31.93 5.66 -5.72
C ILE C 288 -31.98 7.05 -6.30
N GLU C 289 -33.04 7.78 -5.96
CA GLU C 289 -33.29 9.10 -6.49
C GLU C 289 -33.88 10.11 -5.47
N ASN C 290 -33.64 9.88 -4.15
CA ASN C 290 -34.05 10.83 -3.13
C ASN C 290 -33.07 10.75 -1.97
N HIS C 291 -33.18 11.70 -1.06
CA HIS C 291 -32.38 11.73 0.16
C HIS C 291 -32.59 10.46 1.02
N GLU C 292 -33.84 10.01 1.16
CA GLU C 292 -34.19 8.79 1.91
C GLU C 292 -33.47 7.57 1.37
N GLY C 293 -33.48 7.41 0.04
CA GLY C 293 -32.84 6.29 -0.64
C GLY C 293 -31.36 6.23 -0.34
N VAL C 294 -30.69 7.39 -0.32
CA VAL C 294 -29.30 7.48 0.08
C VAL C 294 -29.10 7.10 1.54
N ARG C 295 -29.93 7.64 2.47
CA ARG C 295 -29.72 7.43 3.90
C ARG C 295 -29.90 5.97 4.25
N ARG C 296 -30.83 5.30 3.58
CA ARG C 296 -31.18 3.89 3.86
C ARG C 296 -30.61 2.98 2.79
N PHE C 297 -29.56 3.44 2.07
CA PHE C 297 -28.89 2.65 1.05
C PHE C 297 -28.56 1.20 1.40
N ASP C 298 -28.00 0.94 2.59
CA ASP C 298 -27.53 -0.39 2.95
C ASP C 298 -28.65 -1.38 3.02
N GLU C 299 -29.78 -1.01 3.62
CA GLU C 299 -30.93 -1.91 3.71
C GLU C 299 -31.57 -2.15 2.36
N ILE C 300 -31.59 -1.12 1.53
CA ILE C 300 -32.11 -1.21 0.15
C ILE C 300 -31.22 -2.17 -0.66
N LEU C 301 -29.88 -1.96 -0.63
CA LEU C 301 -28.93 -2.83 -1.33
C LEU C 301 -29.09 -4.31 -0.95
N GLU C 302 -29.23 -4.60 0.36
CA GLU C 302 -29.34 -5.95 0.87
C GLU C 302 -30.59 -6.64 0.31
N ALA C 303 -31.69 -5.89 0.15
CA ALA C 303 -32.99 -6.37 -0.32
C ALA C 303 -33.07 -6.43 -1.85
N SER C 304 -32.16 -5.77 -2.59
CA SER C 304 -32.23 -5.66 -4.06
C SER C 304 -31.27 -6.60 -4.75
N ASP C 305 -31.47 -6.80 -6.06
CA ASP C 305 -30.54 -7.54 -6.91
C ASP C 305 -29.45 -6.66 -7.45
N GLY C 306 -29.74 -5.36 -7.49
CA GLY C 306 -28.76 -4.32 -7.81
C GLY C 306 -29.33 -2.94 -7.60
N ILE C 307 -28.61 -1.92 -8.06
CA ILE C 307 -28.92 -0.51 -7.82
C ILE C 307 -28.79 0.26 -9.12
N MET C 308 -29.73 1.22 -9.35
CA MET C 308 -29.50 2.31 -10.29
C MET C 308 -29.28 3.64 -9.53
N VAL C 309 -28.18 4.32 -9.83
CA VAL C 309 -27.90 5.72 -9.47
C VAL C 309 -28.70 6.59 -10.45
N ALA C 310 -29.91 6.97 -10.01
CA ALA C 310 -30.92 7.67 -10.81
C ALA C 310 -30.72 9.15 -10.61
N ARG C 311 -29.70 9.68 -11.30
CA ARG C 311 -29.13 11.00 -11.09
C ARG C 311 -30.07 12.18 -11.40
N GLY C 312 -31.05 11.93 -12.29
CA GLY C 312 -32.08 12.88 -12.68
C GLY C 312 -32.80 13.47 -11.47
N ASP C 313 -33.69 12.66 -10.89
CA ASP C 313 -34.39 13.02 -9.65
C ASP C 313 -33.46 13.24 -8.51
N LEU C 314 -32.39 12.39 -8.35
CA LEU C 314 -31.43 12.54 -7.27
C LEU C 314 -30.84 13.95 -7.22
N GLY C 315 -30.42 14.45 -8.39
CA GLY C 315 -29.88 15.79 -8.54
C GLY C 315 -30.85 16.93 -8.36
N ILE C 316 -32.13 16.64 -8.26
CA ILE C 316 -33.15 17.63 -7.82
C ILE C 316 -33.43 17.47 -6.30
N GLU C 317 -33.57 16.22 -5.84
CA GLU C 317 -33.86 15.91 -4.45
C GLU C 317 -32.76 16.33 -3.50
N ILE C 318 -31.49 16.11 -3.87
CA ILE C 318 -30.34 16.55 -3.06
C ILE C 318 -29.62 17.66 -3.86
N PRO C 319 -28.80 18.55 -3.23
CA PRO C 319 -28.07 19.55 -4.05
C PRO C 319 -27.24 18.92 -5.16
N ALA C 320 -27.33 19.50 -6.36
CA ALA C 320 -26.63 19.03 -7.56
C ALA C 320 -25.14 18.72 -7.34
N GLU C 321 -24.47 19.54 -6.53
CA GLU C 321 -23.05 19.42 -6.20
C GLU C 321 -22.70 18.21 -5.33
N LYS C 322 -23.71 17.49 -4.80
CA LYS C 322 -23.54 16.31 -3.95
C LYS C 322 -23.74 15.00 -4.70
N VAL C 323 -24.26 15.05 -5.95
CA VAL C 323 -24.64 13.83 -6.67
C VAL C 323 -23.47 12.90 -6.90
N PHE C 324 -22.30 13.44 -7.27
CA PHE C 324 -21.07 12.66 -7.47
C PHE C 324 -20.66 11.88 -6.20
N LEU C 325 -20.91 12.47 -5.01
CA LEU C 325 -20.65 11.82 -3.71
C LEU C 325 -21.51 10.58 -3.60
N ALA C 326 -22.83 10.72 -3.83
CA ALA C 326 -23.80 9.62 -3.72
C ALA C 326 -23.52 8.56 -4.79
N GLN C 327 -23.20 8.97 -6.04
CA GLN C 327 -22.83 8.08 -7.15
C GLN C 327 -21.61 7.23 -6.75
N LYS C 328 -20.51 7.87 -6.32
CA LYS C 328 -19.28 7.14 -5.96
C LYS C 328 -19.50 6.27 -4.70
N MET C 329 -20.32 6.74 -3.74
CA MET C 329 -20.64 5.93 -2.56
C MET C 329 -21.41 4.66 -2.98
N MET C 330 -22.39 4.78 -3.85
CA MET C 330 -23.26 3.65 -4.21
C MET C 330 -22.53 2.67 -5.10
N ILE C 331 -21.78 3.18 -6.10
CA ILE C 331 -20.93 2.30 -6.94
C ILE C 331 -19.96 1.50 -6.07
N GLY C 332 -19.24 2.19 -5.19
CA GLY C 332 -18.30 1.56 -4.28
C GLY C 332 -18.91 0.45 -3.43
N ARG C 333 -20.09 0.72 -2.82
CA ARG C 333 -20.76 -0.22 -1.94
C ARG C 333 -21.29 -1.44 -2.69
N CYS C 334 -21.67 -1.22 -3.95
CA CYS C 334 -22.20 -2.25 -4.85
C CYS C 334 -21.05 -3.15 -5.30
N ASN C 335 -19.90 -2.55 -5.64
CA ASN C 335 -18.70 -3.26 -6.03
C ASN C 335 -18.25 -4.16 -4.88
N ARG C 336 -18.27 -3.62 -3.68
CA ARG C 336 -17.96 -4.31 -2.42
C ARG C 336 -18.95 -5.48 -2.18
N ALA C 337 -20.25 -5.29 -2.54
CA ALA C 337 -21.28 -6.32 -2.32
C ALA C 337 -21.33 -7.32 -3.47
N GLY C 338 -20.65 -7.01 -4.59
CA GLY C 338 -20.71 -7.77 -5.83
C GLY C 338 -22.09 -7.70 -6.46
N LYS C 339 -22.82 -6.57 -6.26
CA LYS C 339 -24.16 -6.38 -6.83
C LYS C 339 -24.12 -5.40 -8.00
N PRO C 340 -24.85 -5.68 -9.10
CA PRO C 340 -24.83 -4.74 -10.23
C PRO C 340 -25.25 -3.30 -9.87
N VAL C 341 -24.51 -2.34 -10.45
CA VAL C 341 -24.81 -0.94 -10.31
C VAL C 341 -24.85 -0.25 -11.69
N ILE C 342 -25.95 0.47 -11.93
CA ILE C 342 -26.16 1.26 -13.15
C ILE C 342 -25.91 2.75 -12.85
N CYS C 343 -25.13 3.42 -13.69
CA CYS C 343 -25.09 4.87 -13.69
C CYS C 343 -26.03 5.38 -14.78
N ALA C 344 -26.99 6.23 -14.37
CA ALA C 344 -28.06 6.67 -15.26
C ALA C 344 -28.21 8.18 -15.30
N THR C 345 -28.75 8.70 -16.42
CA THR C 345 -29.34 10.05 -16.60
C THR C 345 -28.38 11.15 -17.01
N GLN C 346 -28.67 11.73 -18.19
CA GLN C 346 -27.96 12.87 -18.77
C GLN C 346 -26.51 12.61 -19.08
N MET C 347 -26.13 11.34 -19.26
CA MET C 347 -24.74 10.97 -19.54
C MET C 347 -24.24 11.58 -20.83
N LEU C 348 -25.09 11.63 -21.87
CA LEU C 348 -24.77 12.27 -23.16
C LEU C 348 -25.93 13.14 -23.59
N GLU C 349 -26.49 13.92 -22.65
CA GLU C 349 -27.71 14.68 -22.83
C GLU C 349 -27.75 15.53 -24.09
N SER C 350 -26.64 16.23 -24.43
CA SER C 350 -26.62 17.15 -25.58
C SER C 350 -26.77 16.39 -26.90
N MET C 351 -26.52 15.08 -26.88
CA MET C 351 -26.72 14.25 -28.06
C MET C 351 -28.21 14.00 -28.47
N ILE C 352 -29.17 14.42 -27.63
CA ILE C 352 -30.57 14.55 -28.03
C ILE C 352 -30.71 15.44 -29.29
N LYS C 353 -29.95 16.52 -29.34
CA LYS C 353 -29.99 17.50 -30.44
C LYS C 353 -28.74 17.53 -31.34
N LYS C 354 -27.57 17.05 -30.86
CA LYS C 354 -26.31 17.19 -31.55
C LYS C 354 -25.66 15.79 -31.82
N PRO C 355 -24.94 15.60 -32.95
CA PRO C 355 -24.38 14.26 -33.23
C PRO C 355 -23.11 13.93 -32.44
N ARG C 356 -22.54 14.92 -31.70
CA ARG C 356 -21.31 14.79 -30.90
C ARG C 356 -21.62 15.18 -29.46
N PRO C 357 -21.01 14.53 -28.42
CA PRO C 357 -21.26 14.97 -27.03
C PRO C 357 -20.36 16.17 -26.62
N THR C 358 -20.73 16.85 -25.53
CA THR C 358 -19.87 17.84 -24.90
C THR C 358 -18.72 17.12 -24.16
N ARG C 359 -17.70 17.90 -23.74
CA ARG C 359 -16.53 17.38 -23.05
C ARG C 359 -16.85 16.88 -21.66
N ALA C 360 -17.88 17.50 -21.03
CA ALA C 360 -18.37 17.07 -19.71
C ALA C 360 -19.02 15.70 -19.81
N GLU C 361 -19.67 15.45 -20.94
CA GLU C 361 -20.40 14.20 -21.18
C GLU C 361 -19.45 13.05 -21.46
N GLY C 362 -18.41 13.32 -22.25
CA GLY C 362 -17.33 12.38 -22.52
C GLY C 362 -16.61 11.97 -21.24
N SER C 363 -16.34 12.95 -20.42
CA SER C 363 -15.76 12.80 -19.09
C SER C 363 -16.66 11.93 -18.14
N ASP C 364 -17.96 12.22 -18.13
CA ASP C 364 -18.94 11.60 -17.25
C ASP C 364 -19.03 10.14 -17.50
N VAL C 365 -19.13 9.76 -18.79
CA VAL C 365 -19.14 8.35 -19.19
C VAL C 365 -17.85 7.66 -18.72
N ALA C 366 -16.69 8.30 -18.98
CA ALA C 366 -15.41 7.65 -18.68
C ALA C 366 -15.31 7.46 -17.16
N ASN C 367 -15.72 8.48 -16.38
CA ASN C 367 -15.62 8.44 -14.92
C ASN C 367 -16.57 7.48 -14.27
N ALA C 368 -17.78 7.29 -14.82
CA ALA C 368 -18.69 6.22 -14.34
C ALA C 368 -18.07 4.84 -14.46
N VAL C 369 -17.36 4.60 -15.57
CA VAL C 369 -16.61 3.36 -15.79
C VAL C 369 -15.49 3.21 -14.79
N LEU C 370 -14.69 4.28 -14.64
CA LEU C 370 -13.58 4.29 -13.72
C LEU C 370 -14.07 4.18 -12.30
N ASP C 371 -15.26 4.71 -11.99
CA ASP C 371 -15.81 4.61 -10.64
C ASP C 371 -16.07 3.14 -10.31
N GLY C 372 -16.46 2.35 -11.31
CA GLY C 372 -16.83 0.96 -11.07
C GLY C 372 -18.21 0.50 -11.56
N ALA C 373 -18.93 1.36 -12.30
CA ALA C 373 -20.31 1.05 -12.73
C ALA C 373 -20.36 -0.17 -13.67
N ASP C 374 -21.31 -1.06 -13.46
CA ASP C 374 -21.47 -2.26 -14.29
C ASP C 374 -22.06 -1.88 -15.62
N CYS C 375 -23.00 -0.94 -15.57
CA CYS C 375 -23.82 -0.47 -16.69
C CYS C 375 -23.94 1.02 -16.74
N ILE C 376 -23.83 1.55 -17.94
CA ILE C 376 -24.18 2.95 -18.27
C ILE C 376 -25.49 2.95 -19.05
N MET C 377 -26.22 4.04 -18.96
CA MET C 377 -27.58 4.12 -19.47
C MET C 377 -27.76 5.32 -20.39
N LEU C 378 -28.64 5.16 -21.39
CA LEU C 378 -29.19 6.28 -22.15
C LEU C 378 -30.69 6.37 -21.99
N SER C 379 -31.20 7.61 -21.81
CA SER C 379 -32.63 7.89 -21.66
C SER C 379 -33.16 8.64 -22.86
N GLY C 380 -33.33 9.95 -22.78
CA GLY C 380 -33.79 10.77 -23.91
C GLY C 380 -32.90 10.66 -25.15
N GLU C 381 -31.62 10.32 -24.96
CA GLU C 381 -30.63 10.20 -26.03
C GLU C 381 -31.05 9.14 -27.03
N THR C 382 -31.69 8.02 -26.53
CA THR C 382 -32.17 6.94 -27.39
C THR C 382 -33.69 6.90 -27.50
N ALA C 383 -34.44 7.38 -26.49
CA ALA C 383 -35.91 7.35 -26.55
C ALA C 383 -36.48 8.34 -27.59
N LYS C 384 -35.95 9.57 -27.61
CA LYS C 384 -36.61 10.64 -28.36
C LYS C 384 -35.64 11.53 -29.17
N GLY C 385 -34.33 11.31 -29.03
CA GLY C 385 -33.35 12.23 -29.60
C GLY C 385 -33.21 12.07 -31.10
N ASP C 386 -32.40 12.98 -31.70
CA ASP C 386 -32.12 12.93 -33.13
C ASP C 386 -30.98 12.01 -33.53
N TYR C 387 -30.18 11.56 -32.54
CA TYR C 387 -28.99 10.74 -32.77
C TYR C 387 -28.90 9.51 -31.85
N PRO C 388 -29.92 8.61 -31.84
CA PRO C 388 -29.87 7.45 -30.92
C PRO C 388 -28.68 6.54 -31.14
N LEU C 389 -28.36 6.21 -32.42
CA LEU C 389 -27.27 5.27 -32.75
C LEU C 389 -25.92 5.88 -32.44
N GLU C 390 -25.78 7.19 -32.65
CA GLU C 390 -24.53 7.87 -32.33
C GLU C 390 -24.30 7.85 -30.84
N ALA C 391 -25.38 8.01 -30.04
CA ALA C 391 -25.30 8.01 -28.58
C ALA C 391 -24.79 6.66 -28.09
N VAL C 392 -25.41 5.55 -28.60
CA VAL C 392 -25.04 4.16 -28.31
C VAL C 392 -23.54 3.88 -28.63
N ARG C 393 -23.15 4.17 -29.90
CA ARG C 393 -21.76 4.10 -30.39
C ARG C 393 -20.79 4.81 -29.52
N MET C 394 -21.14 6.02 -29.04
CA MET C 394 -20.28 6.87 -28.22
C MET C 394 -20.07 6.23 -26.85
N GLN C 395 -21.15 5.73 -26.25
CA GLN C 395 -21.04 4.98 -24.98
C GLN C 395 -20.11 3.79 -25.11
N HIS C 396 -20.24 3.04 -26.23
CA HIS C 396 -19.36 1.91 -26.56
C HIS C 396 -17.89 2.35 -26.61
N LEU C 397 -17.59 3.38 -27.44
CA LEU C 397 -16.22 3.93 -27.57
C LEU C 397 -15.59 4.36 -26.27
N ILE C 398 -16.34 5.10 -25.44
CA ILE C 398 -15.81 5.66 -24.21
C ILE C 398 -15.55 4.58 -23.17
N ALA C 399 -16.54 3.71 -22.93
CA ALA C 399 -16.47 2.59 -22.00
C ALA C 399 -15.17 1.81 -22.19
N ARG C 400 -14.89 1.45 -23.44
CA ARG C 400 -13.77 0.60 -23.79
C ARG C 400 -12.45 1.34 -23.53
N GLU C 401 -12.39 2.64 -23.86
CA GLU C 401 -11.22 3.46 -23.52
C GLU C 401 -11.03 3.54 -22.03
N ALA C 402 -12.12 3.73 -21.29
CA ALA C 402 -12.04 3.89 -19.82
C ALA C 402 -11.69 2.61 -19.10
N GLU C 403 -12.17 1.47 -19.64
CA GLU C 403 -11.87 0.13 -19.10
C GLU C 403 -10.38 -0.17 -19.14
N ALA C 404 -9.69 0.23 -20.21
CA ALA C 404 -8.23 0.07 -20.28
C ALA C 404 -7.52 1.00 -19.31
N ALA C 405 -8.16 2.14 -18.92
CA ALA C 405 -7.54 3.13 -18.04
C ALA C 405 -7.74 2.80 -16.54
N ILE C 406 -8.54 1.76 -16.24
CA ILE C 406 -8.68 1.27 -14.86
C ILE C 406 -7.35 0.85 -14.30
N TYR C 407 -7.08 1.22 -13.06
CA TYR C 407 -5.87 0.78 -12.36
C TYR C 407 -6.17 -0.56 -11.65
N HIS C 408 -6.15 -1.65 -12.45
CA HIS C 408 -6.56 -2.98 -12.00
C HIS C 408 -5.71 -3.47 -10.83
N LEU C 409 -4.41 -3.06 -10.82
CA LEU C 409 -3.44 -3.49 -9.83
C LEU C 409 -3.97 -3.13 -8.44
N GLN C 410 -4.39 -1.87 -8.24
CA GLN C 410 -5.02 -1.46 -6.98
C GLN C 410 -6.43 -2.05 -6.84
N LEU C 411 -7.20 -2.02 -7.92
CA LEU C 411 -8.58 -2.45 -7.81
C LEU C 411 -8.68 -3.92 -7.35
N PHE C 412 -7.87 -4.83 -7.96
CA PHE C 412 -7.93 -6.25 -7.62
C PHE C 412 -7.40 -6.53 -6.20
N GLU C 413 -6.28 -5.88 -5.82
CA GLU C 413 -5.80 -5.92 -4.43
C GLU C 413 -6.89 -5.49 -3.42
N GLU C 414 -7.59 -4.40 -3.69
CA GLU C 414 -8.55 -3.91 -2.71
C GLU C 414 -9.80 -4.81 -2.63
N LEU C 415 -10.27 -5.34 -3.77
CA LEU C 415 -11.44 -6.25 -3.83
C LEU C 415 -11.17 -7.52 -3.06
N ARG C 416 -9.98 -8.12 -3.24
CA ARG C 416 -9.50 -9.28 -2.49
C ARG C 416 -9.46 -9.03 -0.98
N ARG C 417 -8.80 -7.95 -0.54
CA ARG C 417 -8.64 -7.57 0.87
C ARG C 417 -9.99 -7.39 1.57
N LEU C 418 -10.99 -6.88 0.83
CA LEU C 418 -12.31 -6.57 1.38
C LEU C 418 -13.34 -7.71 1.26
N ALA C 419 -13.06 -8.75 0.45
CA ALA C 419 -13.99 -9.87 0.26
C ALA C 419 -13.79 -10.97 1.31
N PRO C 420 -14.90 -11.36 1.99
CA PRO C 420 -14.82 -12.43 3.00
C PRO C 420 -14.18 -13.73 2.54
N ILE C 421 -13.38 -14.32 3.43
CA ILE C 421 -12.96 -15.70 3.24
C ILE C 421 -14.18 -16.57 3.51
N THR C 422 -14.50 -17.46 2.56
CA THR C 422 -15.59 -18.42 2.67
C THR C 422 -15.11 -19.80 2.24
N SER C 423 -15.89 -20.82 2.54
CA SER C 423 -15.68 -22.20 2.13
C SER C 423 -16.21 -22.46 0.72
N ASP C 424 -16.95 -21.49 0.12
CA ASP C 424 -17.58 -21.65 -1.20
C ASP C 424 -16.55 -21.96 -2.29
N PRO C 425 -16.59 -23.19 -2.86
CA PRO C 425 -15.62 -23.57 -3.90
C PRO C 425 -15.64 -22.70 -5.15
N THR C 426 -16.83 -22.19 -5.50
CA THR C 426 -17.03 -21.39 -6.70
C THR C 426 -16.34 -20.02 -6.57
N GLU C 427 -16.43 -19.44 -5.36
CA GLU C 427 -15.84 -18.14 -5.05
C GLU C 427 -14.34 -18.26 -5.11
N ALA C 428 -13.77 -19.32 -4.54
CA ALA C 428 -12.35 -19.65 -4.57
C ALA C 428 -11.87 -19.87 -6.01
N THR C 429 -12.64 -20.63 -6.83
CA THR C 429 -12.33 -20.88 -8.25
C THR C 429 -12.33 -19.59 -9.02
N ALA C 430 -13.31 -18.68 -8.69
CA ALA C 430 -13.49 -17.42 -9.40
C ALA C 430 -12.32 -16.47 -9.12
N VAL C 431 -11.93 -16.29 -7.86
CA VAL C 431 -10.82 -15.35 -7.59
C VAL C 431 -9.47 -15.91 -8.16
N GLY C 432 -9.35 -17.24 -8.14
CA GLY C 432 -8.20 -17.93 -8.70
C GLY C 432 -8.10 -17.74 -10.20
N ALA C 433 -9.27 -17.72 -10.87
CA ALA C 433 -9.37 -17.60 -12.32
C ALA C 433 -9.00 -16.18 -12.72
N VAL C 434 -9.54 -15.21 -11.96
CA VAL C 434 -9.22 -13.80 -12.15
C VAL C 434 -7.74 -13.53 -11.92
N GLU C 435 -7.19 -13.99 -10.80
CA GLU C 435 -5.74 -13.98 -10.55
C GLU C 435 -4.95 -14.55 -11.74
N ALA C 436 -5.33 -15.74 -12.20
CA ALA C 436 -4.67 -16.43 -13.31
C ALA C 436 -4.74 -15.59 -14.58
N SER C 437 -5.89 -14.89 -14.79
CA SER C 437 -6.10 -14.11 -16.00
C SER C 437 -5.16 -12.94 -16.03
N PHE C 438 -4.85 -12.34 -14.86
CA PHE C 438 -3.87 -11.25 -14.74
C PHE C 438 -2.46 -11.76 -14.98
N LYS C 439 -2.12 -12.92 -14.42
CA LYS C 439 -0.81 -13.54 -14.54
C LYS C 439 -0.39 -13.88 -16.00
N CYS C 440 -1.30 -14.46 -16.81
CA CYS C 440 -0.95 -14.84 -18.20
C CYS C 440 -1.50 -13.87 -19.25
N CYS C 441 -2.07 -12.74 -18.80
CA CYS C 441 -2.61 -11.70 -19.69
C CYS C 441 -3.64 -12.32 -20.67
N SER C 442 -4.57 -13.13 -20.14
CA SER C 442 -5.47 -13.93 -20.98
C SER C 442 -6.40 -13.05 -21.82
N GLY C 443 -6.75 -13.53 -23.01
CA GLY C 443 -7.71 -12.87 -23.89
C GLY C 443 -9.14 -12.96 -23.40
N ALA C 444 -9.45 -13.93 -22.50
CA ALA C 444 -10.81 -14.10 -21.93
C ALA C 444 -10.84 -15.05 -20.76
N ILE C 445 -11.88 -14.95 -19.94
CA ILE C 445 -12.29 -16.00 -18.99
C ILE C 445 -13.59 -16.61 -19.50
N ILE C 446 -13.54 -17.88 -19.94
CA ILE C 446 -14.71 -18.62 -20.42
C ILE C 446 -15.35 -19.33 -19.24
N VAL C 447 -16.65 -19.10 -19.00
CA VAL C 447 -17.36 -19.66 -17.84
C VAL C 447 -18.59 -20.38 -18.33
N LEU C 448 -18.75 -21.69 -18.05
CA LEU C 448 -20.05 -22.34 -18.31
C LEU C 448 -20.92 -22.05 -17.11
N THR C 449 -22.16 -21.61 -17.36
CA THR C 449 -23.07 -21.22 -16.29
C THR C 449 -24.50 -21.50 -16.63
N LYS C 450 -25.24 -22.08 -15.68
CA LYS C 450 -26.70 -22.29 -15.88
C LYS C 450 -27.51 -21.07 -15.40
N SER C 451 -27.27 -20.59 -14.18
CA SER C 451 -28.04 -19.50 -13.55
C SER C 451 -27.34 -18.14 -13.70
N GLY C 452 -26.07 -18.16 -14.11
CA GLY C 452 -25.24 -16.95 -14.25
C GLY C 452 -24.29 -16.76 -13.10
N ARG C 453 -24.62 -17.35 -11.92
CA ARG C 453 -23.88 -17.14 -10.65
C ARG C 453 -22.39 -17.27 -10.78
N SER C 454 -21.91 -18.36 -11.44
CA SER C 454 -20.47 -18.57 -11.60
C SER C 454 -19.84 -17.39 -12.35
N ALA C 455 -20.52 -16.87 -13.40
CA ALA C 455 -20.00 -15.74 -14.16
C ALA C 455 -20.06 -14.44 -13.32
N HIS C 456 -21.14 -14.25 -12.55
CA HIS C 456 -21.28 -13.12 -11.65
C HIS C 456 -20.14 -13.11 -10.66
N GLN C 457 -19.81 -14.28 -10.08
CA GLN C 457 -18.70 -14.41 -9.12
C GLN C 457 -17.34 -14.00 -9.67
N VAL C 458 -17.11 -14.21 -10.97
CA VAL C 458 -15.89 -13.77 -11.67
C VAL C 458 -15.89 -12.27 -11.83
N ALA C 459 -17.05 -11.72 -12.29
CA ALA C 459 -17.26 -10.30 -12.54
C ALA C 459 -16.96 -9.42 -11.33
N ARG C 460 -17.38 -9.88 -10.13
CA ARG C 460 -17.15 -9.24 -8.82
C ARG C 460 -15.65 -8.85 -8.63
N TYR C 461 -14.73 -9.68 -9.22
CA TYR C 461 -13.28 -9.45 -9.04
C TYR C 461 -12.65 -8.66 -10.13
N ARG C 462 -13.48 -8.17 -11.07
CA ARG C 462 -13.08 -7.19 -12.06
C ARG C 462 -11.87 -7.56 -12.88
N PRO C 463 -11.85 -8.69 -13.60
CA PRO C 463 -10.71 -8.95 -14.49
C PRO C 463 -10.66 -7.93 -15.63
N ARG C 464 -9.49 -7.74 -16.22
CA ARG C 464 -9.31 -6.93 -17.41
C ARG C 464 -9.96 -7.64 -18.61
N ALA C 465 -9.73 -8.93 -18.74
CA ALA C 465 -10.21 -9.77 -19.85
C ALA C 465 -11.74 -9.91 -19.84
N PRO C 466 -12.41 -9.99 -21.01
CA PRO C 466 -13.86 -10.27 -21.01
C PRO C 466 -14.20 -11.63 -20.40
N ILE C 467 -15.37 -11.74 -19.82
CA ILE C 467 -15.88 -12.99 -19.28
C ILE C 467 -16.91 -13.49 -20.26
N ILE C 468 -16.56 -14.50 -21.05
CA ILE C 468 -17.49 -15.12 -21.98
C ILE C 468 -18.31 -16.15 -21.20
N ALA C 469 -19.58 -15.80 -20.90
CA ALA C 469 -20.41 -16.69 -20.14
C ALA C 469 -21.26 -17.53 -21.10
N VAL C 470 -20.98 -18.85 -21.17
CA VAL C 470 -21.67 -19.79 -22.04
C VAL C 470 -22.79 -20.40 -21.26
N THR C 471 -24.03 -20.20 -21.74
CA THR C 471 -25.23 -20.74 -21.12
C THR C 471 -26.20 -21.27 -22.19
N ARG C 472 -27.03 -22.26 -21.83
CA ARG C 472 -28.20 -22.66 -22.64
C ARG C 472 -29.52 -21.96 -22.18
N ASN C 473 -29.48 -21.31 -21.02
CA ASN C 473 -30.60 -20.57 -20.43
C ASN C 473 -30.72 -19.15 -21.06
N PRO C 474 -31.77 -18.91 -21.87
CA PRO C 474 -31.90 -17.60 -22.51
C PRO C 474 -32.07 -16.43 -21.54
N GLN C 475 -32.80 -16.61 -20.40
CA GLN C 475 -32.92 -15.59 -19.35
C GLN C 475 -31.57 -15.27 -18.70
N THR C 476 -30.83 -16.31 -18.33
CA THR C 476 -29.43 -16.17 -17.86
C THR C 476 -28.59 -15.34 -18.80
N ALA C 477 -28.61 -15.67 -20.11
CA ALA C 477 -27.90 -14.91 -21.13
C ALA C 477 -28.26 -13.42 -21.12
N ARG C 478 -29.56 -13.08 -20.96
CA ARG C 478 -30.04 -11.71 -20.95
C ARG C 478 -29.69 -10.99 -19.67
N GLN C 479 -29.86 -11.65 -18.51
CA GLN C 479 -29.62 -11.03 -17.19
C GLN C 479 -28.14 -10.73 -16.90
N ALA C 480 -27.25 -11.35 -17.67
CA ALA C 480 -25.80 -11.31 -17.53
C ALA C 480 -25.23 -9.94 -17.94
N HIS C 481 -26.00 -9.18 -18.74
CA HIS C 481 -25.63 -7.81 -19.12
C HIS C 481 -25.59 -6.89 -17.91
N LEU C 482 -26.22 -7.29 -16.75
CA LEU C 482 -26.15 -6.44 -15.55
C LEU C 482 -24.74 -6.34 -14.95
N TYR C 483 -23.81 -7.21 -15.36
CA TYR C 483 -22.50 -7.31 -14.72
C TYR C 483 -21.40 -6.92 -15.64
N ARG C 484 -20.51 -6.09 -15.14
CA ARG C 484 -19.34 -5.66 -15.85
C ARG C 484 -18.54 -6.85 -16.38
N GLY C 485 -18.24 -6.79 -17.67
CA GLY C 485 -17.33 -7.75 -18.30
C GLY C 485 -17.99 -9.00 -18.82
N ILE C 486 -19.24 -9.25 -18.38
CA ILE C 486 -19.85 -10.53 -18.74
C ILE C 486 -20.41 -10.40 -20.12
N PHE C 487 -19.82 -11.12 -21.10
CA PHE C 487 -20.23 -11.15 -22.51
C PHE C 487 -20.98 -12.47 -22.67
N PRO C 488 -22.32 -12.48 -22.51
CA PRO C 488 -23.05 -13.75 -22.55
C PRO C 488 -23.18 -14.31 -23.95
N VAL C 489 -23.05 -15.63 -24.09
CA VAL C 489 -23.27 -16.32 -25.36
C VAL C 489 -24.28 -17.44 -25.12
N LEU C 490 -25.33 -17.45 -25.95
CA LEU C 490 -26.39 -18.44 -25.82
C LEU C 490 -26.09 -19.59 -26.71
N CYS C 491 -25.75 -20.71 -26.08
CA CYS C 491 -25.51 -21.95 -26.81
C CYS C 491 -26.82 -22.60 -27.17
N LYS C 492 -27.00 -22.92 -28.46
CA LYS C 492 -28.25 -23.54 -28.94
C LYS C 492 -28.00 -24.89 -29.61
N ASP C 493 -26.77 -25.40 -29.47
CA ASP C 493 -26.39 -26.78 -29.83
C ASP C 493 -27.06 -27.74 -28.86
N PRO C 494 -27.59 -28.88 -29.34
CA PRO C 494 -28.28 -29.81 -28.43
C PRO C 494 -27.33 -30.53 -27.47
N VAL C 495 -27.87 -30.95 -26.32
CA VAL C 495 -27.12 -31.62 -25.26
C VAL C 495 -26.55 -32.93 -25.77
N GLN C 496 -25.21 -32.98 -25.89
CA GLN C 496 -24.42 -34.13 -26.34
C GLN C 496 -24.36 -35.11 -25.19
N GLU C 497 -24.42 -36.39 -25.53
CA GLU C 497 -24.67 -37.49 -24.60
C GLU C 497 -23.56 -37.68 -23.59
N ALA C 498 -22.29 -37.66 -24.06
CA ALA C 498 -21.16 -37.67 -23.16
C ALA C 498 -20.97 -36.26 -22.59
N TRP C 499 -21.09 -36.14 -21.26
CA TRP C 499 -21.07 -34.83 -20.61
C TRP C 499 -19.79 -34.05 -20.88
N ALA C 500 -18.66 -34.74 -20.81
CA ALA C 500 -17.37 -34.17 -21.15
C ALA C 500 -17.36 -33.58 -22.57
N GLU C 501 -17.96 -34.26 -23.56
CA GLU C 501 -18.12 -33.75 -24.93
C GLU C 501 -19.03 -32.53 -24.98
N ASP C 502 -20.11 -32.53 -24.19
CA ASP C 502 -21.03 -31.40 -24.15
C ASP C 502 -20.36 -30.15 -23.56
N VAL C 503 -19.52 -30.37 -22.54
CA VAL C 503 -18.73 -29.31 -21.93
C VAL C 503 -17.75 -28.75 -22.95
N ASP C 504 -16.97 -29.63 -23.63
CA ASP C 504 -15.98 -29.21 -24.65
C ASP C 504 -16.64 -28.47 -25.81
N LEU C 505 -17.85 -28.87 -26.18
CA LEU C 505 -18.62 -28.24 -27.24
C LEU C 505 -18.88 -26.78 -26.89
N ARG C 506 -19.29 -26.51 -25.65
CA ARG C 506 -19.63 -25.18 -25.18
C ARG C 506 -18.38 -24.32 -25.03
N VAL C 507 -17.25 -24.93 -24.58
CA VAL C 507 -15.96 -24.23 -24.50
C VAL C 507 -15.52 -23.83 -25.92
N ASN C 508 -15.64 -24.74 -26.87
CA ASN C 508 -15.28 -24.50 -28.26
C ASN C 508 -16.14 -23.44 -28.91
N PHE C 509 -17.43 -23.44 -28.57
CA PHE C 509 -18.37 -22.41 -29.00
C PHE C 509 -17.85 -21.02 -28.56
N ALA C 510 -17.45 -20.90 -27.27
CA ALA C 510 -16.91 -19.65 -26.75
C ALA C 510 -15.62 -19.27 -27.46
N MET C 511 -14.74 -20.26 -27.76
CA MET C 511 -13.49 -20.04 -28.53
C MET C 511 -13.82 -19.44 -29.91
N ASN C 512 -14.86 -19.97 -30.57
CA ASN C 512 -15.30 -19.50 -31.86
C ASN C 512 -15.85 -18.08 -31.81
N VAL C 513 -16.68 -17.78 -30.78
CA VAL C 513 -17.19 -16.44 -30.56
C VAL C 513 -16.03 -15.45 -30.38
N GLY C 514 -15.12 -15.78 -29.46
CA GLY C 514 -14.01 -14.91 -29.13
C GLY C 514 -13.10 -14.64 -30.31
N LYS C 515 -12.80 -15.65 -31.13
CA LYS C 515 -12.04 -15.51 -32.38
C LYS C 515 -12.79 -14.60 -33.39
N ALA C 516 -14.13 -14.84 -33.58
CA ALA C 516 -14.97 -14.05 -34.51
C ALA C 516 -15.09 -12.58 -34.10
N ARG C 517 -15.12 -12.30 -32.78
CA ARG C 517 -15.27 -10.94 -32.27
C ARG C 517 -13.91 -10.26 -32.13
N GLY C 518 -12.83 -11.01 -32.41
CA GLY C 518 -11.47 -10.52 -32.33
C GLY C 518 -10.96 -10.32 -30.91
N PHE C 519 -11.52 -11.03 -29.90
CA PHE C 519 -11.05 -10.96 -28.51
C PHE C 519 -9.72 -11.64 -28.34
N PHE C 520 -9.47 -12.69 -29.16
CA PHE C 520 -8.23 -13.47 -29.15
C PHE C 520 -8.08 -14.24 -30.45
N LYS C 521 -6.87 -14.80 -30.67
CA LYS C 521 -6.53 -15.59 -31.85
C LYS C 521 -5.92 -16.93 -31.39
N LYS C 522 -5.83 -17.91 -32.32
CA LYS C 522 -5.17 -19.21 -32.11
C LYS C 522 -3.77 -19.00 -31.47
N GLY C 523 -3.48 -19.80 -30.45
CA GLY C 523 -2.20 -19.73 -29.74
C GLY C 523 -2.22 -18.91 -28.47
N ASP C 524 -3.15 -17.92 -28.36
CA ASP C 524 -3.34 -17.11 -27.14
C ASP C 524 -3.81 -18.01 -26.02
N VAL C 525 -3.59 -17.62 -24.76
CA VAL C 525 -4.12 -18.40 -23.63
C VAL C 525 -5.40 -17.79 -23.09
N VAL C 526 -6.38 -18.65 -22.69
CA VAL C 526 -7.58 -18.21 -22.04
C VAL C 526 -7.78 -19.00 -20.77
N ILE C 527 -8.57 -18.44 -19.83
CA ILE C 527 -8.97 -19.17 -18.62
C ILE C 527 -10.33 -19.81 -18.92
N VAL C 528 -10.52 -21.09 -18.50
CA VAL C 528 -11.78 -21.79 -18.67
C VAL C 528 -12.30 -22.30 -17.30
N LEU C 529 -13.54 -21.94 -16.96
CA LEU C 529 -14.19 -22.36 -15.74
C LEU C 529 -15.32 -23.30 -15.99
N THR C 530 -15.24 -24.48 -15.38
CA THR C 530 -16.27 -25.50 -15.48
C THR C 530 -16.48 -26.08 -14.08
N GLY C 531 -17.38 -27.04 -14.00
CA GLY C 531 -17.67 -27.77 -12.79
C GLY C 531 -17.39 -29.23 -12.94
N TRP C 532 -17.49 -29.96 -11.83
CA TRP C 532 -17.12 -31.38 -11.82
C TRP C 532 -18.28 -32.32 -12.20
N ARG C 533 -19.50 -31.82 -12.21
CA ARG C 533 -20.67 -32.60 -12.61
C ARG C 533 -21.73 -31.65 -13.19
N PRO C 534 -22.69 -32.14 -14.02
CA PRO C 534 -23.75 -31.23 -14.50
C PRO C 534 -24.64 -30.67 -13.39
N GLY C 535 -25.34 -29.58 -13.67
CA GLY C 535 -26.47 -29.25 -12.84
C GLY C 535 -26.68 -27.86 -12.29
N SER C 536 -25.61 -27.20 -11.73
CA SER C 536 -25.68 -25.90 -11.02
C SER C 536 -25.10 -25.99 -9.62
N GLY C 537 -24.23 -25.04 -9.28
CA GLY C 537 -23.60 -25.01 -7.96
C GLY C 537 -22.33 -25.83 -7.81
N PHE C 538 -21.79 -26.36 -8.92
CA PHE C 538 -20.59 -27.22 -8.89
C PHE C 538 -19.34 -26.66 -9.58
N THR C 539 -19.32 -25.35 -9.99
CA THR C 539 -18.12 -24.74 -10.57
C THR C 539 -16.97 -24.82 -9.57
N ASN C 540 -15.89 -25.52 -9.96
CA ASN C 540 -14.72 -25.76 -9.07
C ASN C 540 -13.47 -25.99 -9.90
N THR C 541 -13.54 -25.81 -11.22
CA THR C 541 -12.42 -26.22 -12.10
C THR C 541 -11.99 -25.04 -12.93
N MET C 542 -10.70 -24.72 -12.88
CA MET C 542 -10.09 -23.62 -13.61
C MET C 542 -8.98 -24.19 -14.50
N ARG C 543 -9.07 -23.94 -15.81
CA ARG C 543 -8.07 -24.46 -16.75
C ARG C 543 -7.49 -23.35 -17.58
N VAL C 544 -6.16 -23.36 -17.75
CA VAL C 544 -5.47 -22.42 -18.60
C VAL C 544 -5.25 -23.19 -19.89
N VAL C 545 -5.89 -22.73 -20.98
CA VAL C 545 -5.95 -23.43 -22.25
C VAL C 545 -5.53 -22.56 -23.45
N PRO C 546 -4.76 -23.10 -24.43
CA PRO C 546 -4.50 -22.33 -25.66
C PRO C 546 -5.73 -22.29 -26.56
N VAL C 547 -5.90 -21.16 -27.24
CA VAL C 547 -6.95 -20.98 -28.25
C VAL C 547 -6.59 -21.88 -29.45
N PRO C 548 -7.49 -22.83 -29.83
CA PRO C 548 -7.18 -23.71 -30.98
C PRO C 548 -7.28 -23.03 -32.35
N GLN D 31 -17.48 13.77 11.44
CA GLN D 31 -18.66 13.90 10.55
C GLN D 31 -18.56 14.99 9.45
N THR D 32 -17.65 15.99 9.59
CA THR D 32 -17.50 17.07 8.61
C THR D 32 -16.42 16.73 7.59
N GLN D 33 -16.43 17.44 6.43
CA GLN D 33 -15.47 17.39 5.31
C GLN D 33 -14.97 15.96 4.90
N GLN D 34 -15.89 14.96 4.93
CA GLN D 34 -15.62 13.56 4.59
C GLN D 34 -14.47 12.97 5.44
N LEU D 35 -14.41 13.34 6.73
CA LEU D 35 -13.35 12.83 7.60
C LEU D 35 -13.45 11.31 7.84
N HIS D 36 -14.68 10.74 7.81
CA HIS D 36 -14.85 9.29 7.88
C HIS D 36 -14.21 8.60 6.65
N ALA D 37 -14.51 9.12 5.42
CA ALA D 37 -13.90 8.67 4.17
C ALA D 37 -12.38 8.84 4.17
N ALA D 38 -11.89 9.97 4.76
CA ALA D 38 -10.48 10.33 4.92
C ALA D 38 -9.69 9.23 5.64
N MET D 39 -10.30 8.57 6.63
CA MET D 39 -9.64 7.58 7.48
C MET D 39 -9.62 6.15 6.91
N ALA D 40 -10.22 5.93 5.73
CA ALA D 40 -10.32 4.59 5.14
C ALA D 40 -8.96 4.03 4.72
N ASP D 41 -8.80 2.71 4.84
CA ASP D 41 -7.52 2.02 4.57
C ASP D 41 -7.35 1.70 3.10
N THR D 42 -8.47 1.69 2.35
CA THR D 42 -8.46 1.46 0.91
C THR D 42 -9.19 2.56 0.17
N PHE D 43 -8.85 2.74 -1.12
CA PHE D 43 -9.58 3.67 -1.97
C PHE D 43 -11.05 3.25 -2.12
N LEU D 44 -11.28 1.94 -2.23
CA LEU D 44 -12.63 1.41 -2.38
C LEU D 44 -13.48 1.73 -1.12
N GLU D 45 -12.95 1.47 0.07
CA GLU D 45 -13.65 1.84 1.30
C GLU D 45 -13.84 3.35 1.42
N HIS D 46 -12.84 4.13 0.95
CA HIS D 46 -12.94 5.59 0.90
C HIS D 46 -14.18 6.01 0.08
N MET D 47 -14.34 5.44 -1.13
CA MET D 47 -15.53 5.67 -1.95
C MET D 47 -16.79 5.29 -1.18
N CYS D 48 -16.83 4.09 -0.53
CA CYS D 48 -17.98 3.59 0.27
C CYS D 48 -18.42 4.54 1.35
N ARG D 49 -17.49 5.36 1.87
CA ARG D 49 -17.73 6.24 2.99
C ARG D 49 -18.10 7.65 2.60
N LEU D 50 -18.03 7.98 1.31
CA LEU D 50 -18.44 9.32 0.84
C LEU D 50 -19.90 9.57 1.24
N ASP D 51 -20.12 10.73 1.82
CA ASP D 51 -21.35 10.99 2.57
C ASP D 51 -21.92 12.35 2.22
N ILE D 52 -23.12 12.33 1.59
CA ILE D 52 -23.87 13.54 1.20
C ILE D 52 -24.28 14.39 2.43
N ASP D 53 -24.23 13.80 3.65
CA ASP D 53 -24.56 14.46 4.89
C ASP D 53 -23.34 14.96 5.67
N SER D 54 -22.13 14.79 5.08
CA SER D 54 -20.90 15.30 5.66
C SER D 54 -20.66 16.63 4.98
N PRO D 55 -20.90 17.78 5.68
CA PRO D 55 -20.76 19.09 5.02
C PRO D 55 -19.30 19.47 4.77
N PRO D 56 -18.98 20.14 3.64
CA PRO D 56 -17.59 20.64 3.47
C PRO D 56 -17.20 21.74 4.44
N ILE D 57 -15.89 22.02 4.55
CA ILE D 57 -15.43 23.24 5.21
C ILE D 57 -15.84 24.47 4.37
N THR D 58 -15.73 25.66 4.97
CA THR D 58 -15.91 26.94 4.29
C THR D 58 -14.92 27.12 3.14
N ALA D 59 -13.63 26.76 3.35
CA ALA D 59 -12.58 27.04 2.40
C ALA D 59 -12.81 26.30 1.10
N ARG D 60 -12.58 26.96 -0.03
CA ARG D 60 -12.62 26.34 -1.36
C ARG D 60 -11.25 26.51 -1.95
N ASN D 61 -10.63 25.44 -2.43
CA ASN D 61 -9.23 25.47 -2.83
C ASN D 61 -9.03 25.64 -4.33
N THR D 62 -9.96 25.15 -5.12
CA THR D 62 -9.82 25.15 -6.59
C THR D 62 -10.08 26.56 -7.14
N GLY D 63 -9.14 27.05 -7.92
CA GLY D 63 -9.26 28.37 -8.52
C GLY D 63 -10.30 28.36 -9.62
N ILE D 64 -11.13 29.44 -9.69
CA ILE D 64 -12.17 29.61 -10.71
C ILE D 64 -11.82 30.73 -11.73
N ILE D 65 -11.70 30.32 -13.00
CA ILE D 65 -11.39 31.22 -14.09
C ILE D 65 -12.65 31.45 -14.90
N CYS D 66 -13.05 32.72 -15.05
CA CYS D 66 -14.26 33.08 -15.81
C CYS D 66 -13.90 33.89 -17.02
N THR D 67 -14.35 33.44 -18.18
CA THR D 67 -14.29 34.24 -19.41
C THR D 67 -15.30 35.40 -19.34
N ILE D 68 -14.79 36.63 -19.53
CA ILE D 68 -15.59 37.83 -19.50
C ILE D 68 -16.05 38.15 -20.94
N GLY D 69 -17.32 38.49 -21.06
CA GLY D 69 -17.95 38.87 -22.31
C GLY D 69 -19.21 39.66 -22.03
N PRO D 70 -20.13 39.80 -23.02
CA PRO D 70 -21.30 40.67 -22.82
C PRO D 70 -22.20 40.36 -21.63
N ALA D 71 -22.32 39.08 -21.23
CA ALA D 71 -23.11 38.67 -20.06
C ALA D 71 -22.49 39.09 -18.73
N SER D 72 -21.18 39.32 -18.72
CA SER D 72 -20.40 39.44 -17.49
C SER D 72 -19.50 40.69 -17.40
N ARG D 73 -19.58 41.60 -18.41
CA ARG D 73 -18.68 42.75 -18.61
C ARG D 73 -18.93 43.97 -17.71
N SER D 74 -20.16 44.27 -17.33
CA SER D 74 -20.46 45.41 -16.47
C SER D 74 -19.80 45.31 -15.09
N VAL D 75 -19.37 46.44 -14.57
CA VAL D 75 -18.78 46.62 -13.22
C VAL D 75 -19.67 45.92 -12.18
N GLU D 76 -21.00 46.15 -12.28
CA GLU D 76 -22.00 45.63 -11.36
C GLU D 76 -22.09 44.12 -11.38
N THR D 77 -22.11 43.51 -12.61
CA THR D 77 -22.07 42.04 -12.73
C THR D 77 -20.74 41.51 -12.20
N LEU D 78 -19.61 42.18 -12.55
CA LEU D 78 -18.28 41.76 -12.12
C LEU D 78 -18.12 41.78 -10.61
N LYS D 79 -18.76 42.73 -9.93
CA LYS D 79 -18.79 42.75 -8.45
C LYS D 79 -19.40 41.46 -7.89
N GLU D 80 -20.53 41.04 -8.47
CA GLU D 80 -21.18 39.79 -8.08
C GLU D 80 -20.40 38.56 -8.46
N MET D 81 -19.75 38.53 -9.65
CA MET D 81 -18.86 37.44 -10.11
C MET D 81 -17.76 37.17 -9.03
N ILE D 82 -17.10 38.24 -8.57
CA ILE D 82 -16.06 38.18 -7.53
C ILE D 82 -16.64 37.59 -6.23
N LYS D 83 -17.78 38.12 -5.78
CA LYS D 83 -18.48 37.68 -4.57
C LYS D 83 -18.83 36.21 -4.69
N SER D 84 -19.17 35.76 -5.91
CA SER D 84 -19.59 34.37 -6.20
C SER D 84 -18.42 33.42 -6.31
N GLY D 85 -17.21 33.96 -6.44
CA GLY D 85 -15.98 33.17 -6.34
C GLY D 85 -14.99 33.26 -7.47
N MET D 86 -15.25 34.15 -8.49
CA MET D 86 -14.28 34.41 -9.58
C MET D 86 -12.89 34.81 -9.05
N ASN D 87 -11.88 34.06 -9.46
CA ASN D 87 -10.51 34.39 -9.04
C ASN D 87 -9.71 35.00 -10.17
N VAL D 88 -10.01 34.61 -11.42
CA VAL D 88 -9.29 35.03 -12.62
C VAL D 88 -10.30 35.41 -13.68
N ALA D 89 -10.08 36.57 -14.32
CA ALA D 89 -10.87 37.05 -15.46
C ALA D 89 -10.14 36.75 -16.74
N ARG D 90 -10.69 35.82 -17.55
CA ARG D 90 -10.11 35.45 -18.83
C ARG D 90 -10.70 36.32 -19.94
N LEU D 91 -9.80 36.89 -20.75
CA LEU D 91 -10.11 37.68 -21.91
C LEU D 91 -9.73 36.86 -23.14
N ASN D 92 -10.69 36.51 -23.98
CA ASN D 92 -10.44 35.68 -25.15
C ASN D 92 -10.16 36.58 -26.34
N PHE D 93 -8.94 36.52 -26.85
CA PHE D 93 -8.51 37.39 -27.95
C PHE D 93 -8.78 36.87 -29.36
N SER D 94 -9.59 35.81 -29.47
CA SER D 94 -10.16 35.38 -30.76
C SER D 94 -11.07 36.46 -31.32
N HIS D 95 -11.75 37.18 -30.43
CA HIS D 95 -12.68 38.22 -30.82
C HIS D 95 -12.42 39.50 -30.05
N GLY D 96 -12.85 40.63 -30.61
CA GLY D 96 -12.87 41.92 -29.94
C GLY D 96 -11.63 42.74 -30.16
N THR D 97 -11.79 44.07 -30.08
CA THR D 97 -10.71 45.01 -30.32
C THR D 97 -9.96 45.25 -29.03
N HIS D 98 -8.77 45.84 -29.10
CA HIS D 98 -7.99 46.25 -27.94
C HIS D 98 -8.75 47.25 -27.09
N GLU D 99 -9.49 48.18 -27.71
CA GLU D 99 -10.35 49.16 -27.02
C GLU D 99 -11.41 48.45 -26.18
N TYR D 100 -12.08 47.45 -26.76
CA TYR D 100 -13.07 46.63 -26.08
C TYR D 100 -12.45 45.89 -24.88
N HIS D 101 -11.32 45.20 -25.11
CA HIS D 101 -10.57 44.52 -24.08
C HIS D 101 -10.04 45.44 -22.99
N ALA D 102 -9.54 46.63 -23.35
CA ALA D 102 -9.06 47.61 -22.37
C ALA D 102 -10.18 48.07 -21.45
N GLU D 103 -11.40 48.25 -22.00
CA GLU D 103 -12.58 48.58 -21.21
C GLU D 103 -12.98 47.46 -20.25
N THR D 104 -12.98 46.19 -20.73
CA THR D 104 -13.25 45.03 -19.89
C THR D 104 -12.28 44.99 -18.71
N ILE D 105 -10.98 45.13 -19.00
CA ILE D 105 -9.91 45.11 -18.00
C ILE D 105 -10.13 46.26 -16.97
N LYS D 106 -10.46 47.43 -17.46
CA LYS D 106 -10.81 48.58 -16.62
C LYS D 106 -11.98 48.25 -15.69
N ASN D 107 -13.00 47.58 -16.21
CA ASN D 107 -14.20 47.19 -15.43
C ASN D 107 -13.90 46.17 -14.39
N VAL D 108 -13.07 45.18 -14.74
CA VAL D 108 -12.57 44.15 -13.82
C VAL D 108 -11.88 44.84 -12.64
N ARG D 109 -10.98 45.79 -12.96
CA ARG D 109 -10.22 46.52 -11.94
C ARG D 109 -11.11 47.42 -11.10
N THR D 110 -12.13 48.06 -11.70
CA THR D 110 -13.09 48.89 -10.98
C THR D 110 -13.85 48.06 -9.93
N ALA D 111 -14.41 46.91 -10.36
CA ALA D 111 -15.13 45.95 -9.54
C ALA D 111 -14.26 45.42 -8.41
N THR D 112 -13.01 45.00 -8.74
CA THR D 112 -12.07 44.43 -7.77
C THR D 112 -11.74 45.44 -6.68
N GLU D 113 -11.40 46.68 -7.07
CA GLU D 113 -10.94 47.70 -6.15
C GLU D 113 -12.06 48.31 -5.29
N SER D 114 -13.34 48.05 -5.65
CA SER D 114 -14.50 48.49 -4.85
C SER D 114 -14.49 47.81 -3.45
N PHE D 115 -13.76 46.69 -3.34
CA PHE D 115 -13.61 45.92 -2.10
C PHE D 115 -12.31 46.22 -1.36
N ALA D 116 -11.42 47.05 -1.95
CA ALA D 116 -10.13 47.41 -1.36
C ALA D 116 -10.23 48.15 -0.01
N SER D 117 -11.40 48.77 0.27
CA SER D 117 -11.71 49.52 1.50
C SER D 117 -11.51 48.68 2.76
N ASP D 118 -11.86 47.34 2.71
CA ASP D 118 -11.56 46.39 3.78
C ASP D 118 -10.47 45.40 3.33
N PRO D 119 -9.22 45.63 3.78
CA PRO D 119 -8.13 44.72 3.39
C PRO D 119 -8.30 43.27 3.85
N ILE D 120 -9.01 43.08 4.97
CA ILE D 120 -9.31 41.76 5.50
C ILE D 120 -10.20 40.96 4.55
N LEU D 121 -11.18 41.63 3.92
CA LEU D 121 -12.12 40.97 3.05
C LEU D 121 -11.80 41.04 1.54
N TYR D 122 -10.92 41.99 1.12
CA TYR D 122 -10.52 42.17 -0.26
C TYR D 122 -10.04 40.85 -0.86
N ARG D 123 -10.57 40.46 -2.03
CA ARG D 123 -10.06 39.36 -2.80
C ARG D 123 -9.22 39.83 -3.97
N PRO D 124 -7.94 39.45 -4.10
CA PRO D 124 -7.24 39.74 -5.37
C PRO D 124 -7.97 39.08 -6.56
N VAL D 125 -7.92 39.72 -7.76
CA VAL D 125 -8.55 39.13 -8.96
C VAL D 125 -7.55 39.21 -10.09
N ALA D 126 -7.13 38.06 -10.68
CA ALA D 126 -6.14 38.10 -11.74
C ALA D 126 -6.76 38.42 -13.09
N VAL D 127 -5.95 38.84 -14.05
CA VAL D 127 -6.39 39.07 -15.43
C VAL D 127 -5.57 38.14 -16.32
N ALA D 128 -6.25 37.31 -17.11
CA ALA D 128 -5.60 36.40 -18.05
C ALA D 128 -5.91 36.80 -19.50
N LEU D 129 -4.88 36.83 -20.34
CA LEU D 129 -5.05 37.09 -21.77
C LEU D 129 -4.93 35.74 -22.48
N ASP D 130 -6.01 35.34 -23.18
CA ASP D 130 -6.00 34.09 -23.93
C ASP D 130 -5.82 34.43 -25.39
N THR D 131 -4.69 34.01 -25.99
CA THR D 131 -4.36 34.38 -27.37
C THR D 131 -5.27 33.71 -28.38
N LYS D 132 -5.43 34.34 -29.55
CA LYS D 132 -6.11 33.73 -30.70
C LYS D 132 -5.29 32.56 -31.17
N GLY D 133 -3.97 32.77 -31.25
CA GLY D 133 -3.03 31.79 -31.74
C GLY D 133 -3.21 31.50 -33.22
N PRO D 134 -2.39 30.59 -33.78
CA PRO D 134 -2.60 30.21 -35.20
C PRO D 134 -3.91 29.45 -35.36
N GLU D 135 -4.67 29.89 -36.35
CA GLU D 135 -6.04 29.50 -36.58
C GLU D 135 -6.26 29.31 -38.05
N ILE D 136 -7.52 29.00 -38.39
CA ILE D 136 -8.09 29.12 -39.73
C ILE D 136 -9.48 29.81 -39.54
N ARG D 137 -9.94 30.64 -40.52
CA ARG D 137 -11.21 31.38 -40.38
C ARG D 137 -12.22 31.21 -41.55
N THR D 138 -13.10 30.20 -41.43
CA THR D 138 -14.08 29.76 -42.44
C THR D 138 -15.18 30.81 -42.65
N GLY D 139 -15.51 31.05 -43.91
CA GLY D 139 -16.64 31.90 -44.30
C GLY D 139 -16.28 33.04 -45.24
N LEU D 140 -17.04 33.16 -46.35
CA LEU D 140 -17.02 34.32 -47.27
C LEU D 140 -18.30 35.16 -47.08
N ILE D 141 -19.48 34.52 -47.15
CA ILE D 141 -20.78 35.12 -46.80
C ILE D 141 -20.94 35.16 -45.27
N LYS D 142 -20.89 36.37 -44.67
CA LYS D 142 -20.85 36.56 -43.21
C LYS D 142 -21.62 37.78 -42.67
N GLY D 143 -22.93 37.80 -42.89
CA GLY D 143 -23.80 38.89 -42.45
C GLY D 143 -24.76 38.52 -41.33
N SER D 144 -24.29 38.64 -40.05
CA SER D 144 -24.99 38.24 -38.81
C SER D 144 -25.39 36.77 -38.74
N GLY D 145 -26.17 36.31 -39.73
CA GLY D 145 -26.53 34.91 -39.94
C GLY D 145 -26.13 34.43 -41.32
N THR D 146 -25.07 33.58 -41.39
CA THR D 146 -24.41 33.13 -42.62
C THR D 146 -25.27 32.15 -43.44
N ALA D 147 -24.99 32.05 -44.76
CA ALA D 147 -25.58 31.04 -45.65
C ALA D 147 -25.04 29.66 -45.24
N GLU D 148 -25.90 28.90 -44.52
CA GLU D 148 -25.63 27.68 -43.75
C GLU D 148 -24.67 26.68 -44.38
N VAL D 149 -23.82 26.06 -43.54
CA VAL D 149 -22.94 24.94 -43.91
C VAL D 149 -23.85 23.74 -44.25
N GLU D 150 -24.58 23.18 -43.26
CA GLU D 150 -25.72 22.24 -43.39
C GLU D 150 -25.43 20.96 -44.17
N LEU D 151 -24.97 21.12 -45.43
CA LEU D 151 -24.32 20.14 -46.30
C LEU D 151 -25.24 19.07 -46.95
N LYS D 152 -25.03 18.64 -48.24
CA LYS D 152 -23.89 18.79 -49.20
C LYS D 152 -22.82 17.71 -48.97
N LYS D 153 -23.26 16.44 -49.03
CA LYS D 153 -22.45 15.23 -48.78
C LYS D 153 -21.60 14.86 -50.02
N GLY D 154 -20.95 15.87 -50.59
CA GLY D 154 -20.23 15.83 -51.85
C GLY D 154 -20.59 17.01 -52.72
N ALA D 155 -19.84 18.14 -52.56
CA ALA D 155 -20.14 19.42 -53.21
C ALA D 155 -18.91 20.21 -53.69
N THR D 156 -19.18 21.35 -54.37
CA THR D 156 -18.17 22.28 -54.88
C THR D 156 -18.02 23.50 -53.95
N LEU D 157 -16.90 23.53 -53.21
CA LEU D 157 -16.58 24.61 -52.27
C LEU D 157 -15.43 25.56 -52.71
N LYS D 158 -14.17 25.10 -53.03
CA LYS D 158 -13.62 23.75 -53.08
C LYS D 158 -12.10 23.73 -52.77
N LEU D 159 -11.60 22.64 -52.14
CA LEU D 159 -10.19 22.45 -51.70
C LEU D 159 -9.15 22.85 -52.75
N THR D 160 -8.34 23.88 -52.44
CA THR D 160 -7.42 24.48 -53.41
C THR D 160 -5.93 24.49 -53.03
N LEU D 161 -5.08 24.01 -53.96
CA LEU D 161 -3.61 24.10 -53.91
C LEU D 161 -3.19 25.43 -54.57
N ASP D 162 -3.87 26.55 -54.20
CA ASP D 162 -3.69 27.89 -54.79
C ASP D 162 -4.33 28.98 -53.93
N ASN D 163 -3.98 30.27 -54.23
CA ASN D 163 -4.69 31.48 -53.78
C ASN D 163 -5.44 32.07 -55.01
N ALA D 164 -6.11 31.19 -55.80
CA ALA D 164 -6.85 31.59 -57.00
C ALA D 164 -8.35 31.75 -56.72
N TYR D 165 -9.10 30.63 -56.72
CA TYR D 165 -10.56 30.65 -56.59
C TYR D 165 -11.01 30.53 -55.12
N MET D 166 -10.57 31.51 -54.31
CA MET D 166 -10.82 31.58 -52.88
C MET D 166 -12.02 32.51 -52.58
N GLU D 167 -11.87 33.82 -52.88
CA GLU D 167 -12.89 34.85 -52.62
C GLU D 167 -14.04 34.84 -53.68
N LYS D 168 -14.63 33.66 -53.95
CA LYS D 168 -15.71 33.51 -54.95
C LYS D 168 -16.84 32.60 -54.46
N CYS D 169 -18.12 33.01 -54.70
CA CYS D 169 -19.37 32.32 -54.34
C CYS D 169 -20.47 32.52 -55.39
N ASP D 170 -21.12 31.41 -55.83
CA ASP D 170 -22.20 31.42 -56.83
C ASP D 170 -23.43 30.56 -56.43
N GLU D 171 -23.27 29.62 -55.47
CA GLU D 171 -24.36 28.79 -54.93
C GLU D 171 -24.35 28.73 -53.38
N ASN D 172 -23.43 27.94 -52.76
CA ASN D 172 -23.19 27.90 -51.31
C ASN D 172 -21.75 27.44 -50.98
N ILE D 173 -20.84 28.42 -50.73
CA ILE D 173 -19.43 28.20 -50.37
C ILE D 173 -19.01 29.14 -49.25
N LEU D 174 -18.06 28.70 -48.40
CA LEU D 174 -17.50 29.48 -47.27
C LEU D 174 -15.97 29.28 -47.09
N TRP D 175 -15.16 30.24 -47.57
CA TRP D 175 -13.70 30.09 -47.61
C TRP D 175 -12.91 30.70 -46.44
N LEU D 176 -11.72 30.14 -46.18
CA LEU D 176 -10.92 30.36 -44.97
C LEU D 176 -9.84 31.48 -45.07
N ASP D 177 -8.73 31.38 -44.27
CA ASP D 177 -7.63 32.36 -44.22
C ASP D 177 -6.18 31.79 -44.20
N TYR D 178 -6.03 30.45 -44.24
CA TYR D 178 -4.72 29.80 -44.17
C TYR D 178 -4.20 29.31 -45.53
N LYS D 179 -2.87 29.47 -45.74
CA LYS D 179 -2.12 29.12 -46.95
C LYS D 179 -1.74 27.61 -47.04
N ASN D 180 -0.42 27.27 -47.02
CA ASN D 180 0.14 25.95 -47.33
C ASN D 180 -0.34 24.73 -46.47
N ILE D 181 -1.29 23.91 -47.03
CA ILE D 181 -1.85 22.68 -46.41
C ILE D 181 -0.91 21.46 -46.59
N CYS D 182 -0.26 21.38 -47.78
CA CYS D 182 0.58 20.28 -48.27
C CYS D 182 1.86 20.02 -47.45
N LYS D 183 2.61 18.96 -47.86
CA LYS D 183 3.80 18.38 -47.20
C LYS D 183 3.48 17.63 -45.91
N VAL D 184 2.75 18.31 -44.99
CA VAL D 184 2.28 17.71 -43.73
C VAL D 184 0.82 17.23 -43.85
N VAL D 185 0.47 16.62 -45.01
CA VAL D 185 -0.89 16.23 -45.36
C VAL D 185 -1.03 14.81 -45.95
N GLU D 186 -2.26 14.25 -45.88
CA GLU D 186 -2.68 12.95 -46.41
C GLU D 186 -4.18 12.99 -46.80
N VAL D 187 -4.54 12.33 -47.92
CA VAL D 187 -5.88 12.25 -48.52
C VAL D 187 -6.99 11.82 -47.52
N GLY D 188 -8.21 12.34 -47.73
CA GLY D 188 -9.41 11.96 -47.00
C GLY D 188 -9.50 12.43 -45.56
N SER D 189 -8.69 13.45 -45.17
CA SER D 189 -8.65 14.03 -43.81
C SER D 189 -9.95 14.83 -43.46
N LYS D 190 -9.97 15.45 -42.26
CA LYS D 190 -11.15 16.15 -41.72
C LYS D 190 -10.91 17.62 -41.46
N ILE D 191 -11.97 18.44 -41.60
CA ILE D 191 -11.93 19.90 -41.52
C ILE D 191 -13.15 20.35 -40.69
N TYR D 192 -12.98 20.48 -39.37
CA TYR D 192 -14.11 20.72 -38.48
C TYR D 192 -14.50 22.18 -38.36
N VAL D 193 -15.48 22.59 -39.19
CA VAL D 193 -16.04 23.93 -39.26
C VAL D 193 -16.89 24.22 -38.01
N ASP D 194 -16.85 25.49 -37.54
CA ASP D 194 -17.47 26.02 -36.31
C ASP D 194 -16.95 25.33 -35.03
N ASP D 195 -15.70 24.84 -35.08
CA ASP D 195 -15.05 24.08 -34.01
C ASP D 195 -15.86 22.81 -33.58
N GLY D 196 -15.88 21.82 -34.47
CA GLY D 196 -16.44 20.49 -34.17
C GLY D 196 -17.94 20.33 -34.25
N LEU D 197 -18.67 21.44 -34.48
CA LEU D 197 -20.12 21.44 -34.74
C LEU D 197 -20.43 20.80 -36.10
N ILE D 198 -19.48 20.93 -37.06
CA ILE D 198 -19.52 20.35 -38.41
C ILE D 198 -18.30 19.43 -38.58
N SER D 199 -18.52 18.22 -39.13
CA SER D 199 -17.47 17.26 -39.49
C SER D 199 -17.16 17.42 -40.97
N LEU D 200 -15.96 16.98 -41.44
CA LEU D 200 -15.66 16.98 -42.88
C LEU D 200 -14.89 15.80 -43.49
N GLN D 201 -15.23 15.50 -44.76
CA GLN D 201 -14.53 14.63 -45.71
C GLN D 201 -13.83 15.57 -46.72
N VAL D 202 -12.48 15.56 -46.76
CA VAL D 202 -11.71 16.39 -47.70
C VAL D 202 -10.57 15.56 -48.31
N LYS D 203 -10.67 15.17 -49.60
CA LYS D 203 -9.71 14.23 -50.22
C LYS D 203 -9.02 14.73 -51.50
N GLN D 204 -7.67 14.82 -51.49
CA GLN D 204 -6.88 15.37 -52.60
C GLN D 204 -6.03 14.34 -53.39
N LYS D 205 -5.00 13.72 -52.76
CA LYS D 205 -4.07 12.79 -53.41
C LYS D 205 -4.22 11.33 -52.89
N GLY D 206 -5.13 10.52 -53.45
CA GLY D 206 -5.96 10.82 -54.60
C GLY D 206 -5.20 10.60 -55.90
N ALA D 207 -5.14 9.31 -56.35
CA ALA D 207 -4.40 8.87 -57.54
C ALA D 207 -4.98 9.41 -58.88
N ASP D 208 -5.77 10.50 -58.80
CA ASP D 208 -6.49 11.11 -59.91
C ASP D 208 -6.72 12.62 -59.66
N PHE D 209 -5.95 13.48 -60.37
CA PHE D 209 -6.00 14.94 -60.30
C PHE D 209 -5.87 15.52 -58.85
N LEU D 210 -6.36 16.77 -58.60
CA LEU D 210 -6.20 17.45 -57.32
C LEU D 210 -7.55 17.77 -56.62
N VAL D 211 -8.28 16.69 -56.25
CA VAL D 211 -9.68 16.69 -55.79
C VAL D 211 -10.01 17.38 -54.44
N THR D 212 -11.32 17.47 -54.09
CA THR D 212 -11.83 18.30 -53.01
C THR D 212 -12.68 17.55 -51.96
N GLU D 213 -14.00 17.39 -52.19
CA GLU D 213 -15.04 16.75 -51.35
C GLU D 213 -15.62 17.60 -50.18
N VAL D 214 -16.90 17.28 -49.78
CA VAL D 214 -17.70 17.86 -48.66
C VAL D 214 -18.63 16.74 -48.03
N GLU D 215 -19.12 16.90 -46.76
CA GLU D 215 -19.77 15.83 -45.97
C GLU D 215 -21.00 16.22 -45.10
N ASN D 216 -20.88 16.15 -43.75
CA ASN D 216 -21.97 16.35 -42.77
C ASN D 216 -21.87 17.74 -42.10
N GLY D 217 -22.97 18.50 -42.11
CA GLY D 217 -22.99 19.88 -41.61
C GLY D 217 -24.07 20.23 -40.61
N GLY D 218 -24.18 21.54 -40.34
CA GLY D 218 -25.15 22.12 -39.42
C GLY D 218 -25.59 23.51 -39.84
N SER D 219 -24.83 24.53 -39.42
CA SER D 219 -25.06 25.96 -39.71
C SER D 219 -23.75 26.73 -39.43
N LEU D 220 -23.79 28.09 -39.34
CA LEU D 220 -22.64 28.91 -38.91
C LEU D 220 -23.09 30.23 -38.27
N GLY D 221 -22.37 30.64 -37.21
CA GLY D 221 -22.52 31.94 -36.57
C GLY D 221 -21.90 33.04 -37.41
N SER D 222 -20.56 33.25 -37.26
CA SER D 222 -19.72 34.14 -38.08
C SER D 222 -18.21 33.92 -37.84
N LYS D 223 -17.45 33.65 -38.94
CA LYS D 223 -16.00 33.34 -38.96
C LYS D 223 -15.62 32.13 -38.10
N LYS D 224 -15.46 30.97 -38.74
CA LYS D 224 -15.27 29.69 -38.04
C LYS D 224 -13.78 29.23 -37.97
N GLY D 225 -13.53 27.91 -38.03
CA GLY D 225 -12.20 27.31 -37.92
C GLY D 225 -12.01 25.98 -38.62
N VAL D 226 -10.75 25.59 -38.87
CA VAL D 226 -10.36 24.32 -39.52
C VAL D 226 -9.23 23.63 -38.70
N ASN D 227 -9.23 22.28 -38.70
CA ASN D 227 -8.27 21.46 -37.97
C ASN D 227 -7.68 20.38 -38.87
N LEU D 228 -6.50 19.86 -38.51
CA LEU D 228 -5.79 18.86 -39.29
C LEU D 228 -5.19 17.79 -38.38
N PRO D 229 -5.92 16.66 -38.20
CA PRO D 229 -5.65 15.77 -37.05
C PRO D 229 -4.32 15.03 -37.14
N GLY D 230 -3.78 14.65 -35.97
CA GLY D 230 -2.50 13.96 -35.83
C GLY D 230 -1.29 14.58 -36.49
N ALA D 231 -1.44 15.77 -37.13
CA ALA D 231 -0.41 16.41 -37.95
C ALA D 231 0.72 17.09 -37.13
N ALA D 232 1.81 17.51 -37.81
CA ALA D 232 2.75 18.51 -37.31
C ALA D 232 2.55 19.78 -38.15
N VAL D 233 1.63 20.66 -37.70
CA VAL D 233 1.23 21.88 -38.43
C VAL D 233 2.31 22.96 -38.29
N ASP D 234 2.72 23.54 -39.45
CA ASP D 234 3.86 24.46 -39.60
C ASP D 234 3.62 25.90 -39.12
N LEU D 235 2.33 26.36 -39.05
CA LEU D 235 1.89 27.75 -38.80
C LEU D 235 2.76 28.44 -37.72
N PRO D 236 2.98 29.79 -37.73
CA PRO D 236 3.75 30.39 -36.64
C PRO D 236 3.08 30.20 -35.28
N ALA D 237 3.88 29.91 -34.26
CA ALA D 237 3.42 29.80 -32.89
C ALA D 237 2.76 31.08 -32.47
N VAL D 238 3.43 32.19 -32.78
CA VAL D 238 3.02 33.53 -32.43
C VAL D 238 2.83 34.28 -33.75
N SER D 239 1.56 34.40 -34.17
CA SER D 239 1.11 35.18 -35.33
C SER D 239 1.31 36.67 -35.10
N GLU D 240 1.23 37.48 -36.20
CA GLU D 240 1.40 38.94 -36.13
C GLU D 240 0.38 39.58 -35.18
N LYS D 241 -0.89 39.11 -35.26
CA LYS D 241 -1.96 39.49 -34.36
C LYS D 241 -1.58 39.14 -32.90
N ASP D 242 -1.10 37.88 -32.65
CA ASP D 242 -0.67 37.46 -31.30
C ASP D 242 0.39 38.41 -30.77
N ILE D 243 1.40 38.73 -31.59
CA ILE D 243 2.41 39.71 -31.23
C ILE D 243 1.79 41.02 -30.68
N GLN D 244 0.82 41.61 -31.41
CA GLN D 244 0.18 42.86 -30.99
C GLN D 244 -0.59 42.71 -29.68
N ASP D 245 -1.30 41.60 -29.50
CA ASP D 245 -2.07 41.27 -28.29
C ASP D 245 -1.19 40.98 -27.09
N LEU D 246 -0.05 40.31 -27.32
CA LEU D 246 0.88 40.04 -26.25
C LEU D 246 1.52 41.32 -25.74
N LYS D 247 1.82 42.25 -26.66
CA LYS D 247 2.37 43.55 -26.32
C LYS D 247 1.36 44.37 -25.56
N PHE D 248 0.09 44.36 -26.03
CA PHE D 248 -1.06 44.97 -25.36
C PHE D 248 -1.20 44.44 -23.92
N GLY D 249 -1.10 43.12 -23.75
CA GLY D 249 -1.10 42.45 -22.44
C GLY D 249 -0.06 42.97 -21.47
N VAL D 250 1.19 43.17 -21.93
CA VAL D 250 2.24 43.80 -21.14
C VAL D 250 1.84 45.22 -20.73
N GLU D 251 1.35 46.05 -21.69
CA GLU D 251 0.87 47.41 -21.41
C GLU D 251 -0.26 47.42 -20.37
N GLN D 252 -1.13 46.42 -20.44
CA GLN D 252 -2.32 46.33 -19.61
C GLN D 252 -2.06 45.63 -18.28
N ASP D 253 -0.77 45.25 -18.02
CA ASP D 253 -0.30 44.63 -16.77
C ASP D 253 -1.09 43.36 -16.46
N VAL D 254 -1.22 42.47 -17.45
CA VAL D 254 -1.93 41.22 -17.25
C VAL D 254 -1.07 40.31 -16.39
N ASP D 255 -1.71 39.38 -15.65
CA ASP D 255 -1.02 38.47 -14.75
C ASP D 255 -0.49 37.22 -15.44
N MET D 256 -1.15 36.83 -16.55
CA MET D 256 -0.88 35.53 -17.19
C MET D 256 -1.37 35.49 -18.64
N VAL D 257 -0.69 34.68 -19.45
CA VAL D 257 -1.07 34.43 -20.83
C VAL D 257 -1.43 32.98 -20.98
N PHE D 258 -2.60 32.73 -21.59
CA PHE D 258 -3.02 31.41 -21.99
C PHE D 258 -2.68 31.32 -23.46
N ALA D 259 -1.55 30.65 -23.77
CA ALA D 259 -1.06 30.61 -25.14
C ALA D 259 -1.67 29.46 -25.93
N SER D 260 -2.34 29.83 -27.01
CA SER D 260 -3.14 28.91 -27.79
C SER D 260 -2.29 28.04 -28.72
N PHE D 261 -2.69 26.74 -28.84
CA PHE D 261 -2.16 25.80 -29.84
C PHE D 261 -0.67 25.53 -29.73
N ILE D 262 -0.13 25.48 -28.48
CA ILE D 262 1.27 25.14 -28.22
C ILE D 262 1.55 23.69 -28.64
N ARG D 263 2.52 23.52 -29.53
CA ARG D 263 2.88 22.23 -30.13
C ARG D 263 4.21 21.69 -29.60
N LYS D 264 5.09 22.59 -29.12
CA LYS D 264 6.47 22.26 -28.76
C LYS D 264 7.06 23.32 -27.85
N ALA D 265 8.17 23.00 -27.16
CA ALA D 265 8.86 23.90 -26.25
C ALA D 265 9.28 25.25 -26.92
N SER D 266 9.76 25.19 -28.19
CA SER D 266 10.18 26.40 -28.93
C SER D 266 9.04 27.38 -29.14
N ASP D 267 7.78 26.88 -29.23
CA ASP D 267 6.56 27.70 -29.20
C ASP D 267 6.45 28.54 -27.92
N VAL D 268 6.63 27.91 -26.75
CA VAL D 268 6.64 28.56 -25.43
C VAL D 268 7.74 29.62 -25.37
N HIS D 269 8.96 29.25 -25.82
CA HIS D 269 10.08 30.18 -25.84
C HIS D 269 9.80 31.42 -26.72
N GLU D 270 9.08 31.24 -27.84
CA GLU D 270 8.64 32.36 -28.68
C GLU D 270 7.70 33.30 -27.95
N VAL D 271 6.71 32.77 -27.20
CA VAL D 271 5.79 33.62 -26.41
C VAL D 271 6.60 34.42 -25.38
N ARG D 272 7.52 33.72 -24.68
CA ARG D 272 8.39 34.23 -23.63
C ARG D 272 9.26 35.39 -24.18
N LYS D 273 9.87 35.21 -25.37
CA LYS D 273 10.65 36.24 -26.04
C LYS D 273 9.79 37.43 -26.40
N VAL D 274 8.57 37.20 -26.90
CA VAL D 274 7.65 38.28 -27.27
C VAL D 274 7.25 39.12 -26.04
N LEU D 275 6.88 38.46 -24.92
CA LEU D 275 6.63 39.17 -23.65
C LEU D 275 7.84 39.98 -23.15
N GLY D 276 9.06 39.50 -23.45
CA GLY D 276 10.32 40.20 -23.21
C GLY D 276 10.65 40.46 -21.75
N GLU D 277 11.66 41.32 -21.51
CA GLU D 277 12.08 41.68 -20.15
C GLU D 277 10.90 42.32 -19.41
N LYS D 278 10.14 43.19 -20.10
CA LYS D 278 9.01 43.92 -19.54
C LYS D 278 7.88 42.99 -19.07
N GLY D 279 7.69 41.86 -19.74
CA GLY D 279 6.72 40.86 -19.31
C GLY D 279 7.30 39.58 -18.73
N LYS D 280 8.53 39.61 -18.20
CA LYS D 280 9.22 38.41 -17.71
C LYS D 280 8.52 37.73 -16.54
N ASN D 281 7.70 38.47 -15.76
CA ASN D 281 6.99 37.91 -14.60
C ASN D 281 5.56 37.46 -14.92
N ILE D 282 5.09 37.70 -16.14
CA ILE D 282 3.79 37.22 -16.61
C ILE D 282 3.87 35.69 -16.80
N LYS D 283 2.94 34.96 -16.20
CA LYS D 283 2.91 33.51 -16.26
C LYS D 283 2.45 33.05 -17.64
N ILE D 284 3.22 32.15 -18.27
CA ILE D 284 2.81 31.51 -19.51
C ILE D 284 2.21 30.13 -19.22
N ILE D 285 0.90 30.00 -19.49
CA ILE D 285 0.12 28.78 -19.43
C ILE D 285 -0.04 28.28 -20.85
N SER D 286 0.57 27.15 -21.17
CA SER D 286 0.46 26.57 -22.49
C SER D 286 -0.83 25.81 -22.63
N LYS D 287 -1.63 26.20 -23.64
CA LYS D 287 -2.85 25.46 -23.97
C LYS D 287 -2.50 24.27 -24.87
N ILE D 288 -2.86 23.08 -24.38
CA ILE D 288 -2.70 21.79 -25.08
C ILE D 288 -3.99 21.45 -25.75
N GLU D 289 -3.93 21.43 -27.09
CA GLU D 289 -5.03 21.69 -28.02
C GLU D 289 -5.04 20.64 -29.10
N ASN D 290 -3.97 19.83 -29.24
CA ASN D 290 -3.83 18.91 -30.38
C ASN D 290 -2.95 17.70 -30.04
N HIS D 291 -2.83 16.76 -31.01
CA HIS D 291 -2.08 15.51 -30.81
C HIS D 291 -0.59 15.81 -30.54
N GLU D 292 0.00 16.77 -31.28
CA GLU D 292 1.40 17.17 -31.10
C GLU D 292 1.68 17.72 -29.70
N GLY D 293 0.83 18.63 -29.24
CA GLY D 293 0.91 19.19 -27.90
C GLY D 293 0.88 18.14 -26.80
N VAL D 294 0.02 17.11 -26.98
CA VAL D 294 -0.01 15.94 -26.11
C VAL D 294 1.29 15.12 -26.22
N ARG D 295 1.75 14.83 -27.45
CA ARG D 295 2.96 14.02 -27.68
C ARG D 295 4.24 14.69 -27.15
N ARG D 296 4.34 16.03 -27.31
CA ARG D 296 5.49 16.79 -26.85
C ARG D 296 5.22 17.44 -25.50
N PHE D 297 4.24 16.89 -24.75
CA PHE D 297 3.81 17.44 -23.45
C PHE D 297 4.94 17.73 -22.46
N ASP D 298 5.93 16.81 -22.31
CA ASP D 298 6.96 16.97 -21.30
C ASP D 298 7.82 18.18 -21.52
N GLU D 299 8.21 18.42 -22.79
CA GLU D 299 9.05 19.56 -23.10
C GLU D 299 8.29 20.87 -22.98
N ILE D 300 6.98 20.86 -23.32
CA ILE D 300 6.10 22.00 -23.19
C ILE D 300 5.98 22.35 -21.72
N LEU D 301 5.64 21.36 -20.87
CA LEU D 301 5.51 21.53 -19.42
C LEU D 301 6.76 22.17 -18.79
N GLU D 302 7.94 21.68 -19.16
CA GLU D 302 9.20 22.13 -18.58
C GLU D 302 9.42 23.62 -18.92
N ALA D 303 9.02 24.05 -20.13
CA ALA D 303 9.20 25.43 -20.61
C ALA D 303 8.08 26.38 -20.12
N SER D 304 6.95 25.85 -19.63
CA SER D 304 5.80 26.68 -19.26
C SER D 304 5.73 26.92 -17.76
N ASP D 305 4.88 27.87 -17.37
CA ASP D 305 4.56 28.12 -15.97
C ASP D 305 3.45 27.23 -15.52
N GLY D 306 2.63 26.80 -16.46
CA GLY D 306 1.59 25.81 -16.23
C GLY D 306 0.93 25.38 -17.52
N ILE D 307 -0.17 24.64 -17.41
CA ILE D 307 -0.83 24.00 -18.54
C ILE D 307 -2.33 24.28 -18.46
N MET D 308 -2.96 24.58 -19.60
CA MET D 308 -4.41 24.42 -19.76
C MET D 308 -4.73 23.16 -20.64
N VAL D 309 -5.53 22.25 -20.10
CA VAL D 309 -6.20 21.17 -20.82
C VAL D 309 -7.38 21.83 -21.59
N ALA D 310 -7.08 22.23 -22.84
CA ALA D 310 -7.97 22.95 -23.72
C ALA D 310 -8.83 21.94 -24.46
N ARG D 311 -9.86 21.42 -23.77
CA ARG D 311 -10.60 20.23 -24.19
C ARG D 311 -11.43 20.43 -25.42
N GLY D 312 -11.84 21.69 -25.67
CA GLY D 312 -12.60 22.10 -26.84
C GLY D 312 -11.92 21.69 -28.11
N ASP D 313 -10.81 22.36 -28.44
CA ASP D 313 -10.00 22.02 -29.61
C ASP D 313 -9.45 20.63 -29.55
N LEU D 314 -8.96 20.22 -28.37
CA LEU D 314 -8.41 18.85 -28.15
C LEU D 314 -9.39 17.75 -28.58
N GLY D 315 -10.65 17.89 -28.14
CA GLY D 315 -11.75 17.00 -28.51
C GLY D 315 -12.18 17.01 -29.96
N ILE D 316 -11.69 17.99 -30.76
CA ILE D 316 -11.84 18.00 -32.22
C ILE D 316 -10.59 17.38 -32.85
N GLU D 317 -9.43 17.67 -32.28
CA GLU D 317 -8.13 17.26 -32.78
C GLU D 317 -7.85 15.78 -32.63
N ILE D 318 -8.26 15.19 -31.49
CA ILE D 318 -8.16 13.77 -31.16
C ILE D 318 -9.62 13.20 -31.01
N PRO D 319 -9.85 11.87 -31.11
CA PRO D 319 -11.19 11.33 -30.83
C PRO D 319 -11.73 11.73 -29.48
N ALA D 320 -12.97 12.20 -29.44
CA ALA D 320 -13.63 12.70 -28.25
C ALA D 320 -13.50 11.75 -27.05
N GLU D 321 -13.58 10.43 -27.31
CA GLU D 321 -13.52 9.37 -26.29
C GLU D 321 -12.13 9.24 -25.63
N LYS D 322 -11.09 9.95 -26.16
CA LYS D 322 -9.73 9.91 -25.67
C LYS D 322 -9.36 11.11 -24.81
N VAL D 323 -10.24 12.13 -24.76
CA VAL D 323 -9.93 13.40 -24.11
C VAL D 323 -9.68 13.21 -22.62
N PHE D 324 -10.47 12.36 -21.95
CA PHE D 324 -10.32 12.07 -20.51
C PHE D 324 -8.91 11.46 -20.20
N LEU D 325 -8.37 10.65 -21.15
CA LEU D 325 -7.03 10.09 -21.04
C LEU D 325 -6.01 11.21 -21.01
N ALA D 326 -6.08 12.17 -21.98
CA ALA D 326 -5.12 13.28 -22.11
C ALA D 326 -5.29 14.22 -20.91
N GLN D 327 -6.54 14.51 -20.48
CA GLN D 327 -6.83 15.30 -19.28
C GLN D 327 -6.17 14.70 -18.03
N LYS D 328 -6.39 13.42 -17.75
CA LYS D 328 -5.85 12.77 -16.56
C LYS D 328 -4.33 12.62 -16.68
N MET D 329 -3.79 12.41 -17.91
CA MET D 329 -2.35 12.33 -18.10
C MET D 329 -1.70 13.69 -17.73
N MET D 330 -2.28 14.79 -18.22
CA MET D 330 -1.68 16.12 -18.07
C MET D 330 -1.83 16.60 -16.64
N ILE D 331 -3.00 16.39 -16.02
CA ILE D 331 -3.21 16.75 -14.61
C ILE D 331 -2.19 16.01 -13.72
N GLY D 332 -2.10 14.71 -13.91
CA GLY D 332 -1.12 13.87 -13.20
C GLY D 332 0.30 14.37 -13.32
N ARG D 333 0.77 14.66 -14.56
CA ARG D 333 2.14 15.12 -14.81
C ARG D 333 2.43 16.49 -14.25
N CYS D 334 1.40 17.34 -14.19
CA CYS D 334 1.48 18.70 -13.66
C CYS D 334 1.56 18.63 -12.16
N ASN D 335 0.73 17.78 -11.55
CA ASN D 335 0.74 17.54 -10.11
C ASN D 335 2.11 17.04 -9.67
N ARG D 336 2.66 16.08 -10.43
CA ARG D 336 4.00 15.53 -10.29
C ARG D 336 5.07 16.62 -10.38
N ALA D 337 4.92 17.58 -11.33
CA ALA D 337 5.89 18.66 -11.57
C ALA D 337 5.71 19.84 -10.61
N GLY D 338 4.59 19.88 -9.90
CA GLY D 338 4.19 21.01 -9.08
C GLY D 338 3.82 22.23 -9.89
N LYS D 339 3.31 22.05 -11.14
CA LYS D 339 2.97 23.16 -12.02
C LYS D 339 1.47 23.31 -12.18
N PRO D 340 0.93 24.54 -12.18
CA PRO D 340 -0.54 24.69 -12.28
C PRO D 340 -1.13 24.04 -13.53
N VAL D 341 -2.27 23.35 -13.36
CA VAL D 341 -3.05 22.82 -14.44
C VAL D 341 -4.52 23.32 -14.36
N ILE D 342 -5.00 23.79 -15.50
CA ILE D 342 -6.36 24.27 -15.68
C ILE D 342 -7.14 23.23 -16.47
N CYS D 343 -8.32 22.88 -15.98
CA CYS D 343 -9.24 22.12 -16.80
C CYS D 343 -10.26 23.09 -17.40
N ALA D 344 -10.36 23.08 -18.74
CA ALA D 344 -11.15 24.05 -19.47
C ALA D 344 -12.14 23.39 -20.43
N THR D 345 -13.27 24.09 -20.70
CA THR D 345 -14.16 23.93 -21.84
C THR D 345 -15.33 23.00 -21.59
N GLN D 346 -16.57 23.56 -21.71
CA GLN D 346 -17.85 22.88 -21.63
C GLN D 346 -18.13 22.23 -20.28
N MET D 347 -17.45 22.68 -19.22
CA MET D 347 -17.65 22.09 -17.89
C MET D 347 -19.09 22.19 -17.39
N LEU D 348 -19.76 23.32 -17.61
CA LEU D 348 -21.18 23.54 -17.29
C LEU D 348 -21.92 24.11 -18.49
N GLU D 349 -21.64 23.56 -19.69
CA GLU D 349 -22.11 24.13 -20.97
C GLU D 349 -23.62 24.44 -21.03
N SER D 350 -24.47 23.55 -20.48
CA SER D 350 -25.91 23.72 -20.55
C SER D 350 -26.38 24.94 -19.73
N MET D 351 -25.53 25.42 -18.81
CA MET D 351 -25.83 26.62 -18.04
C MET D 351 -25.81 27.95 -18.83
N ILE D 352 -25.31 27.92 -20.10
CA ILE D 352 -25.49 29.03 -21.04
C ILE D 352 -26.99 29.37 -21.18
N LYS D 353 -27.86 28.34 -21.22
CA LYS D 353 -29.29 28.51 -21.41
C LYS D 353 -30.14 28.15 -20.19
N LYS D 354 -29.62 27.36 -19.23
CA LYS D 354 -30.42 26.82 -18.12
C LYS D 354 -29.82 27.19 -16.76
N PRO D 355 -30.64 27.43 -15.71
CA PRO D 355 -30.06 27.90 -14.43
C PRO D 355 -29.44 26.81 -13.57
N ARG D 356 -29.63 25.52 -13.95
CA ARG D 356 -29.04 24.35 -13.30
C ARG D 356 -28.18 23.56 -14.29
N PRO D 357 -27.04 22.92 -13.86
CA PRO D 357 -26.29 22.10 -14.82
C PRO D 357 -26.90 20.70 -15.01
N THR D 358 -26.51 20.00 -16.08
CA THR D 358 -26.81 18.58 -16.22
C THR D 358 -25.98 17.73 -15.19
N ARG D 359 -26.33 16.47 -15.04
CA ARG D 359 -25.65 15.58 -14.10
C ARG D 359 -24.23 15.24 -14.57
N ALA D 360 -24.03 15.23 -15.92
CA ALA D 360 -22.71 15.01 -16.53
C ALA D 360 -21.78 16.17 -16.20
N GLU D 361 -22.37 17.38 -16.10
CA GLU D 361 -21.60 18.59 -15.87
C GLU D 361 -21.17 18.69 -14.43
N GLY D 362 -22.08 18.38 -13.51
CA GLY D 362 -21.73 18.28 -12.09
C GLY D 362 -20.64 17.26 -11.83
N SER D 363 -20.79 16.07 -12.45
CA SER D 363 -19.77 15.03 -12.44
C SER D 363 -18.39 15.52 -12.95
N ASP D 364 -18.38 16.22 -14.10
CA ASP D 364 -17.18 16.68 -14.79
C ASP D 364 -16.40 17.60 -13.92
N VAL D 365 -17.07 18.60 -13.33
CA VAL D 365 -16.45 19.52 -12.38
C VAL D 365 -15.84 18.76 -11.21
N ALA D 366 -16.60 17.82 -10.62
CA ALA D 366 -16.15 17.14 -9.42
C ALA D 366 -14.91 16.29 -9.76
N ASN D 367 -14.95 15.60 -10.93
CA ASN D 367 -13.86 14.76 -11.35
C ASN D 367 -12.61 15.49 -11.74
N ALA D 368 -12.73 16.67 -12.37
CA ALA D 368 -11.55 17.54 -12.62
C ALA D 368 -10.83 17.87 -11.31
N VAL D 369 -11.58 18.17 -10.26
CA VAL D 369 -11.02 18.49 -8.95
C VAL D 369 -10.38 17.21 -8.34
N LEU D 370 -11.13 16.10 -8.34
CA LEU D 370 -10.60 14.80 -7.88
C LEU D 370 -9.39 14.35 -8.68
N ASP D 371 -9.34 14.62 -10.01
CA ASP D 371 -8.14 14.33 -10.82
C ASP D 371 -6.96 15.08 -10.26
N GLY D 372 -7.20 16.28 -9.71
CA GLY D 372 -6.15 17.16 -9.18
C GLY D 372 -5.92 18.49 -9.88
N ALA D 373 -6.92 18.97 -10.68
CA ALA D 373 -6.81 20.28 -11.36
C ALA D 373 -6.70 21.43 -10.38
N ASP D 374 -5.76 22.38 -10.62
CA ASP D 374 -5.59 23.55 -9.75
C ASP D 374 -6.72 24.54 -9.97
N CYS D 375 -7.08 24.71 -11.26
CA CYS D 375 -8.14 25.58 -11.69
C CYS D 375 -9.16 24.87 -12.55
N ILE D 376 -10.42 25.33 -12.39
CA ILE D 376 -11.49 25.05 -13.33
C ILE D 376 -11.92 26.34 -14.02
N MET D 377 -12.46 26.23 -15.24
CA MET D 377 -12.72 27.35 -16.09
C MET D 377 -14.16 27.40 -16.58
N LEU D 378 -14.67 28.62 -16.75
CA LEU D 378 -15.92 28.85 -17.51
C LEU D 378 -15.67 29.69 -18.73
N SER D 379 -16.26 29.32 -19.86
CA SER D 379 -16.14 30.05 -21.15
C SER D 379 -17.46 30.71 -21.52
N GLY D 380 -18.25 30.11 -22.42
CA GLY D 380 -19.53 30.67 -22.80
C GLY D 380 -20.51 30.83 -21.66
N GLU D 381 -20.37 30.04 -20.61
CA GLU D 381 -21.25 30.05 -19.41
C GLU D 381 -21.21 31.42 -18.74
N THR D 382 -20.02 32.07 -18.73
CA THR D 382 -19.85 33.41 -18.16
C THR D 382 -19.72 34.49 -19.20
N ALA D 383 -19.16 34.19 -20.39
CA ALA D 383 -19.00 35.22 -21.43
C ALA D 383 -20.34 35.68 -22.03
N LYS D 384 -21.22 34.73 -22.36
CA LYS D 384 -22.40 35.07 -23.18
C LYS D 384 -23.71 34.48 -22.65
N GLY D 385 -23.63 33.65 -21.63
CA GLY D 385 -24.77 32.87 -21.17
C GLY D 385 -25.78 33.67 -20.40
N ASP D 386 -26.91 33.07 -20.10
CA ASP D 386 -27.99 33.71 -19.35
C ASP D 386 -27.83 33.64 -17.85
N TYR D 387 -26.92 32.81 -17.36
CA TYR D 387 -26.76 32.51 -15.94
C TYR D 387 -25.28 32.51 -15.51
N PRO D 388 -24.53 33.63 -15.76
CA PRO D 388 -23.10 33.64 -15.41
C PRO D 388 -22.84 33.44 -13.93
N LEU D 389 -23.61 34.11 -13.04
CA LEU D 389 -23.40 34.03 -11.59
C LEU D 389 -23.74 32.64 -11.06
N GLU D 390 -24.82 32.03 -11.60
CA GLU D 390 -25.18 30.67 -11.21
C GLU D 390 -24.08 29.70 -11.60
N ALA D 391 -23.45 29.89 -12.78
CA ALA D 391 -22.38 29.03 -13.26
C ALA D 391 -21.17 29.11 -12.30
N VAL D 392 -20.75 30.34 -11.94
CA VAL D 392 -19.66 30.60 -10.99
C VAL D 392 -19.92 29.94 -9.62
N ARG D 393 -21.07 30.24 -9.01
CA ARG D 393 -21.56 29.66 -7.77
C ARG D 393 -21.52 28.14 -7.79
N MET D 394 -21.98 27.52 -8.92
CA MET D 394 -22.03 26.06 -9.06
C MET D 394 -20.61 25.48 -9.05
N GLN D 395 -19.66 26.11 -9.79
CA GLN D 395 -18.26 25.68 -9.76
C GLN D 395 -17.70 25.72 -8.34
N HIS D 396 -18.05 26.77 -7.58
CA HIS D 396 -17.67 26.94 -6.17
C HIS D 396 -18.23 25.82 -5.30
N LEU D 397 -19.51 25.56 -5.40
CA LEU D 397 -20.15 24.51 -4.61
C LEU D 397 -19.58 23.13 -4.88
N ILE D 398 -19.38 22.78 -6.18
CA ILE D 398 -18.86 21.47 -6.57
C ILE D 398 -17.41 21.27 -6.11
N ALA D 399 -16.56 22.24 -6.40
CA ALA D 399 -15.12 22.22 -6.08
C ALA D 399 -14.94 21.87 -4.61
N ARG D 400 -15.67 22.57 -3.74
CA ARG D 400 -15.54 22.45 -2.30
C ARG D 400 -16.02 21.09 -1.85
N GLU D 401 -17.14 20.58 -2.40
CA GLU D 401 -17.57 19.20 -2.14
C GLU D 401 -16.53 18.19 -2.59
N ALA D 402 -15.94 18.37 -3.80
CA ALA D 402 -14.97 17.43 -4.34
C ALA D 402 -13.63 17.44 -3.57
N GLU D 403 -13.20 18.62 -3.09
CA GLU D 403 -12.01 18.80 -2.28
C GLU D 403 -12.09 18.00 -0.99
N ALA D 404 -13.26 17.92 -0.35
CA ALA D 404 -13.43 17.08 0.83
C ALA D 404 -13.40 15.60 0.48
N ALA D 405 -13.75 15.23 -0.77
CA ALA D 405 -13.83 13.83 -1.20
C ALA D 405 -12.48 13.28 -1.67
N ILE D 406 -11.45 14.13 -1.72
CA ILE D 406 -10.11 13.69 -2.10
C ILE D 406 -9.61 12.69 -1.07
N TYR D 407 -8.95 11.62 -1.53
CA TYR D 407 -8.34 10.64 -0.64
C TYR D 407 -6.90 11.10 -0.36
N HIS D 408 -6.78 12.06 0.56
CA HIS D 408 -5.49 12.73 0.88
C HIS D 408 -4.45 11.76 1.34
N LEU D 409 -4.91 10.71 2.06
CA LEU D 409 -4.05 9.68 2.65
C LEU D 409 -3.18 9.06 1.58
N GLN D 410 -3.80 8.59 0.47
CA GLN D 410 -3.04 8.10 -0.68
C GLN D 410 -2.36 9.23 -1.44
N LEU D 411 -3.06 10.35 -1.66
CA LEU D 411 -2.48 11.43 -2.46
C LEU D 411 -1.16 11.95 -1.86
N PHE D 412 -1.12 12.18 -0.55
CA PHE D 412 0.09 12.74 0.09
C PHE D 412 1.23 11.71 0.12
N GLU D 413 0.91 10.42 0.43
CA GLU D 413 1.87 9.30 0.32
C GLU D 413 2.51 9.26 -1.08
N GLU D 414 1.69 9.34 -2.13
CA GLU D 414 2.21 9.18 -3.49
C GLU D 414 3.05 10.37 -3.92
N LEU D 415 2.62 11.60 -3.56
CA LEU D 415 3.37 12.84 -3.89
C LEU D 415 4.75 12.86 -3.25
N ARG D 416 4.84 12.48 -1.95
CA ARG D 416 6.08 12.30 -1.21
C ARG D 416 7.02 11.27 -1.89
N ARG D 417 6.50 10.04 -2.14
CA ARG D 417 7.26 8.95 -2.71
C ARG D 417 7.84 9.31 -4.07
N LEU D 418 7.11 10.10 -4.86
CA LEU D 418 7.51 10.44 -6.23
C LEU D 418 8.31 11.77 -6.34
N ALA D 419 8.37 12.58 -5.25
CA ALA D 419 9.08 13.87 -5.29
C ALA D 419 10.55 13.69 -4.94
N PRO D 420 11.44 14.18 -5.85
CA PRO D 420 12.90 14.12 -5.58
C PRO D 420 13.33 14.62 -4.20
N ILE D 421 14.23 13.87 -3.54
CA ILE D 421 14.96 14.37 -2.40
C ILE D 421 15.91 15.42 -2.97
N THR D 422 15.88 16.61 -2.38
CA THR D 422 16.77 17.72 -2.69
C THR D 422 17.25 18.31 -1.40
N SER D 423 18.30 19.14 -1.51
CA SER D 423 18.87 19.88 -0.40
C SER D 423 18.14 21.20 -0.16
N ASP D 424 17.13 21.55 -1.02
CA ASP D 424 16.39 22.81 -0.93
C ASP D 424 15.66 22.94 0.40
N PRO D 425 16.08 23.88 1.28
CA PRO D 425 15.43 24.05 2.59
C PRO D 425 13.95 24.37 2.54
N THR D 426 13.52 25.08 1.50
CA THR D 426 12.14 25.53 1.34
C THR D 426 11.21 24.37 1.04
N GLU D 427 11.67 23.45 0.16
CA GLU D 427 10.96 22.26 -0.25
C GLU D 427 10.78 21.37 0.97
N ALA D 428 11.83 21.23 1.78
CA ALA D 428 11.80 20.40 3.00
C ALA D 428 10.85 21.02 4.04
N THR D 429 10.89 22.35 4.22
CA THR D 429 10.00 23.10 5.10
C THR D 429 8.57 22.96 4.66
N ALA D 430 8.33 23.08 3.36
CA ALA D 430 6.99 23.03 2.80
C ALA D 430 6.34 21.62 2.90
N VAL D 431 7.12 20.59 2.69
CA VAL D 431 6.64 19.21 2.97
C VAL D 431 6.42 18.95 4.50
N GLY D 432 7.30 19.49 5.34
CA GLY D 432 7.13 19.45 6.79
C GLY D 432 5.84 20.10 7.25
N ALA D 433 5.50 21.28 6.67
CA ALA D 433 4.29 22.05 6.95
C ALA D 433 3.04 21.28 6.59
N VAL D 434 3.06 20.54 5.47
CA VAL D 434 1.87 19.79 5.03
C VAL D 434 1.71 18.59 5.92
N GLU D 435 2.81 17.88 6.19
CA GLU D 435 2.76 16.78 7.15
C GLU D 435 2.12 17.23 8.47
N ALA D 436 2.65 18.30 9.06
CA ALA D 436 2.17 18.88 10.31
C ALA D 436 0.67 19.26 10.20
N SER D 437 0.25 19.78 9.04
CA SER D 437 -1.13 20.22 8.87
C SER D 437 -2.07 19.03 8.95
N PHE D 438 -1.63 17.85 8.46
CA PHE D 438 -2.44 16.63 8.49
C PHE D 438 -2.51 16.09 9.91
N LYS D 439 -1.38 16.10 10.62
CA LYS D 439 -1.28 15.61 11.99
C LYS D 439 -2.15 16.37 13.01
N CYS D 440 -2.24 17.70 12.94
CA CYS D 440 -3.03 18.52 13.89
C CYS D 440 -4.37 18.99 13.34
N CYS D 441 -4.73 18.53 12.12
CA CYS D 441 -5.97 18.90 11.43
C CYS D 441 -6.12 20.46 11.39
N SER D 442 -5.06 21.17 10.98
CA SER D 442 -4.99 22.63 11.07
C SER D 442 -6.05 23.30 10.20
N GLY D 443 -6.52 24.44 10.66
CA GLY D 443 -7.46 25.28 9.90
C GLY D 443 -6.86 25.97 8.70
N ALA D 444 -5.50 26.15 8.68
CA ALA D 444 -4.76 26.70 7.55
C ALA D 444 -3.25 26.51 7.63
N ILE D 445 -2.58 26.74 6.49
CA ILE D 445 -1.14 26.93 6.39
C ILE D 445 -0.89 28.38 5.95
N ILE D 446 -0.38 29.22 6.87
CA ILE D 446 -0.04 30.61 6.60
C ILE D 446 1.37 30.65 6.06
N VAL D 447 1.55 31.27 4.88
CA VAL D 447 2.88 31.34 4.23
C VAL D 447 3.14 32.82 3.91
N LEU D 448 4.23 33.38 4.43
CA LEU D 448 4.68 34.68 3.91
C LEU D 448 5.44 34.40 2.64
N THR D 449 5.17 35.19 1.60
CA THR D 449 5.83 34.98 0.32
C THR D 449 5.94 36.27 -0.45
N LYS D 450 7.10 36.52 -1.06
CA LYS D 450 7.27 37.67 -1.92
C LYS D 450 6.86 37.36 -3.36
N SER D 451 7.39 36.23 -3.91
CA SER D 451 7.20 35.89 -5.34
C SER D 451 6.05 34.87 -5.52
N GLY D 452 5.60 34.29 -4.40
CA GLY D 452 4.59 33.21 -4.36
C GLY D 452 5.21 31.84 -4.25
N ARG D 453 6.51 31.71 -4.58
CA ARG D 453 7.21 30.43 -4.67
C ARG D 453 7.07 29.56 -3.43
N SER D 454 7.24 30.11 -2.24
CA SER D 454 7.08 29.30 -1.03
C SER D 454 5.67 28.76 -0.93
N ALA D 455 4.64 29.56 -1.32
CA ALA D 455 3.25 29.09 -1.23
C ALA D 455 2.97 28.01 -2.31
N HIS D 456 3.54 28.21 -3.50
CA HIS D 456 3.47 27.22 -4.59
C HIS D 456 4.03 25.89 -4.10
N GLN D 457 5.22 25.92 -3.44
CA GLN D 457 5.85 24.70 -2.90
C GLN D 457 5.00 23.93 -1.87
N VAL D 458 4.15 24.61 -1.11
CA VAL D 458 3.20 23.98 -0.17
C VAL D 458 2.09 23.33 -0.96
N ALA D 459 1.53 24.09 -1.96
CA ALA D 459 0.39 23.68 -2.79
C ALA D 459 0.66 22.36 -3.50
N ARG D 460 1.92 22.19 -4.00
CA ARG D 460 2.43 20.96 -4.66
C ARG D 460 2.11 19.66 -3.83
N TYR D 461 2.09 19.77 -2.47
CA TYR D 461 1.87 18.65 -1.58
C TYR D 461 0.46 18.47 -1.16
N ARG D 462 -0.42 19.29 -1.71
CA ARG D 462 -1.89 19.13 -1.64
C ARG D 462 -2.44 18.98 -0.22
N PRO D 463 -2.22 19.95 0.68
CA PRO D 463 -2.83 19.82 2.00
C PRO D 463 -4.36 19.97 1.89
N ARG D 464 -5.07 19.46 2.89
CA ARG D 464 -6.50 19.64 3.00
C ARG D 464 -6.79 21.13 3.33
N ALA D 465 -6.06 21.67 4.32
CA ALA D 465 -6.21 23.05 4.83
C ALA D 465 -5.88 24.11 3.76
N PRO D 466 -6.60 25.27 3.75
CA PRO D 466 -6.23 26.34 2.83
C PRO D 466 -4.83 26.89 3.13
N ILE D 467 -4.16 27.36 2.08
CA ILE D 467 -2.86 27.99 2.20
C ILE D 467 -3.11 29.47 2.07
N ILE D 468 -3.05 30.20 3.20
CA ILE D 468 -3.18 31.64 3.21
C ILE D 468 -1.84 32.23 2.90
N ALA D 469 -1.70 32.74 1.65
CA ALA D 469 -0.40 33.29 1.24
C ALA D 469 -0.42 34.80 1.48
N VAL D 470 0.37 35.27 2.45
CA VAL D 470 0.47 36.72 2.79
C VAL D 470 1.63 37.33 2.00
N THR D 471 1.31 38.32 1.19
CA THR D 471 2.25 39.01 0.32
C THR D 471 1.93 40.51 0.29
N ARG D 472 2.97 41.37 0.11
CA ARG D 472 2.80 42.80 -0.19
C ARG D 472 2.78 43.03 -1.73
N ASN D 473 3.14 42.00 -2.51
CA ASN D 473 3.25 42.06 -3.96
C ASN D 473 1.88 41.81 -4.58
N PRO D 474 1.25 42.86 -5.18
CA PRO D 474 -0.10 42.68 -5.74
C PRO D 474 -0.17 41.68 -6.89
N GLN D 475 0.89 41.61 -7.74
CA GLN D 475 0.96 40.63 -8.83
C GLN D 475 1.07 39.20 -8.28
N THR D 476 1.94 39.00 -7.28
CA THR D 476 2.02 37.73 -6.54
C THR D 476 0.65 37.31 -6.05
N ALA D 477 -0.07 38.20 -5.35
CA ALA D 477 -1.42 37.93 -4.85
C ALA D 477 -2.38 37.47 -5.96
N ARG D 478 -2.30 38.07 -7.15
CA ARG D 478 -3.17 37.72 -8.29
C ARG D 478 -2.75 36.39 -8.94
N GLN D 479 -1.43 36.20 -9.13
CA GLN D 479 -0.91 35.00 -9.79
C GLN D 479 -1.08 33.72 -8.96
N ALA D 480 -1.22 33.87 -7.62
CA ALA D 480 -1.34 32.74 -6.70
C ALA D 480 -2.63 31.91 -6.94
N HIS D 481 -3.69 32.51 -7.52
CA HIS D 481 -4.92 31.82 -7.91
C HIS D 481 -4.70 30.67 -8.89
N LEU D 482 -3.50 30.60 -9.53
CA LEU D 482 -3.15 29.47 -10.41
C LEU D 482 -2.98 28.14 -9.67
N TYR D 483 -2.84 28.19 -8.34
CA TYR D 483 -2.49 27.02 -7.53
C TYR D 483 -3.59 26.63 -6.62
N ARG D 484 -3.90 25.33 -6.63
CA ARG D 484 -4.81 24.69 -5.71
C ARG D 484 -4.54 25.04 -4.26
N GLY D 485 -5.53 25.59 -3.60
CA GLY D 485 -5.50 25.83 -2.16
C GLY D 485 -4.87 27.13 -1.74
N ILE D 486 -4.16 27.84 -2.64
CA ILE D 486 -3.61 29.17 -2.32
C ILE D 486 -4.64 30.24 -2.28
N PHE D 487 -4.94 30.72 -1.08
CA PHE D 487 -5.89 31.80 -0.84
C PHE D 487 -5.02 33.04 -0.57
N PRO D 488 -4.72 33.85 -1.61
CA PRO D 488 -3.79 34.97 -1.42
C PRO D 488 -4.44 36.13 -0.66
N VAL D 489 -3.66 36.79 0.20
CA VAL D 489 -4.09 38.00 0.91
C VAL D 489 -3.03 39.05 0.70
N LEU D 490 -3.47 40.23 0.20
CA LEU D 490 -2.56 41.33 -0.08
C LEU D 490 -2.47 42.24 1.13
N CYS D 491 -1.33 42.19 1.80
CA CYS D 491 -1.05 43.05 2.94
C CYS D 491 -0.75 44.47 2.47
N LYS D 492 -1.51 45.43 3.02
CA LYS D 492 -1.35 46.83 2.70
C LYS D 492 -0.60 47.58 3.82
N ASP D 493 -0.66 47.05 5.07
CA ASP D 493 -0.05 47.59 6.28
C ASP D 493 1.38 48.04 6.01
N PRO D 494 1.79 49.22 6.55
CA PRO D 494 3.16 49.68 6.36
C PRO D 494 4.20 48.82 7.06
N VAL D 495 5.41 48.85 6.52
CA VAL D 495 6.55 48.11 7.04
C VAL D 495 6.87 48.52 8.52
N GLN D 496 6.63 47.62 9.49
CA GLN D 496 7.10 47.82 10.90
C GLN D 496 8.61 47.96 11.02
N GLU D 497 9.05 48.56 12.10
CA GLU D 497 10.46 48.95 12.25
C GLU D 497 11.39 47.73 12.41
N ALA D 498 11.04 46.86 13.34
CA ALA D 498 11.74 45.61 13.58
C ALA D 498 11.17 44.59 12.56
N TRP D 499 12.06 43.93 11.75
CA TRP D 499 11.67 42.96 10.74
C TRP D 499 10.86 41.82 11.35
N ALA D 500 11.27 41.32 12.53
CA ALA D 500 10.52 40.28 13.25
C ALA D 500 9.09 40.73 13.55
N GLU D 501 8.88 41.99 13.94
CA GLU D 501 7.55 42.56 14.17
C GLU D 501 6.77 42.71 12.87
N ASP D 502 7.44 43.05 11.76
CA ASP D 502 6.77 43.16 10.46
C ASP D 502 6.29 41.76 9.97
N VAL D 503 7.11 40.73 10.24
CA VAL D 503 6.77 39.33 9.98
C VAL D 503 5.53 38.94 10.80
N ASP D 504 5.53 39.21 12.12
CA ASP D 504 4.43 38.88 13.03
C ASP D 504 3.15 39.64 12.65
N LEU D 505 3.29 40.86 12.15
CA LEU D 505 2.17 41.68 11.69
C LEU D 505 1.46 40.99 10.51
N ARG D 506 2.23 40.46 9.55
CA ARG D 506 1.71 39.77 8.38
C ARG D 506 1.08 38.44 8.76
N VAL D 507 1.66 37.73 9.76
CA VAL D 507 1.07 36.49 10.30
C VAL D 507 -0.29 36.81 10.93
N ASN D 508 -0.34 37.86 11.74
CA ASN D 508 -1.54 38.30 12.41
C ASN D 508 -2.61 38.75 11.42
N PHE D 509 -2.19 39.38 10.31
CA PHE D 509 -3.08 39.76 9.23
C PHE D 509 -3.80 38.52 8.67
N ALA D 510 -3.03 37.46 8.40
CA ALA D 510 -3.57 36.19 7.92
C ALA D 510 -4.49 35.51 8.94
N MET D 511 -4.17 35.63 10.23
CA MET D 511 -5.05 35.19 11.32
C MET D 511 -6.39 35.94 11.27
N ASN D 512 -6.34 37.24 11.01
CA ASN D 512 -7.54 38.07 10.94
C ASN D 512 -8.39 37.71 9.75
N VAL D 513 -7.77 37.50 8.57
CA VAL D 513 -8.47 37.06 7.37
C VAL D 513 -9.18 35.70 7.61
N GLY D 514 -8.44 34.73 8.11
CA GLY D 514 -8.97 33.40 8.40
C GLY D 514 -10.14 33.41 9.37
N LYS D 515 -10.01 34.19 10.45
CA LYS D 515 -11.12 34.39 11.40
C LYS D 515 -12.37 35.00 10.72
N ALA D 516 -12.14 36.04 9.90
CA ALA D 516 -13.22 36.72 9.20
C ALA D 516 -13.92 35.84 8.17
N ARG D 517 -13.15 35.01 7.47
CA ARG D 517 -13.69 34.11 6.44
C ARG D 517 -14.27 32.83 7.02
N GLY D 518 -14.13 32.64 8.33
CA GLY D 518 -14.59 31.47 9.03
C GLY D 518 -13.77 30.21 8.77
N PHE D 519 -12.49 30.36 8.35
CA PHE D 519 -11.59 29.20 8.16
C PHE D 519 -11.16 28.63 9.48
N PHE D 520 -11.08 29.46 10.53
CA PHE D 520 -10.71 29.04 11.89
C PHE D 520 -11.14 30.08 12.92
N LYS D 521 -11.07 29.70 14.21
CA LYS D 521 -11.43 30.55 15.36
C LYS D 521 -10.28 30.54 16.38
N LYS D 522 -10.31 31.47 17.34
CA LYS D 522 -9.35 31.56 18.46
C LYS D 522 -9.21 30.18 19.13
N GLY D 523 -7.96 29.78 19.37
CA GLY D 523 -7.66 28.51 20.03
C GLY D 523 -7.31 27.38 19.07
N ASP D 524 -7.82 27.43 17.80
CA ASP D 524 -7.49 26.46 16.76
C ASP D 524 -6.00 26.53 16.43
N VAL D 525 -5.42 25.45 15.91
CA VAL D 525 -4.00 25.51 15.51
C VAL D 525 -3.87 25.71 14.01
N VAL D 526 -2.90 26.53 13.61
CA VAL D 526 -2.53 26.72 12.20
C VAL D 526 -1.03 26.48 12.03
N ILE D 527 -0.62 26.20 10.79
CA ILE D 527 0.79 26.08 10.45
C ILE D 527 1.22 27.44 9.90
N VAL D 528 2.42 27.94 10.30
CA VAL D 528 2.95 29.22 9.82
C VAL D 528 4.37 29.00 9.22
N LEU D 529 4.56 29.46 7.97
CA LEU D 529 5.82 29.41 7.26
C LEU D 529 6.43 30.76 7.08
N THR D 530 7.67 30.92 7.54
CA THR D 530 8.43 32.14 7.39
C THR D 530 9.88 31.78 7.06
N GLY D 531 10.71 32.81 6.88
CA GLY D 531 12.13 32.64 6.59
C GLY D 531 13.00 33.27 7.64
N TRP D 532 14.31 33.03 7.56
CA TRP D 532 15.27 33.48 8.56
C TRP D 532 15.80 34.90 8.30
N ARG D 533 15.59 35.42 7.07
CA ARG D 533 16.03 36.78 6.72
C ARG D 533 15.12 37.36 5.64
N PRO D 534 15.01 38.71 5.48
CA PRO D 534 14.15 39.24 4.38
C PRO D 534 14.67 38.87 2.99
N GLY D 535 13.78 38.97 2.00
CA GLY D 535 14.10 38.61 0.62
C GLY D 535 13.58 37.24 0.25
N SER D 536 13.43 37.00 -1.05
CA SER D 536 12.94 35.72 -1.57
C SER D 536 14.01 34.63 -1.41
N GLY D 537 13.54 33.39 -1.22
CA GLY D 537 14.39 32.21 -1.25
C GLY D 537 14.93 31.71 0.09
N PHE D 538 14.43 32.28 1.23
CA PHE D 538 14.91 31.92 2.58
C PHE D 538 13.88 31.27 3.51
N THR D 539 12.72 30.85 2.98
CA THR D 539 11.69 30.11 3.78
C THR D 539 12.32 28.83 4.32
N ASN D 540 12.39 28.71 5.64
CA ASN D 540 13.05 27.57 6.31
C ASN D 540 12.47 27.36 7.70
N THR D 541 11.40 28.10 8.07
CA THR D 541 10.84 28.06 9.40
C THR D 541 9.38 27.64 9.34
N MET D 542 9.02 26.60 10.10
CA MET D 542 7.64 26.11 10.20
C MET D 542 7.22 26.17 11.67
N ARG D 543 6.10 26.86 11.97
CA ARG D 543 5.60 26.95 13.34
C ARG D 543 4.18 26.50 13.44
N VAL D 544 3.88 25.73 14.50
CA VAL D 544 2.52 25.31 14.78
C VAL D 544 2.08 26.28 15.87
N VAL D 545 1.08 27.12 15.55
CA VAL D 545 0.68 28.25 16.40
C VAL D 545 -0.82 28.27 16.68
N PRO D 546 -1.24 28.63 17.92
CA PRO D 546 -2.68 28.83 18.14
C PRO D 546 -3.17 30.15 17.55
N VAL D 547 -4.41 30.12 17.06
CA VAL D 547 -5.12 31.32 16.60
C VAL D 547 -5.41 32.22 17.82
N PRO D 548 -4.91 33.48 17.84
CA PRO D 548 -5.17 34.37 18.98
C PRO D 548 -6.60 34.92 19.06
N SER E . 9.07 -30.77 3.68
CA SER E . 8.58 -30.78 5.09
C SER E . 8.08 -32.17 5.50
O SER E . 7.92 -32.37 6.72
CB SER E . 7.48 -29.74 5.27
OG SER E . 6.42 -29.93 4.33
OXT SER E . 7.85 -33.00 4.59
H2 SER E . 8.74 -31.44 3.23
H SER E . 8.85 -30.04 3.31
H3 SER E . 9.94 -30.82 3.68
HA SER E . 9.33 -30.53 5.67
HB2 SER E . 7.12 -29.82 6.18
HB3 SER E . 7.86 -28.85 5.17
HG SER E . 6.51 -29.38 3.72
P1 FBP F . 1.66 -38.57 -15.06
O1P FBP F . 2.41 -38.76 -13.80
O2P FBP F . 0.32 -39.28 -15.11
O3P FBP F . 2.51 -38.83 -16.31
O1 FBP F . 1.32 -37.05 -15.10
C1 FBP F . 0.39 -36.45 -14.23
C2 FBP F . 0.58 -34.93 -14.27
O2 FBP F . -0.44 -34.33 -13.48
C3 FBP F . 0.57 -34.30 -15.69
O3 FBP F . -0.71 -34.04 -16.26
C4 FBP F . 1.42 -33.06 -15.45
O4 FBP F . 1.91 -32.50 -16.67
C5 FBP F . 2.54 -33.63 -14.57
O5 FBP F . 1.90 -34.65 -13.76
C6 FBP F . 3.27 -32.63 -13.69
O6 FBP F . 4.66 -32.98 -13.62
P2 FBP F . 5.78 -31.88 -13.55
O4P FBP F . 5.64 -31.09 -12.28
O5P FBP F . 7.08 -32.63 -13.63
O6P FBP F . 5.57 -30.97 -14.88
MG MG G . 31.66 -23.48 5.69
N SER H . 21.63 7.37 23.00
CA SER H . 22.79 6.75 22.31
C SER H . 24.08 7.59 22.45
O SER H . 24.03 8.71 23.05
CB SER H . 22.48 6.51 20.84
OG SER H . 22.21 7.71 20.13
OXT SER H . 25.10 7.09 21.97
H2 SER H . 20.94 7.39 22.47
H SER H . 21.41 6.89 23.70
H3 SER H . 21.80 8.18 23.26
HA SER H . 22.95 5.88 22.73
HB2 SER H . 23.23 6.04 20.43
HB3 SER H . 21.68 5.92 20.77
HG SER H . 22.95 7.98 19.77
P1 FBP I . 14.66 26.85 28.03
O1P FBP I . 15.14 28.17 27.56
O2P FBP I . 13.81 26.93 29.29
O3P FBP I . 15.75 25.81 28.22
O1 FBP I . 13.68 26.27 26.92
C1 FBP I . 14.06 26.13 25.57
C2 FBP I . 13.01 25.30 24.85
O2 FBP I . 13.37 25.22 23.45
C3 FBP I . 11.56 25.81 24.99
O3 FBP I . 11.22 26.84 24.07
C4 FBP I . 10.77 24.52 24.80
O4 FBP I . 9.44 24.64 25.26
C5 FBP I . 11.59 23.55 25.67
O5 FBP I . 12.96 23.96 25.47
C6 FBP I . 11.43 22.09 25.32
O6 FBP I . 11.43 21.30 26.52
P2 FBP I . 10.52 20.00 26.68
O4P FBP I . 9.07 20.32 26.47
O5P FBP I . 11.04 19.00 25.69
O6P FBP I . 10.84 19.54 28.07
N SER J . -22.71 -7.36 -21.65
CA SER J . -21.93 -6.62 -22.68
C SER J . -22.02 -7.33 -24.05
O SER J . -22.48 -8.48 -24.09
CB SER J . -20.49 -6.43 -22.21
OG SER J . -19.63 -7.41 -22.76
OXT SER J . -21.62 -6.68 -25.03
H2 SER J . -22.93 -8.15 -21.93
H SER J . -22.26 -7.45 -20.97
H3 SER J . -23.44 -6.90 -21.44
HA SER J . -22.35 -5.74 -22.77
HB2 SER J . -20.17 -5.54 -22.49
HB3 SER J . -20.45 -6.46 -21.23
HG SER J . -19.65 -8.10 -22.23
P1 FBP K . -24.45 -28.41 -17.33
O1P FBP K . -23.81 -29.53 -18.05
O2P FBP K . -25.68 -28.82 -16.52
O3P FBP K . -24.85 -27.27 -18.26
O1 FBP K . -23.46 -27.80 -16.26
C1 FBP K . -22.17 -27.35 -16.63
C2 FBP K . -21.58 -26.59 -15.45
O2 FBP K . -20.25 -26.24 -15.83
C3 FBP K . -21.60 -27.36 -14.10
O3 FBP K . -20.52 -28.25 -13.93
C4 FBP K . -21.59 -26.19 -13.11
O4 FBP K . -21.97 -26.59 -11.80
C5 FBP K . -22.61 -25.24 -13.76
O5 FBP K . -22.39 -25.39 -15.19
C6 FBP K . -22.47 -23.77 -13.36
O6 FBP K . -23.77 -23.19 -13.24
P2 FBP K . -24.15 -22.05 -12.15
O4P FBP K . -25.60 -21.77 -12.39
O5P FBP K . -23.87 -22.63 -10.77
O6P FBP K . -23.26 -20.81 -12.40
MG MG L . -36.74 9.20 -11.89
N SER M . -7.43 31.00 -5.06
CA SER M . -8.85 30.78 -4.64
C SER M . -9.36 31.95 -3.76
O SER M . -10.57 31.90 -3.43
CB SER M . -8.94 29.47 -3.88
OG SER M . -8.27 29.57 -2.64
OXT SER M . -8.57 32.86 -3.42
H2 SER M . -7.07 31.70 -4.66
H SER M . -6.96 30.30 -4.87
H3 SER M . -7.40 31.11 -5.94
HA SER M . -9.40 30.73 -5.44
HB2 SER M . -9.89 29.25 -3.74
HB3 SER M . -8.54 28.76 -4.41
HG SER M . -8.87 29.69 -1.99
P1 FBP N . 10.22 39.90 3.45
O1P FBP N . 8.91 40.01 2.75
O2P FBP N . 10.21 40.40 4.90
O3P FBP N . 11.39 40.44 2.65
O1 FBP N . 10.48 38.39 3.53
C1 FBP N . 9.72 37.56 4.39
C2 FBP N . 9.96 36.11 3.99
O2 FBP N . 9.28 35.31 4.94
C3 FBP N . 11.46 35.70 3.88
O3 FBP N . 12.08 35.34 5.11
C4 FBP N . 11.36 34.54 2.88
O4 FBP N . 12.62 34.22 2.31
C5 FBP N . 10.37 35.13 1.86
O5 FBP N . 9.43 35.89 2.65
C6 FBP N . 9.64 34.11 1.00
O6 FBP N . 9.50 34.61 -0.33
P2 FBP N . 9.51 33.66 -1.61
O4P FBP N . 10.80 32.91 -1.63
O5P FBP N . 8.29 32.75 -1.48
O6P FBP N . 9.34 34.63 -2.79
#